data_9E6N
#
_entry.id   9E6N
#
_cell.length_a   1.00
_cell.length_b   1.00
_cell.length_c   1.00
_cell.angle_alpha   90.00
_cell.angle_beta   90.00
_cell.angle_gamma   90.00
#
_symmetry.space_group_name_H-M   'P 1'
#
loop_
_entity.id
_entity.type
_entity.pdbx_description
1 polymer 'DNA repair protein RAD51'
2 polymer 'Meiosis-specific protein HED1'
3 polymer "DNA (5'-D(P*TP*TP*TP*TP*TP*TP*TP*TP*TP*TP*TP*TP*TP*TP*TP*TP*TP*T)-3')"
4 non-polymer "ADENOSINE-5'-TRIPHOSPHATE"
5 non-polymer 'MAGNESIUM ION'
#
loop_
_entity_poly.entity_id
_entity_poly.type
_entity_poly.pdbx_seq_one_letter_code
_entity_poly.pdbx_strand_id
1 'polypeptide(L)'
;FVPIEKLQVNGITMADVKKLRESGLHTAEAVAYAPRKDLLEIKGISEAKADKLLNEAARLVPMGFVTAADFHMRRSELIC
LTTGSKNLDTLLGGGVETGSITELFGEFRTGKSQLCHTLAVTCQIPLDIGGGEGKCLYIDTEGTFRPVRLVSIAQRFGLD
PDDALNNVAYARAYNADHQLRLLDAAAQMMSESRFSLIVVDSVMALYRTDFSGRGELSARQMHLAKFMRALQRLADQFGV
AVVVTNQVVAQVDGGMAFNPDPKKPIGGNIMAHSSTTRLGFKKGKGCQRLCKVVDSPCLPEAECVFAIYEDGVGDPREED
E
;
A,B,C,D,E,F
2 'polypeptide(L)' KKSLKDLIYETNKTFYQVDSNKVKYKVGLSKKQ G,H,I,J,K
3 'polydeoxyribonucleotide' (DT)(DT)(DT)(DT)(DT)(DT)(DT)(DT)(DT)(DT)(DT)(DT)(DT)(DT)(DT)(DT)(DT)(DT) X
#
loop_
_chem_comp.id
_chem_comp.type
_chem_comp.name
_chem_comp.formula
ATP non-polymer ADENOSINE-5'-TRIPHOSPHATE 'C10 H16 N5 O13 P3'
DT DNA linking THYMIDINE-5'-MONOPHOSPHATE 'C10 H15 N2 O8 P'
MG non-polymer 'MAGNESIUM ION' 'Mg 2'
#
# COMPACT_ATOMS: atom_id res chain seq x y z
N PHE A 1 -51.33 -43.51 10.86
CA PHE A 1 -52.12 -43.22 9.67
C PHE A 1 -53.18 -44.28 9.43
N VAL A 2 -53.85 -44.21 8.30
CA VAL A 2 -54.87 -45.17 7.89
C VAL A 2 -54.31 -46.00 6.75
N PRO A 3 -54.15 -47.31 6.91
CA PRO A 3 -53.60 -48.13 5.82
C PRO A 3 -54.53 -48.13 4.61
N ILE A 4 -53.92 -48.26 3.43
CA ILE A 4 -54.69 -48.27 2.19
C ILE A 4 -55.48 -49.55 2.03
N GLU A 5 -55.17 -50.59 2.81
CA GLU A 5 -55.88 -51.86 2.69
C GLU A 5 -57.31 -51.79 3.21
N LYS A 6 -57.66 -50.75 3.97
CA LYS A 6 -59.02 -50.62 4.48
C LYS A 6 -60.04 -50.31 3.39
N LEU A 7 -59.60 -49.98 2.18
CA LEU A 7 -60.49 -49.75 1.05
C LEU A 7 -60.89 -51.04 0.35
N GLN A 8 -60.67 -52.19 0.99
CA GLN A 8 -60.99 -53.48 0.38
C GLN A 8 -62.46 -53.82 0.61
N VAL A 9 -63.35 -52.90 0.23
CA VAL A 9 -64.79 -53.05 0.45
C VAL A 9 -65.53 -52.52 -0.76
N ASN A 10 -66.84 -52.75 -0.78
CA ASN A 10 -67.74 -52.24 -1.82
C ASN A 10 -67.31 -52.67 -3.22
N GLY A 11 -66.91 -53.95 -3.34
CA GLY A 11 -66.57 -54.50 -4.63
C GLY A 11 -65.17 -54.21 -5.12
N ILE A 12 -64.37 -53.46 -4.36
CA ILE A 12 -63.01 -53.17 -4.78
C ILE A 12 -62.15 -54.42 -4.57
N THR A 13 -61.42 -54.80 -5.62
CA THR A 13 -60.60 -56.01 -5.60
C THR A 13 -59.16 -55.67 -5.23
N MET A 14 -58.41 -56.71 -4.88
CA MET A 14 -57.01 -56.53 -4.51
C MET A 14 -56.17 -56.04 -5.69
N ALA A 15 -56.59 -56.37 -6.92
CA ALA A 15 -55.86 -55.89 -8.08
C ALA A 15 -55.90 -54.37 -8.18
N ASP A 16 -57.05 -53.77 -7.83
CA ASP A 16 -57.15 -52.32 -7.82
C ASP A 16 -56.18 -51.71 -6.82
N VAL A 17 -56.08 -52.30 -5.63
CA VAL A 17 -55.13 -51.82 -4.63
C VAL A 17 -53.71 -52.00 -5.14
N LYS A 18 -53.43 -53.13 -5.79
CA LYS A 18 -52.09 -53.36 -6.33
C LYS A 18 -51.75 -52.34 -7.41
N LYS A 19 -52.73 -52.01 -8.26
CA LYS A 19 -52.49 -51.00 -9.29
C LYS A 19 -52.19 -49.64 -8.66
N LEU A 20 -52.92 -49.29 -7.60
CA LEU A 20 -52.68 -48.02 -6.92
C LEU A 20 -51.27 -47.97 -6.33
N ARG A 21 -50.83 -49.06 -5.70
CA ARG A 21 -49.50 -49.08 -5.09
C ARG A 21 -48.40 -48.91 -6.13
N GLU A 22 -48.55 -49.57 -7.28
CA GLU A 22 -47.56 -49.43 -8.34
C GLU A 22 -47.53 -48.02 -8.93
N SER A 23 -48.60 -47.25 -8.77
CA SER A 23 -48.65 -45.89 -9.28
C SER A 23 -48.09 -44.87 -8.31
N GLY A 24 -47.75 -45.27 -7.08
CA GLY A 24 -47.19 -44.37 -6.09
C GLY A 24 -48.10 -44.03 -4.94
N LEU A 25 -49.23 -44.71 -4.78
CA LEU A 25 -50.18 -44.44 -3.71
C LEU A 25 -50.14 -45.59 -2.72
N HIS A 26 -49.81 -45.30 -1.45
CA HIS A 26 -49.63 -46.33 -0.45
C HIS A 26 -50.49 -46.16 0.79
N THR A 27 -51.25 -45.07 0.90
CA THR A 27 -52.06 -44.82 2.07
C THR A 27 -53.43 -44.32 1.65
N ALA A 28 -54.40 -44.45 2.56
CA ALA A 28 -55.74 -43.95 2.28
C ALA A 28 -55.73 -42.43 2.12
N GLU A 29 -54.95 -41.74 2.94
CA GLU A 29 -54.85 -40.28 2.81
C GLU A 29 -54.29 -39.89 1.45
N ALA A 30 -53.38 -40.70 0.91
CA ALA A 30 -52.82 -40.41 -0.41
C ALA A 30 -53.90 -40.46 -1.48
N VAL A 31 -54.81 -41.44 -1.40
CA VAL A 31 -55.88 -41.55 -2.37
C VAL A 31 -56.83 -40.36 -2.27
N ALA A 32 -57.20 -39.99 -1.04
CA ALA A 32 -58.15 -38.90 -0.86
C ALA A 32 -57.61 -37.58 -1.38
N TYR A 33 -56.35 -37.28 -1.08
CA TYR A 33 -55.73 -36.04 -1.55
C TYR A 33 -55.41 -36.06 -3.03
N ALA A 34 -55.44 -37.23 -3.66
CA ALA A 34 -55.07 -37.32 -5.07
C ALA A 34 -56.13 -36.68 -5.95
N PRO A 35 -55.74 -35.87 -6.93
CA PRO A 35 -56.73 -35.32 -7.87
C PRO A 35 -57.31 -36.42 -8.74
N ARG A 36 -58.53 -36.17 -9.24
CA ARG A 36 -59.22 -37.17 -10.05
C ARG A 36 -58.51 -37.42 -11.37
N LYS A 37 -57.80 -36.41 -11.89
CA LYS A 37 -57.10 -36.59 -13.17
C LYS A 37 -56.04 -37.67 -13.08
N ASP A 38 -55.15 -37.57 -12.09
CA ASP A 38 -54.08 -38.56 -11.95
C ASP A 38 -54.63 -39.93 -11.58
N LEU A 39 -55.74 -39.98 -10.86
CA LEU A 39 -56.34 -41.26 -10.51
C LEU A 39 -56.82 -42.01 -11.74
N LEU A 40 -57.39 -41.27 -12.71
CA LEU A 40 -57.86 -41.92 -13.93
C LEU A 40 -56.73 -42.35 -14.85
N GLU A 41 -55.54 -41.77 -14.69
CA GLU A 41 -54.42 -42.13 -15.54
C GLU A 41 -53.92 -43.55 -15.30
N ILE A 42 -54.26 -44.14 -14.15
CA ILE A 42 -53.82 -45.49 -13.85
C ILE A 42 -54.60 -46.48 -14.70
N LYS A 43 -53.87 -47.39 -15.35
CA LYS A 43 -54.51 -48.39 -16.20
C LYS A 43 -55.34 -49.36 -15.36
N GLY A 44 -56.48 -49.78 -15.91
CA GLY A 44 -57.35 -50.69 -15.22
C GLY A 44 -58.29 -50.06 -14.23
N ILE A 45 -58.40 -48.74 -14.21
CA ILE A 45 -59.28 -48.03 -13.30
C ILE A 45 -60.30 -47.26 -14.12
N SER A 46 -61.58 -47.49 -13.84
CA SER A 46 -62.66 -46.80 -14.54
C SER A 46 -63.10 -45.56 -13.76
N GLU A 47 -63.89 -44.72 -14.43
CA GLU A 47 -64.39 -43.52 -13.78
C GLU A 47 -65.28 -43.84 -12.59
N ALA A 48 -66.15 -44.85 -12.73
CA ALA A 48 -67.01 -45.26 -11.63
C ALA A 48 -66.18 -45.78 -10.46
N LYS A 49 -65.15 -46.58 -10.75
CA LYS A 49 -64.28 -47.09 -9.69
C LYS A 49 -63.51 -45.95 -9.03
N ALA A 50 -63.03 -44.99 -9.84
CA ALA A 50 -62.29 -43.86 -9.28
C ALA A 50 -63.19 -43.03 -8.36
N ASP A 51 -64.42 -42.76 -8.78
CA ASP A 51 -65.35 -42.01 -7.94
C ASP A 51 -65.67 -42.76 -6.66
N LYS A 52 -65.86 -44.08 -6.77
CA LYS A 52 -66.13 -44.88 -5.58
C LYS A 52 -64.94 -44.88 -4.63
N LEU A 53 -63.72 -44.93 -5.18
CA LEU A 53 -62.53 -44.98 -4.34
C LEU A 53 -62.37 -43.70 -3.52
N LEU A 54 -62.44 -42.54 -4.17
CA LEU A 54 -62.28 -41.28 -3.45
C LEU A 54 -63.43 -41.04 -2.49
N ASN A 55 -64.64 -41.52 -2.83
CA ASN A 55 -65.76 -41.40 -1.90
C ASN A 55 -65.50 -42.18 -0.63
N GLU A 56 -64.98 -43.41 -0.75
CA GLU A 56 -64.68 -44.21 0.42
C GLU A 56 -63.50 -43.62 1.20
N ALA A 57 -62.49 -43.11 0.48
CA ALA A 57 -61.34 -42.51 1.15
C ALA A 57 -61.76 -41.27 1.94
N ALA A 58 -62.62 -40.43 1.36
CA ALA A 58 -63.10 -39.26 2.07
C ALA A 58 -63.90 -39.61 3.31
N ARG A 59 -64.49 -40.80 3.35
CA ARG A 59 -65.20 -41.24 4.55
C ARG A 59 -64.22 -41.68 5.64
N LEU A 60 -63.10 -42.30 5.24
CA LEU A 60 -62.15 -42.80 6.22
C LEU A 60 -61.33 -41.68 6.85
N VAL A 61 -60.89 -40.72 6.04
CA VAL A 61 -60.04 -39.64 6.52
C VAL A 61 -60.88 -38.37 6.64
N PRO A 62 -60.54 -37.44 7.53
CA PRO A 62 -61.34 -36.23 7.68
C PRO A 62 -61.05 -35.22 6.59
N MET A 63 -62.13 -34.72 5.97
CA MET A 63 -62.04 -33.70 4.94
C MET A 63 -62.94 -32.51 5.19
N GLY A 64 -63.79 -32.56 6.22
CA GLY A 64 -64.71 -31.48 6.51
C GLY A 64 -64.05 -30.36 7.29
N PHE A 65 -64.84 -29.31 7.52
CA PHE A 65 -64.36 -28.16 8.28
C PHE A 65 -64.17 -28.51 9.74
N VAL A 66 -63.22 -27.83 10.37
CA VAL A 66 -62.91 -28.03 11.78
C VAL A 66 -62.82 -26.67 12.45
N THR A 67 -63.41 -26.55 13.64
CA THR A 67 -63.37 -25.30 14.39
C THR A 67 -61.93 -24.96 14.77
N ALA A 68 -61.63 -23.67 14.77
CA ALA A 68 -60.27 -23.23 15.06
C ALA A 68 -59.86 -23.57 16.49
N ALA A 69 -60.83 -23.68 17.41
CA ALA A 69 -60.52 -24.06 18.78
C ALA A 69 -59.94 -25.47 18.83
N ASP A 70 -60.52 -26.40 18.08
CA ASP A 70 -60.01 -27.76 18.04
C ASP A 70 -58.64 -27.84 17.39
N PHE A 71 -58.43 -27.05 16.33
CA PHE A 71 -57.15 -27.08 15.62
C PHE A 71 -56.01 -26.63 16.52
N HIS A 72 -56.23 -25.59 17.32
CA HIS A 72 -55.19 -25.13 18.23
C HIS A 72 -54.84 -26.20 19.26
N MET A 73 -55.84 -26.93 19.75
CA MET A 73 -55.59 -28.01 20.68
C MET A 73 -54.74 -29.11 20.05
N ARG A 74 -55.01 -29.44 18.79
CA ARG A 74 -54.22 -30.46 18.11
C ARG A 74 -52.76 -30.02 17.94
N ARG A 75 -52.54 -28.76 17.58
CA ARG A 75 -51.17 -28.28 17.43
C ARG A 75 -50.44 -28.22 18.76
N SER A 76 -51.17 -28.17 19.87
CA SER A 76 -50.53 -28.18 21.18
C SER A 76 -49.86 -29.51 21.49
N GLU A 77 -50.31 -30.59 20.85
CA GLU A 77 -49.71 -31.92 21.04
C GLU A 77 -48.67 -32.24 19.98
N LEU A 78 -48.26 -31.26 19.19
CA LEU A 78 -47.29 -31.50 18.12
C LEU A 78 -45.96 -31.96 18.70
N ILE A 79 -45.31 -32.87 18.00
CA ILE A 79 -44.02 -33.41 18.42
C ILE A 79 -42.91 -32.56 17.83
N CYS A 80 -41.99 -32.10 18.67
CA CYS A 80 -40.85 -31.32 18.24
C CYS A 80 -39.56 -32.02 18.64
N LEU A 81 -38.59 -32.00 17.75
CA LEU A 81 -37.31 -32.66 17.96
C LEU A 81 -36.25 -31.63 18.30
N THR A 82 -35.53 -31.86 19.39
CA THR A 82 -34.48 -30.94 19.79
C THR A 82 -33.32 -30.98 18.81
N THR A 83 -32.66 -29.83 18.67
CA THR A 83 -31.49 -29.70 17.80
C THR A 83 -30.18 -29.80 18.56
N GLY A 84 -30.22 -30.20 19.83
CA GLY A 84 -29.02 -30.29 20.63
C GLY A 84 -28.54 -28.97 21.20
N SER A 85 -29.26 -27.87 20.95
CA SER A 85 -28.88 -26.56 21.45
C SER A 85 -30.09 -25.92 22.12
N LYS A 86 -29.87 -25.39 23.33
CA LYS A 86 -30.96 -24.72 24.03
C LYS A 86 -31.34 -23.41 23.34
N ASN A 87 -30.35 -22.72 22.76
CA ASN A 87 -30.64 -21.47 22.07
C ASN A 87 -31.56 -21.69 20.88
N LEU A 88 -31.30 -22.73 20.09
CA LEU A 88 -32.13 -22.99 18.91
C LEU A 88 -33.56 -23.34 19.30
N ASP A 89 -33.73 -24.19 20.32
CA ASP A 89 -35.07 -24.61 20.72
C ASP A 89 -35.90 -23.43 21.20
N THR A 90 -35.29 -22.53 21.99
CA THR A 90 -36.00 -21.33 22.41
C THR A 90 -36.33 -20.43 21.24
N LEU A 91 -35.40 -20.27 20.31
CA LEU A 91 -35.66 -19.46 19.12
C LEU A 91 -36.75 -20.06 18.25
N LEU A 92 -36.74 -21.38 18.09
CA LEU A 92 -37.75 -22.06 17.29
C LEU A 92 -39.00 -22.39 18.10
N GLY A 93 -39.02 -22.10 19.39
CA GLY A 93 -40.16 -22.46 20.22
C GLY A 93 -40.35 -23.95 20.39
N GLY A 94 -39.27 -24.69 20.56
CA GLY A 94 -39.35 -26.13 20.74
C GLY A 94 -38.49 -26.91 19.78
N GLY A 95 -37.95 -26.23 18.77
CA GLY A 95 -37.13 -26.88 17.78
C GLY A 95 -37.88 -27.12 16.47
N VAL A 96 -37.38 -28.09 15.72
CA VAL A 96 -38.03 -28.47 14.47
C VAL A 96 -39.35 -29.15 14.80
N GLU A 97 -40.34 -28.97 13.92
CA GLU A 97 -41.68 -29.50 14.12
C GLU A 97 -42.05 -30.44 12.99
N THR A 98 -42.78 -31.50 13.32
CA THR A 98 -43.20 -32.46 12.32
C THR A 98 -44.35 -31.89 11.48
N GLY A 99 -44.52 -32.47 10.29
CA GLY A 99 -45.57 -32.05 9.40
C GLY A 99 -45.33 -30.76 8.67
N SER A 100 -44.10 -30.25 8.67
CA SER A 100 -43.79 -28.97 8.04
C SER A 100 -42.47 -29.09 7.31
N ILE A 101 -42.20 -28.13 6.43
CA ILE A 101 -40.97 -28.07 5.66
C ILE A 101 -40.11 -26.95 6.22
N THR A 102 -38.94 -27.30 6.74
CA THR A 102 -38.00 -26.35 7.30
C THR A 102 -36.77 -26.28 6.41
N GLU A 103 -36.34 -25.07 6.08
CA GLU A 103 -35.22 -24.85 5.20
C GLU A 103 -34.01 -24.34 5.97
N LEU A 104 -32.83 -24.84 5.62
CA LEU A 104 -31.57 -24.41 6.21
C LEU A 104 -30.62 -24.04 5.08
N PHE A 105 -30.59 -22.76 4.72
CA PHE A 105 -29.69 -22.27 3.68
C PHE A 105 -28.55 -21.49 4.29
N GLY A 106 -27.48 -21.35 3.53
CA GLY A 106 -26.32 -20.61 3.97
C GLY A 106 -25.09 -20.97 3.19
N GLU A 107 -23.99 -20.32 3.55
CA GLU A 107 -22.71 -20.55 2.91
C GLU A 107 -22.17 -21.93 3.31
N PHE A 108 -21.05 -22.31 2.70
CA PHE A 108 -20.40 -23.57 3.05
C PHE A 108 -19.78 -23.46 4.45
N ARG A 109 -19.25 -24.60 4.92
CA ARG A 109 -18.60 -24.76 6.22
C ARG A 109 -19.39 -24.08 7.35
N THR A 110 -20.71 -24.01 7.22
CA THR A 110 -21.53 -23.29 8.17
C THR A 110 -22.20 -24.19 9.19
N GLY A 111 -22.60 -25.40 8.79
CA GLY A 111 -23.21 -26.32 9.72
C GLY A 111 -24.52 -26.90 9.24
N LYS A 112 -24.88 -26.63 7.99
CA LYS A 112 -26.11 -27.18 7.44
C LYS A 112 -26.09 -28.70 7.46
N SER A 113 -24.97 -29.30 7.05
CA SER A 113 -24.87 -30.75 7.08
C SER A 113 -24.66 -31.26 8.50
N GLN A 114 -23.90 -30.52 9.31
CA GLN A 114 -23.65 -30.94 10.68
C GLN A 114 -24.95 -30.95 11.50
N LEU A 115 -25.81 -29.95 11.30
CA LEU A 115 -27.10 -29.95 11.96
C LEU A 115 -27.94 -31.13 11.53
N CYS A 116 -27.88 -31.48 10.24
CA CYS A 116 -28.65 -32.62 9.74
C CYS A 116 -28.17 -33.92 10.37
N HIS A 117 -26.87 -34.07 10.56
CA HIS A 117 -26.35 -35.25 11.24
C HIS A 117 -26.83 -35.31 12.69
N THR A 118 -26.84 -34.16 13.38
CA THR A 118 -27.41 -34.11 14.72
C THR A 118 -28.90 -34.41 14.69
N LEU A 119 -29.61 -33.87 13.70
CA LEU A 119 -31.03 -34.12 13.58
C LEU A 119 -31.32 -35.59 13.29
N ALA A 120 -30.42 -36.25 12.53
CA ALA A 120 -30.64 -37.63 12.15
C ALA A 120 -30.57 -38.57 13.35
N VAL A 121 -29.88 -38.18 14.41
CA VAL A 121 -29.76 -39.05 15.57
C VAL A 121 -30.71 -38.66 16.69
N THR A 122 -31.12 -37.39 16.75
CA THR A 122 -32.07 -36.95 17.77
C THR A 122 -33.48 -37.45 17.51
N CYS A 123 -33.74 -38.04 16.34
CA CYS A 123 -35.08 -38.53 16.02
C CYS A 123 -35.35 -39.92 16.58
N GLN A 124 -34.36 -40.56 17.20
CA GLN A 124 -34.54 -41.90 17.74
C GLN A 124 -34.62 -41.95 19.25
N ILE A 125 -34.20 -40.89 19.94
CA ILE A 125 -34.24 -40.84 21.40
C ILE A 125 -35.70 -40.72 21.84
N PRO A 126 -36.04 -41.12 23.07
CA PRO A 126 -37.45 -41.09 23.49
C PRO A 126 -38.02 -39.69 23.52
N LEU A 127 -39.36 -39.63 23.40
CA LEU A 127 -40.06 -38.34 23.31
C LEU A 127 -39.92 -37.51 24.58
N ASP A 128 -39.60 -38.14 25.71
CA ASP A 128 -39.53 -37.40 26.97
C ASP A 128 -38.45 -36.33 26.95
N ILE A 129 -37.40 -36.53 26.15
CA ILE A 129 -36.30 -35.58 26.08
C ILE A 129 -36.33 -34.86 24.74
N GLY A 130 -37.52 -34.76 24.16
CA GLY A 130 -37.67 -34.08 22.88
C GLY A 130 -37.29 -34.92 21.67
N GLY A 131 -37.40 -36.24 21.77
CA GLY A 131 -37.05 -37.13 20.68
C GLY A 131 -38.22 -37.40 19.75
N GLY A 132 -38.03 -38.37 18.87
CA GLY A 132 -39.05 -38.73 17.91
C GLY A 132 -39.42 -40.20 17.92
N GLU A 133 -38.54 -41.04 18.46
CA GLU A 133 -38.76 -42.48 18.54
C GLU A 133 -39.05 -43.06 17.15
N GLY A 134 -38.30 -42.60 16.15
CA GLY A 134 -38.50 -43.05 14.80
C GLY A 134 -37.20 -43.00 14.01
N LYS A 135 -37.27 -43.51 12.79
CA LYS A 135 -36.12 -43.59 11.91
C LYS A 135 -36.05 -42.37 11.00
N CYS A 136 -34.84 -41.94 10.69
CA CYS A 136 -34.61 -40.86 9.75
C CYS A 136 -34.49 -41.42 8.34
N LEU A 137 -34.32 -40.53 7.37
CA LEU A 137 -34.10 -40.93 5.98
C LEU A 137 -33.30 -39.83 5.31
N TYR A 138 -31.99 -40.05 5.18
CA TYR A 138 -31.08 -39.06 4.64
C TYR A 138 -30.94 -39.27 3.14
N ILE A 139 -31.21 -38.23 2.36
CA ILE A 139 -30.98 -38.24 0.92
C ILE A 139 -29.88 -37.23 0.62
N ASP A 140 -28.79 -37.71 0.03
CA ASP A 140 -27.62 -36.88 -0.23
C ASP A 140 -27.42 -36.74 -1.73
N THR A 141 -27.24 -35.51 -2.19
CA THR A 141 -26.99 -35.24 -3.60
C THR A 141 -25.60 -34.65 -3.81
N GLU A 142 -24.70 -34.82 -2.84
CA GLU A 142 -23.34 -34.29 -2.94
C GLU A 142 -22.27 -35.29 -2.54
N GLY A 143 -22.64 -36.43 -1.96
CA GLY A 143 -21.65 -37.39 -1.50
C GLY A 143 -20.95 -37.02 -0.22
N THR A 144 -21.56 -36.18 0.61
CA THR A 144 -20.95 -35.69 1.83
C THR A 144 -21.69 -36.20 3.06
N PHE A 145 -22.13 -37.45 3.02
CA PHE A 145 -22.76 -38.09 4.17
C PHE A 145 -21.72 -38.95 4.88
N ARG A 146 -21.33 -38.54 6.08
CA ARG A 146 -20.28 -39.23 6.82
C ARG A 146 -20.88 -39.96 8.01
N PRO A 147 -20.98 -41.29 7.98
CA PRO A 147 -21.52 -42.01 9.14
C PRO A 147 -20.66 -41.91 10.38
N VAL A 148 -19.39 -41.52 10.24
CA VAL A 148 -18.52 -41.34 11.41
C VAL A 148 -19.09 -40.26 12.33
N ARG A 149 -19.63 -39.18 11.75
CA ARG A 149 -20.23 -38.13 12.56
C ARG A 149 -21.41 -38.66 13.37
N LEU A 150 -22.21 -39.55 12.78
CA LEU A 150 -23.36 -40.09 13.49
C LEU A 150 -22.92 -40.90 14.71
N VAL A 151 -21.80 -41.61 14.60
CA VAL A 151 -21.33 -42.45 15.71
C VAL A 151 -20.97 -41.58 16.92
N SER A 152 -20.24 -40.49 16.69
CA SER A 152 -19.81 -39.64 17.79
C SER A 152 -20.99 -38.97 18.47
N ILE A 153 -21.94 -38.46 17.68
CA ILE A 153 -23.09 -37.77 18.25
C ILE A 153 -24.01 -38.74 18.98
N ALA A 154 -24.16 -39.96 18.45
CA ALA A 154 -25.03 -40.94 19.10
C ALA A 154 -24.53 -41.29 20.48
N GLN A 155 -23.21 -41.44 20.64
CA GLN A 155 -22.64 -41.74 21.95
C GLN A 155 -22.89 -40.60 22.93
N ARG A 156 -22.96 -39.36 22.44
CA ARG A 156 -23.27 -38.23 23.31
C ARG A 156 -24.65 -38.38 23.92
N PHE A 157 -25.62 -38.86 23.14
CA PHE A 157 -26.99 -39.04 23.61
C PHE A 157 -27.23 -40.39 24.28
N GLY A 158 -26.19 -41.20 24.43
CA GLY A 158 -26.33 -42.47 25.11
C GLY A 158 -26.93 -43.59 24.30
N LEU A 159 -26.93 -43.48 22.97
CA LEU A 159 -27.46 -44.52 22.13
C LEU A 159 -26.38 -45.53 21.76
N ASP A 160 -26.81 -46.74 21.40
CA ASP A 160 -25.89 -47.74 20.88
C ASP A 160 -25.50 -47.35 19.46
N PRO A 161 -24.21 -47.19 19.16
CA PRO A 161 -23.81 -46.78 17.80
C PRO A 161 -24.30 -47.74 16.71
N ASP A 162 -24.30 -49.05 16.99
CA ASP A 162 -24.81 -50.00 16.00
C ASP A 162 -26.30 -49.82 15.77
N ASP A 163 -27.06 -49.58 16.84
CA ASP A 163 -28.50 -49.32 16.69
C ASP A 163 -28.74 -48.03 15.93
N ALA A 164 -27.96 -46.99 16.22
CA ALA A 164 -28.12 -45.71 15.54
C ALA A 164 -27.82 -45.83 14.06
N LEU A 165 -26.78 -46.58 13.70
CA LEU A 165 -26.42 -46.71 12.30
C LEU A 165 -27.44 -47.53 11.52
N ASN A 166 -28.07 -48.51 12.17
CA ASN A 166 -29.04 -49.37 11.49
C ASN A 166 -30.43 -48.77 11.44
N ASN A 167 -30.66 -47.60 12.02
CA ASN A 167 -31.96 -46.94 12.00
C ASN A 167 -32.01 -45.74 11.07
N VAL A 168 -31.00 -45.57 10.22
CA VAL A 168 -30.96 -44.47 9.26
C VAL A 168 -30.82 -45.07 7.86
N ALA A 169 -31.68 -44.63 6.95
CA ALA A 169 -31.63 -45.07 5.56
C ALA A 169 -31.04 -43.95 4.72
N TYR A 170 -29.94 -44.25 4.02
CA TYR A 170 -29.22 -43.26 3.25
C TYR A 170 -29.20 -43.66 1.79
N ALA A 171 -29.45 -42.69 0.91
CA ALA A 171 -29.37 -42.91 -0.53
C ALA A 171 -28.71 -41.69 -1.17
N ARG A 172 -28.04 -41.93 -2.29
CA ARG A 172 -27.39 -40.88 -3.04
C ARG A 172 -28.03 -40.77 -4.42
N ALA A 173 -28.34 -39.53 -4.82
CA ALA A 173 -28.92 -39.26 -6.13
C ALA A 173 -27.85 -38.72 -7.05
N TYR A 174 -27.89 -39.14 -8.32
CA TYR A 174 -26.91 -38.70 -9.31
C TYR A 174 -27.47 -37.75 -10.35
N ASN A 175 -28.79 -37.70 -10.52
CA ASN A 175 -29.41 -36.76 -11.43
C ASN A 175 -30.79 -36.39 -10.89
N ALA A 176 -31.39 -35.37 -11.51
CA ALA A 176 -32.67 -34.87 -11.03
C ALA A 176 -33.76 -35.92 -11.11
N ASP A 177 -33.80 -36.67 -12.22
CA ASP A 177 -34.80 -37.72 -12.37
C ASP A 177 -34.63 -38.81 -11.32
N HIS A 178 -33.38 -39.19 -11.06
CA HIS A 178 -33.12 -40.20 -10.04
C HIS A 178 -33.54 -39.71 -8.65
N GLN A 179 -33.26 -38.44 -8.36
CA GLN A 179 -33.61 -37.90 -7.04
C GLN A 179 -35.12 -37.92 -6.83
N LEU A 180 -35.90 -37.54 -7.84
CA LEU A 180 -37.35 -37.55 -7.71
C LEU A 180 -37.88 -38.97 -7.57
N ARG A 181 -37.30 -39.92 -8.31
CA ARG A 181 -37.80 -41.29 -8.26
C ARG A 181 -37.55 -41.93 -6.91
N LEU A 182 -36.52 -41.49 -6.19
CA LEU A 182 -36.23 -42.06 -4.88
C LEU A 182 -37.35 -41.79 -3.87
N LEU A 183 -38.13 -40.72 -4.08
CA LEU A 183 -39.23 -40.43 -3.17
C LEU A 183 -40.28 -41.53 -3.21
N ASP A 184 -40.53 -42.12 -4.39
CA ASP A 184 -41.51 -43.19 -4.49
C ASP A 184 -41.09 -44.39 -3.66
N ALA A 185 -39.81 -44.77 -3.72
CA ALA A 185 -39.33 -45.85 -2.88
C ALA A 185 -39.40 -45.49 -1.40
N ALA A 186 -39.07 -44.23 -1.07
CA ALA A 186 -39.12 -43.80 0.32
C ALA A 186 -40.54 -43.87 0.86
N ALA A 187 -41.53 -43.51 0.04
CA ALA A 187 -42.92 -43.55 0.47
C ALA A 187 -43.35 -44.97 0.85
N GLN A 188 -42.82 -45.97 0.14
CA GLN A 188 -43.17 -47.35 0.44
C GLN A 188 -42.71 -47.75 1.83
N MET A 189 -41.50 -47.36 2.22
CA MET A 189 -40.97 -47.74 3.53
C MET A 189 -41.77 -47.11 4.66
N MET A 190 -42.33 -45.93 4.42
CA MET A 190 -43.15 -45.28 5.44
C MET A 190 -44.36 -46.12 5.79
N SER A 191 -45.00 -46.72 4.78
CA SER A 191 -46.17 -47.56 5.04
C SER A 191 -45.79 -48.80 5.82
N GLU A 192 -44.59 -49.34 5.60
CA GLU A 192 -44.19 -50.59 6.25
C GLU A 192 -43.57 -50.37 7.63
N SER A 193 -42.78 -49.31 7.80
CA SER A 193 -42.08 -49.08 9.05
C SER A 193 -42.22 -47.60 9.45
N ARG A 194 -42.08 -47.36 10.74
CA ARG A 194 -42.26 -46.02 11.28
C ARG A 194 -41.01 -45.16 11.04
N PHE A 195 -41.22 -43.94 10.57
CA PHE A 195 -40.16 -42.97 10.37
C PHE A 195 -40.60 -41.65 10.99
N SER A 196 -39.63 -40.76 11.23
CA SER A 196 -39.95 -39.49 11.88
C SER A 196 -39.21 -38.28 11.32
N LEU A 197 -38.42 -38.43 10.25
CA LEU A 197 -37.67 -37.29 9.73
C LEU A 197 -37.28 -37.56 8.29
N ILE A 198 -37.29 -36.51 7.48
CA ILE A 198 -36.80 -36.54 6.11
C ILE A 198 -35.80 -35.42 5.94
N VAL A 199 -34.62 -35.75 5.43
CA VAL A 199 -33.56 -34.77 5.19
C VAL A 199 -33.11 -34.90 3.74
N VAL A 200 -33.07 -33.77 3.04
CA VAL A 200 -32.60 -33.72 1.66
C VAL A 200 -31.48 -32.69 1.62
N ASP A 201 -30.25 -33.15 1.47
CA ASP A 201 -29.06 -32.29 1.49
C ASP A 201 -28.17 -32.69 0.32
N SER A 202 -28.17 -31.90 -0.75
CA SER A 202 -28.99 -30.70 -0.83
C SER A 202 -29.98 -30.81 -1.98
N VAL A 203 -31.04 -30.00 -1.94
CA VAL A 203 -32.11 -30.11 -2.92
C VAL A 203 -31.63 -29.67 -4.30
N MET A 204 -30.94 -28.54 -4.38
CA MET A 204 -30.64 -27.90 -5.65
C MET A 204 -29.24 -28.19 -6.16
N ALA A 205 -28.56 -29.19 -5.60
CA ALA A 205 -27.20 -29.50 -6.06
C ALA A 205 -27.19 -29.98 -7.50
N LEU A 206 -28.14 -30.85 -7.86
CA LEU A 206 -28.17 -31.44 -9.19
C LEU A 206 -28.93 -30.61 -10.21
N TYR A 207 -29.87 -29.78 -9.77
CA TYR A 207 -30.65 -28.98 -10.71
C TYR A 207 -29.80 -27.93 -11.41
N ARG A 208 -28.67 -27.54 -10.83
CA ARG A 208 -27.84 -26.51 -11.46
C ARG A 208 -27.19 -27.01 -12.75
N THR A 209 -26.87 -28.29 -12.83
CA THR A 209 -26.14 -28.84 -13.97
C THR A 209 -27.01 -29.67 -14.90
N ASP A 210 -28.04 -30.35 -14.38
CA ASP A 210 -28.90 -31.17 -15.23
C ASP A 210 -29.61 -30.32 -16.28
N PHE A 211 -30.09 -29.15 -15.90
CA PHE A 211 -30.74 -28.23 -16.81
C PHE A 211 -29.80 -27.07 -17.11
N SER A 212 -29.59 -26.80 -18.39
CA SER A 212 -28.63 -25.80 -18.84
C SER A 212 -29.28 -24.84 -19.81
N GLY A 213 -28.89 -23.57 -19.72
CA GLY A 213 -29.36 -22.55 -20.62
C GLY A 213 -30.68 -21.91 -20.18
N ARG A 214 -31.02 -20.82 -20.86
CA ARG A 214 -32.27 -20.13 -20.58
C ARG A 214 -33.47 -20.97 -20.97
N GLY A 215 -33.37 -21.74 -22.06
CA GLY A 215 -34.50 -22.51 -22.54
C GLY A 215 -34.98 -23.57 -21.57
N GLU A 216 -34.07 -24.16 -20.82
CA GLU A 216 -34.41 -25.23 -19.89
C GLU A 216 -34.72 -24.72 -18.48
N LEU A 217 -34.67 -23.41 -18.26
CA LEU A 217 -34.98 -22.89 -16.93
C LEU A 217 -36.45 -23.13 -16.57
N SER A 218 -37.35 -22.99 -17.54
CA SER A 218 -38.76 -23.22 -17.27
C SER A 218 -39.02 -24.66 -16.87
N ALA A 219 -38.38 -25.61 -17.56
CA ALA A 219 -38.54 -27.03 -17.21
C ALA A 219 -37.93 -27.31 -15.85
N ARG A 220 -36.83 -26.62 -15.51
CA ARG A 220 -36.19 -26.83 -14.21
C ARG A 220 -37.13 -26.46 -13.07
N GLN A 221 -37.82 -25.33 -13.19
CA GLN A 221 -38.75 -24.91 -12.14
C GLN A 221 -39.95 -25.83 -12.07
N MET A 222 -40.43 -26.32 -13.22
CA MET A 222 -41.54 -27.25 -13.22
C MET A 222 -41.16 -28.56 -12.54
N HIS A 223 -39.95 -29.05 -12.79
CA HIS A 223 -39.48 -30.25 -12.10
C HIS A 223 -39.34 -30.03 -10.60
N LEU A 224 -38.78 -28.88 -10.22
CA LEU A 224 -38.59 -28.58 -8.80
C LEU A 224 -39.92 -28.49 -8.07
N ALA A 225 -40.94 -27.91 -8.72
CA ALA A 225 -42.25 -27.82 -8.09
C ALA A 225 -42.84 -29.19 -7.83
N LYS A 226 -42.63 -30.13 -8.75
CA LYS A 226 -43.11 -31.50 -8.54
C LYS A 226 -42.41 -32.15 -7.35
N PHE A 227 -41.12 -31.86 -7.16
CA PHE A 227 -40.37 -32.47 -6.08
C PHE A 227 -40.94 -32.09 -4.72
N MET A 228 -41.12 -30.80 -4.48
CA MET A 228 -41.56 -30.34 -3.16
C MET A 228 -43.03 -30.65 -2.93
N ARG A 229 -43.81 -30.75 -4.00
CA ARG A 229 -45.19 -31.21 -3.86
C ARG A 229 -45.24 -32.62 -3.31
N ALA A 230 -44.34 -33.49 -3.79
CA ALA A 230 -44.24 -34.83 -3.23
C ALA A 230 -43.70 -34.79 -1.81
N LEU A 231 -42.73 -33.90 -1.54
CA LEU A 231 -42.20 -33.77 -0.18
C LEU A 231 -43.29 -33.32 0.79
N GLN A 232 -44.11 -32.35 0.38
CA GLN A 232 -45.20 -31.90 1.22
C GLN A 232 -46.20 -33.03 1.47
N ARG A 233 -46.48 -33.82 0.44
CA ARG A 233 -47.44 -34.91 0.57
C ARG A 233 -46.94 -35.96 1.56
N LEU A 234 -45.62 -36.20 1.58
CA LEU A 234 -45.06 -37.17 2.50
C LEU A 234 -45.30 -36.76 3.95
N ALA A 235 -45.07 -35.49 4.27
CA ALA A 235 -45.31 -35.02 5.63
C ALA A 235 -46.79 -35.09 5.99
N ASP A 236 -47.67 -34.78 5.03
CA ASP A 236 -49.10 -34.84 5.30
C ASP A 236 -49.55 -36.27 5.59
N GLN A 237 -49.05 -37.24 4.81
CA GLN A 237 -49.51 -38.62 4.96
C GLN A 237 -49.01 -39.24 6.25
N PHE A 238 -47.72 -39.07 6.55
CA PHE A 238 -47.09 -39.81 7.64
C PHE A 238 -46.66 -38.95 8.82
N GLY A 239 -46.69 -37.62 8.69
CA GLY A 239 -46.35 -36.77 9.81
C GLY A 239 -44.87 -36.68 10.12
N VAL A 240 -44.01 -36.99 9.15
CA VAL A 240 -42.57 -36.88 9.37
C VAL A 240 -42.13 -35.46 9.09
N ALA A 241 -41.20 -34.96 9.90
CA ALA A 241 -40.65 -33.63 9.68
C ALA A 241 -39.79 -33.62 8.43
N VAL A 242 -39.91 -32.56 7.65
CA VAL A 242 -39.16 -32.41 6.40
C VAL A 242 -38.19 -31.26 6.60
N VAL A 243 -36.89 -31.56 6.57
CA VAL A 243 -35.82 -30.57 6.69
C VAL A 243 -34.97 -30.64 5.44
N VAL A 244 -34.77 -29.50 4.79
CA VAL A 244 -34.00 -29.43 3.57
C VAL A 244 -32.91 -28.38 3.72
N THR A 245 -31.86 -28.52 2.93
CA THR A 245 -30.76 -27.56 2.88
C THR A 245 -30.69 -26.94 1.49
N ASN A 246 -29.87 -25.90 1.36
CA ASN A 246 -29.75 -25.20 0.10
C ASN A 246 -28.46 -24.38 0.13
N GLN A 247 -27.91 -24.12 -1.06
CA GLN A 247 -26.72 -23.31 -1.20
C GLN A 247 -27.09 -21.88 -1.55
N VAL A 248 -26.08 -21.00 -1.53
CA VAL A 248 -26.28 -19.58 -1.79
C VAL A 248 -25.31 -19.12 -2.86
N VAL A 249 -25.67 -18.03 -3.53
CA VAL A 249 -24.83 -17.41 -4.55
C VAL A 249 -24.79 -15.91 -4.30
N ALA A 250 -23.76 -15.27 -4.83
CA ALA A 250 -23.57 -13.83 -4.67
C ALA A 250 -24.29 -13.10 -5.79
N GLN A 251 -25.17 -12.17 -5.43
CA GLN A 251 -25.90 -11.39 -6.41
C GLN A 251 -24.99 -10.27 -6.93
N VAL A 252 -24.71 -10.28 -8.22
CA VAL A 252 -23.80 -9.30 -8.80
C VAL A 252 -24.44 -7.91 -8.80
N ASP A 253 -25.72 -7.82 -9.13
CA ASP A 253 -26.40 -6.54 -9.21
C ASP A 253 -26.49 -5.92 -7.82
N GLY A 254 -25.85 -4.77 -7.65
CA GLY A 254 -25.81 -4.06 -6.39
C GLY A 254 -26.84 -2.98 -6.21
N GLY A 255 -27.87 -2.93 -7.06
CA GLY A 255 -28.90 -1.91 -6.91
C GLY A 255 -29.67 -2.05 -5.61
N MET A 256 -30.08 -3.27 -5.28
CA MET A 256 -30.77 -3.54 -4.02
C MET A 256 -29.81 -3.97 -2.92
N ALA A 257 -28.76 -3.16 -2.72
CA ALA A 257 -27.74 -3.43 -1.72
C ALA A 257 -28.16 -3.04 -0.31
N PHE A 258 -29.43 -2.75 -0.08
CA PHE A 258 -29.89 -2.42 1.27
C PHE A 258 -29.73 -3.61 2.21
N ASN A 259 -29.88 -4.82 1.70
CA ASN A 259 -29.68 -6.02 2.51
C ASN A 259 -28.20 -6.18 2.83
N PRO A 260 -27.80 -6.28 4.10
CA PRO A 260 -26.38 -6.49 4.43
C PRO A 260 -25.83 -7.79 3.88
N ASP A 261 -26.68 -8.78 3.59
CA ASP A 261 -26.22 -10.05 3.05
C ASP A 261 -26.21 -9.97 1.53
N PRO A 262 -25.04 -10.08 0.88
CA PRO A 262 -25.01 -10.03 -0.59
C PRO A 262 -25.22 -11.40 -1.22
N LYS A 263 -25.70 -12.36 -0.44
CA LYS A 263 -25.91 -13.72 -0.90
C LYS A 263 -27.36 -14.13 -0.71
N LYS A 264 -27.91 -14.81 -1.70
CA LYS A 264 -29.30 -15.23 -1.69
C LYS A 264 -29.40 -16.72 -1.96
N PRO A 265 -30.42 -17.38 -1.44
CA PRO A 265 -30.56 -18.83 -1.66
C PRO A 265 -30.83 -19.17 -3.11
N ILE A 266 -30.42 -20.37 -3.50
CA ILE A 266 -30.64 -20.88 -4.84
C ILE A 266 -32.03 -21.50 -4.92
N GLY A 267 -32.75 -21.23 -6.01
CA GLY A 267 -34.04 -21.83 -6.22
C GLY A 267 -35.10 -20.86 -6.69
N GLY A 268 -35.04 -19.63 -6.19
CA GLY A 268 -35.95 -18.60 -6.65
C GLY A 268 -37.28 -18.56 -5.93
N ASN A 269 -38.33 -18.16 -6.66
CA ASN A 269 -39.65 -17.99 -6.05
C ASN A 269 -40.22 -19.31 -5.56
N ILE A 270 -40.05 -20.38 -6.34
CA ILE A 270 -40.61 -21.68 -5.96
C ILE A 270 -39.97 -22.17 -4.67
N MET A 271 -38.69 -21.88 -4.48
CA MET A 271 -37.98 -22.35 -3.30
C MET A 271 -38.58 -21.76 -2.03
N ALA A 272 -38.78 -20.44 -2.01
CA ALA A 272 -39.18 -19.77 -0.77
C ALA A 272 -40.64 -20.06 -0.42
N HIS A 273 -41.53 -20.02 -1.41
CA HIS A 273 -42.96 -20.17 -1.13
C HIS A 273 -43.30 -21.55 -0.60
N SER A 274 -42.58 -22.58 -1.01
CA SER A 274 -42.90 -23.94 -0.58
C SER A 274 -42.45 -24.21 0.86
N SER A 275 -41.33 -23.63 1.27
CA SER A 275 -40.82 -23.87 2.60
C SER A 275 -41.67 -23.15 3.65
N THR A 276 -42.08 -23.89 4.68
CA THR A 276 -42.86 -23.29 5.76
C THR A 276 -42.02 -22.34 6.58
N THR A 277 -40.83 -22.78 7.00
CA THR A 277 -39.94 -21.99 7.84
C THR A 277 -38.56 -21.96 7.23
N ARG A 278 -37.98 -20.78 7.10
CA ARG A 278 -36.64 -20.60 6.57
C ARG A 278 -35.72 -20.10 7.67
N LEU A 279 -34.55 -20.71 7.80
CA LEU A 279 -33.56 -20.35 8.82
C LEU A 279 -32.25 -20.05 8.13
N GLY A 280 -31.87 -18.77 8.11
CA GLY A 280 -30.58 -18.40 7.56
C GLY A 280 -29.44 -18.81 8.47
N PHE A 281 -28.28 -19.02 7.86
CA PHE A 281 -27.09 -19.47 8.58
C PHE A 281 -25.91 -18.60 8.22
N LYS A 282 -25.03 -18.37 9.19
CA LYS A 282 -23.85 -17.54 8.98
C LYS A 282 -22.73 -18.03 9.87
N LYS A 283 -21.50 -17.72 9.47
CA LYS A 283 -20.32 -18.16 10.19
C LYS A 283 -20.08 -17.30 11.41
N GLY A 284 -19.87 -17.94 12.55
CA GLY A 284 -19.60 -17.25 13.80
C GLY A 284 -18.13 -16.95 13.97
N LYS A 285 -17.68 -16.97 15.22
CA LYS A 285 -16.29 -16.69 15.56
C LYS A 285 -15.64 -18.00 15.98
N GLY A 286 -14.81 -18.55 15.10
CA GLY A 286 -14.18 -19.83 15.38
C GLY A 286 -15.13 -20.99 15.18
N CYS A 287 -15.38 -21.76 16.25
CA CYS A 287 -16.31 -22.88 16.18
C CYS A 287 -17.76 -22.46 16.30
N GLN A 288 -18.03 -21.21 16.66
CA GLN A 288 -19.40 -20.73 16.81
C GLN A 288 -20.01 -20.45 15.43
N ARG A 289 -21.34 -20.41 15.40
CA ARG A 289 -22.09 -20.12 14.19
C ARG A 289 -23.29 -19.26 14.55
N LEU A 290 -23.79 -18.53 13.56
CA LEU A 290 -24.91 -17.62 13.73
C LEU A 290 -26.12 -18.16 12.97
N CYS A 291 -27.24 -18.31 13.66
CA CYS A 291 -28.49 -18.77 13.08
C CYS A 291 -29.51 -17.64 13.14
N LYS A 292 -30.20 -17.40 12.02
CA LYS A 292 -31.16 -16.32 11.91
C LYS A 292 -32.46 -16.85 11.34
N VAL A 293 -33.59 -16.38 11.89
CA VAL A 293 -34.90 -16.71 11.38
C VAL A 293 -35.32 -15.63 10.40
N VAL A 294 -35.68 -16.03 9.19
CA VAL A 294 -36.04 -15.07 8.15
C VAL A 294 -37.55 -15.05 7.96
N ASP A 295 -38.14 -16.21 7.70
CA ASP A 295 -39.58 -16.32 7.50
C ASP A 295 -40.12 -17.46 8.35
N SER A 296 -41.28 -17.22 8.98
CA SER A 296 -41.93 -18.23 9.80
C SER A 296 -43.35 -17.78 10.05
N PRO A 297 -44.34 -18.69 10.00
CA PRO A 297 -45.73 -18.27 10.21
C PRO A 297 -46.00 -17.69 11.59
N CYS A 298 -45.31 -18.17 12.63
CA CYS A 298 -45.65 -17.75 13.99
C CYS A 298 -44.41 -17.53 14.84
N LEU A 299 -43.30 -17.12 14.24
CA LEU A 299 -42.08 -16.86 14.99
C LEU A 299 -41.54 -15.48 14.64
N PRO A 300 -41.25 -14.64 15.62
CA PRO A 300 -40.68 -13.32 15.33
C PRO A 300 -39.25 -13.43 14.81
N GLU A 301 -38.86 -12.42 14.05
CA GLU A 301 -37.51 -12.37 13.46
C GLU A 301 -36.49 -12.17 14.57
N ALA A 302 -35.73 -13.22 14.87
CA ALA A 302 -34.72 -13.16 15.92
C ALA A 302 -33.59 -14.12 15.58
N GLU A 303 -32.44 -13.89 16.22
CA GLU A 303 -31.23 -14.66 15.97
C GLU A 303 -30.78 -15.38 17.24
N CYS A 304 -29.80 -16.25 17.07
CA CYS A 304 -29.21 -16.99 18.18
C CYS A 304 -27.81 -17.42 17.77
N VAL A 305 -27.08 -18.03 18.71
CA VAL A 305 -25.70 -18.42 18.51
C VAL A 305 -25.55 -19.88 18.91
N PHE A 306 -24.90 -20.67 18.07
CA PHE A 306 -24.60 -22.07 18.35
C PHE A 306 -23.21 -22.40 17.81
N ALA A 307 -22.68 -23.54 18.23
CA ALA A 307 -21.34 -23.96 17.85
C ALA A 307 -21.35 -25.43 17.45
N ILE A 308 -20.38 -25.80 16.62
CA ILE A 308 -20.23 -27.17 16.13
C ILE A 308 -19.03 -27.79 16.83
N TYR A 309 -19.25 -28.90 17.51
CA TYR A 309 -18.21 -29.61 18.24
C TYR A 309 -18.07 -31.02 17.67
N GLU A 310 -17.13 -31.77 18.24
CA GLU A 310 -16.92 -33.14 17.79
C GLU A 310 -18.12 -34.02 18.08
N ASP A 311 -18.86 -33.73 19.15
CA ASP A 311 -20.00 -34.53 19.54
C ASP A 311 -21.30 -34.06 18.89
N GLY A 312 -21.24 -33.07 17.99
CA GLY A 312 -22.40 -32.61 17.26
C GLY A 312 -22.59 -31.11 17.43
N VAL A 313 -23.84 -30.69 17.57
CA VAL A 313 -24.21 -29.29 17.71
C VAL A 313 -24.69 -29.06 19.13
N GLY A 314 -24.14 -28.03 19.78
CA GLY A 314 -24.50 -27.71 21.14
C GLY A 314 -24.41 -26.22 21.38
N ASP A 315 -24.73 -25.82 22.60
CA ASP A 315 -24.67 -24.42 22.97
C ASP A 315 -23.22 -23.93 22.98
N PRO A 316 -22.98 -22.68 22.58
CA PRO A 316 -21.61 -22.15 22.58
C PRO A 316 -21.04 -22.06 23.97
N ARG A 317 -20.01 -22.85 24.25
CA ARG A 317 -19.38 -22.83 25.57
C ARG A 317 -18.68 -21.51 25.83
N GLU A 318 -18.64 -21.12 27.10
CA GLU A 318 -18.00 -19.87 27.47
C GLU A 318 -16.50 -19.89 27.20
N GLU A 319 -15.90 -21.07 27.05
CA GLU A 319 -14.49 -21.15 26.68
C GLU A 319 -14.24 -20.53 25.31
N ASP A 320 -15.15 -20.78 24.35
CA ASP A 320 -15.04 -20.15 23.04
C ASP A 320 -15.25 -18.65 23.11
N GLU A 321 -15.90 -18.15 24.15
CA GLU A 321 -16.14 -16.71 24.29
C GLU A 321 -15.01 -16.06 25.09
N VAL B 2 -17.65 -51.88 -13.66
CA VAL B 2 -18.48 -52.70 -14.53
C VAL B 2 -18.35 -52.25 -15.97
N PRO B 3 -17.87 -53.14 -16.84
CA PRO B 3 -17.65 -52.76 -18.24
C PRO B 3 -18.96 -52.43 -18.95
N ILE B 4 -18.87 -51.49 -19.89
CA ILE B 4 -20.03 -51.11 -20.69
C ILE B 4 -20.45 -52.24 -21.63
N GLU B 5 -19.54 -53.16 -21.96
CA GLU B 5 -19.86 -54.25 -22.86
C GLU B 5 -20.85 -55.25 -22.25
N LYS B 6 -21.07 -55.21 -20.94
CA LYS B 6 -22.03 -56.10 -20.31
C LYS B 6 -23.48 -55.75 -20.68
N LEU B 7 -23.71 -54.61 -21.32
CA LEU B 7 -25.04 -54.21 -21.73
C LEU B 7 -25.47 -54.86 -23.04
N GLN B 8 -24.71 -55.83 -23.54
CA GLN B 8 -25.02 -56.48 -24.81
C GLN B 8 -26.07 -57.57 -24.62
N VAL B 9 -27.19 -57.24 -23.97
CA VAL B 9 -28.27 -58.18 -23.73
C VAL B 9 -29.60 -57.48 -24.00
N ASN B 10 -30.62 -58.30 -24.26
CA ASN B 10 -32.00 -57.83 -24.41
C ASN B 10 -32.12 -56.78 -25.53
N GLY B 11 -31.55 -57.11 -26.68
CA GLY B 11 -31.77 -56.34 -27.89
C GLY B 11 -30.81 -55.20 -28.13
N ILE B 12 -29.93 -54.88 -27.18
CA ILE B 12 -28.93 -53.84 -27.39
C ILE B 12 -27.73 -54.46 -28.10
N THR B 13 -27.42 -53.92 -29.28
CA THR B 13 -26.36 -54.45 -30.12
C THR B 13 -25.09 -53.62 -29.98
N MET B 14 -24.02 -54.06 -30.64
CA MET B 14 -22.75 -53.36 -30.57
C MET B 14 -22.83 -51.99 -31.23
N ALA B 15 -23.75 -51.80 -32.17
CA ALA B 15 -23.90 -50.50 -32.82
C ALA B 15 -24.31 -49.44 -31.81
N ASP B 16 -25.25 -49.77 -30.92
CA ASP B 16 -25.67 -48.82 -29.89
C ASP B 16 -24.53 -48.53 -28.92
N VAL B 17 -23.80 -49.56 -28.51
CA VAL B 17 -22.69 -49.37 -27.58
C VAL B 17 -21.61 -48.50 -28.21
N LYS B 18 -21.33 -48.71 -29.49
CA LYS B 18 -20.36 -47.87 -30.17
C LYS B 18 -20.80 -46.41 -30.20
N LYS B 19 -22.09 -46.17 -30.40
CA LYS B 19 -22.60 -44.80 -30.33
C LYS B 19 -22.43 -44.24 -28.93
N LEU B 20 -22.68 -45.06 -27.90
CA LEU B 20 -22.49 -44.61 -26.52
C LEU B 20 -21.04 -44.29 -26.25
N ARG B 21 -20.11 -45.11 -26.76
CA ARG B 21 -18.69 -44.85 -26.55
C ARG B 21 -18.27 -43.53 -27.19
N GLU B 22 -18.77 -43.25 -28.39
CA GLU B 22 -18.43 -42.01 -29.06
C GLU B 22 -19.07 -40.79 -28.40
N SER B 23 -20.08 -41.00 -27.57
CA SER B 23 -20.77 -39.90 -26.91
C SER B 23 -20.20 -39.60 -25.52
N GLY B 24 -19.14 -40.30 -25.10
CA GLY B 24 -18.52 -40.07 -23.82
C GLY B 24 -18.88 -41.03 -22.72
N LEU B 25 -19.66 -42.08 -23.02
CA LEU B 25 -20.03 -43.08 -22.03
C LEU B 25 -19.19 -44.32 -22.26
N HIS B 26 -18.32 -44.62 -21.29
CA HIS B 26 -17.38 -45.73 -21.43
C HIS B 26 -17.57 -46.83 -20.39
N THR B 27 -18.43 -46.63 -19.39
CA THR B 27 -18.67 -47.64 -18.37
C THR B 27 -20.16 -47.77 -18.12
N ALA B 28 -20.55 -48.90 -17.54
CA ALA B 28 -21.96 -49.13 -17.23
C ALA B 28 -22.48 -48.10 -16.24
N GLU B 29 -21.64 -47.63 -15.32
CA GLU B 29 -22.05 -46.60 -14.37
C GLU B 29 -22.38 -45.31 -15.09
N ALA B 30 -21.61 -44.95 -16.11
CA ALA B 30 -21.87 -43.72 -16.85
C ALA B 30 -23.24 -43.77 -17.52
N VAL B 31 -23.61 -44.92 -18.07
CA VAL B 31 -24.95 -45.08 -18.63
C VAL B 31 -26.00 -44.96 -17.54
N ALA B 32 -25.75 -45.60 -16.39
CA ALA B 32 -26.73 -45.61 -15.31
C ALA B 32 -26.96 -44.21 -14.75
N TYR B 33 -25.88 -43.44 -14.54
CA TYR B 33 -26.02 -42.11 -13.98
C TYR B 33 -26.45 -41.07 -15.01
N ALA B 34 -26.49 -41.43 -16.29
CA ALA B 34 -26.83 -40.47 -17.33
C ALA B 34 -28.31 -40.12 -17.25
N PRO B 35 -28.66 -38.84 -17.21
CA PRO B 35 -30.08 -38.47 -17.23
C PRO B 35 -30.71 -38.83 -18.56
N ARG B 36 -32.02 -39.08 -18.52
CA ARG B 36 -32.73 -39.54 -19.71
C ARG B 36 -32.65 -38.53 -20.85
N LYS B 37 -32.48 -37.24 -20.53
CA LYS B 37 -32.39 -36.23 -21.58
C LYS B 37 -31.18 -36.47 -22.47
N ASP B 38 -30.02 -36.75 -21.86
CA ASP B 38 -28.79 -36.86 -22.63
C ASP B 38 -28.82 -38.09 -23.54
N LEU B 39 -29.44 -39.18 -23.08
CA LEU B 39 -29.51 -40.38 -23.91
C LEU B 39 -30.29 -40.12 -25.19
N LEU B 40 -31.36 -39.34 -25.11
CA LEU B 40 -32.14 -39.01 -26.30
C LEU B 40 -31.43 -37.99 -27.19
N GLU B 41 -30.46 -37.25 -26.66
CA GLU B 41 -29.77 -36.25 -27.47
C GLU B 41 -28.91 -36.89 -28.54
N ILE B 42 -28.26 -38.00 -28.24
CA ILE B 42 -27.39 -38.66 -29.21
C ILE B 42 -28.24 -39.49 -30.17
N LYS B 43 -27.85 -39.46 -31.44
CA LYS B 43 -28.60 -40.15 -32.48
C LYS B 43 -28.44 -41.66 -32.36
N GLY B 44 -29.36 -42.38 -33.01
CA GLY B 44 -29.31 -43.83 -33.05
C GLY B 44 -29.99 -44.52 -31.90
N ILE B 45 -30.48 -43.79 -30.90
CA ILE B 45 -31.17 -44.35 -29.75
C ILE B 45 -32.56 -43.75 -29.67
N SER B 46 -33.57 -44.61 -29.64
CA SER B 46 -34.96 -44.17 -29.53
C SER B 46 -35.39 -44.15 -28.06
N GLU B 47 -36.63 -43.76 -27.83
CA GLU B 47 -37.16 -43.76 -26.47
C GLU B 47 -37.20 -45.17 -25.88
N ALA B 48 -37.60 -46.15 -26.69
CA ALA B 48 -37.63 -47.53 -26.22
C ALA B 48 -36.22 -48.02 -25.88
N LYS B 49 -35.25 -47.69 -26.73
CA LYS B 49 -33.87 -48.09 -26.45
C LYS B 49 -33.33 -47.41 -25.20
N ALA B 50 -33.63 -46.11 -25.04
CA ALA B 50 -33.15 -45.39 -23.88
C ALA B 50 -33.74 -45.95 -22.59
N ASP B 51 -35.04 -46.27 -22.60
CA ASP B 51 -35.65 -46.89 -21.43
C ASP B 51 -35.04 -48.26 -21.15
N LYS B 52 -34.79 -49.03 -22.21
CA LYS B 52 -34.16 -50.34 -22.04
C LYS B 52 -32.76 -50.21 -21.45
N LEU B 53 -31.98 -49.23 -21.94
CA LEU B 53 -30.63 -49.05 -21.44
C LEU B 53 -30.64 -48.67 -19.97
N LEU B 54 -31.52 -47.76 -19.57
CA LEU B 54 -31.57 -47.34 -18.18
C LEU B 54 -32.01 -48.48 -17.27
N ASN B 55 -32.96 -49.29 -17.72
CA ASN B 55 -33.39 -50.45 -16.94
C ASN B 55 -32.25 -51.46 -16.81
N GLU B 56 -31.55 -51.73 -17.91
CA GLU B 56 -30.45 -52.68 -17.86
C GLU B 56 -29.28 -52.16 -17.04
N ALA B 57 -28.97 -50.87 -17.17
CA ALA B 57 -27.87 -50.29 -16.40
C ALA B 57 -28.16 -50.34 -14.91
N ALA B 58 -29.40 -50.06 -14.53
CA ALA B 58 -29.77 -50.12 -13.11
C ALA B 58 -29.68 -51.54 -12.57
N ARG B 59 -29.71 -52.54 -13.44
CA ARG B 59 -29.61 -53.92 -12.97
C ARG B 59 -28.19 -54.26 -12.53
N LEU B 60 -27.19 -53.61 -13.12
CA LEU B 60 -25.79 -53.88 -12.79
C LEU B 60 -25.18 -52.85 -11.85
N VAL B 61 -25.82 -51.71 -11.65
CA VAL B 61 -25.30 -50.62 -10.84
C VAL B 61 -26.32 -50.32 -9.76
N PRO B 62 -25.92 -50.17 -8.50
CA PRO B 62 -26.91 -49.93 -7.44
C PRO B 62 -27.56 -48.57 -7.57
N MET B 63 -28.88 -48.54 -7.33
CA MET B 63 -29.64 -47.29 -7.27
C MET B 63 -30.57 -47.20 -6.07
N GLY B 64 -30.79 -48.27 -5.33
CA GLY B 64 -31.73 -48.27 -4.23
C GLY B 64 -31.16 -47.69 -2.96
N PHE B 65 -31.79 -48.02 -1.85
CA PHE B 65 -31.39 -47.52 -0.54
C PHE B 65 -30.35 -48.44 0.08
N VAL B 66 -29.69 -47.93 1.12
CA VAL B 66 -28.68 -48.71 1.84
C VAL B 66 -28.60 -48.19 3.26
N THR B 67 -28.40 -49.11 4.20
CA THR B 67 -28.27 -48.73 5.60
C THR B 67 -26.99 -47.95 5.83
N ALA B 68 -27.01 -47.09 6.85
CA ALA B 68 -25.81 -46.33 7.18
C ALA B 68 -24.70 -47.23 7.70
N ALA B 69 -25.05 -48.33 8.36
CA ALA B 69 -24.04 -49.25 8.87
C ALA B 69 -23.21 -49.86 7.75
N ASP B 70 -23.87 -50.27 6.67
CA ASP B 70 -23.14 -50.83 5.53
C ASP B 70 -22.29 -49.77 4.85
N PHE B 71 -22.81 -48.54 4.71
CA PHE B 71 -22.05 -47.47 4.08
C PHE B 71 -20.81 -47.13 4.90
N HIS B 72 -20.93 -47.11 6.22
CA HIS B 72 -19.77 -46.88 7.07
C HIS B 72 -18.74 -47.99 6.91
N MET B 73 -19.21 -49.24 6.80
CA MET B 73 -18.29 -50.35 6.61
C MET B 73 -17.54 -50.22 5.29
N ARG B 74 -18.23 -49.80 4.23
CA ARG B 74 -17.58 -49.64 2.92
C ARG B 74 -16.56 -48.51 2.95
N ARG B 75 -16.88 -47.39 3.60
CA ARG B 75 -15.97 -46.26 3.61
C ARG B 75 -14.75 -46.50 4.49
N SER B 76 -14.82 -47.45 5.42
CA SER B 76 -13.66 -47.80 6.23
C SER B 76 -12.59 -48.51 5.44
N GLU B 77 -12.93 -49.01 4.24
CA GLU B 77 -11.96 -49.66 3.37
C GLU B 77 -11.41 -48.72 2.30
N LEU B 78 -11.71 -47.43 2.40
CA LEU B 78 -11.22 -46.46 1.43
C LEU B 78 -9.71 -46.38 1.46
N ILE B 79 -9.09 -46.24 0.29
CA ILE B 79 -7.64 -46.13 0.18
C ILE B 79 -7.28 -44.65 0.23
N CYS B 80 -6.39 -44.30 1.16
CA CYS B 80 -5.91 -42.93 1.32
C CYS B 80 -4.49 -42.86 0.80
N LEU B 81 -4.29 -42.09 -0.26
CA LEU B 81 -2.96 -41.93 -0.84
C LEU B 81 -2.05 -41.22 0.15
N THR B 82 -0.86 -41.79 0.37
CA THR B 82 0.08 -41.19 1.31
C THR B 82 0.66 -39.90 0.74
N THR B 83 0.71 -38.87 1.58
CA THR B 83 1.23 -37.57 1.16
C THR B 83 2.73 -37.43 1.39
N GLY B 84 3.37 -38.43 2.00
CA GLY B 84 4.79 -38.37 2.28
C GLY B 84 5.15 -37.70 3.59
N SER B 85 4.20 -37.02 4.22
CA SER B 85 4.45 -36.32 5.48
C SER B 85 3.50 -36.86 6.54
N LYS B 86 4.03 -37.17 7.73
CA LYS B 86 3.20 -37.69 8.79
C LYS B 86 2.31 -36.61 9.39
N ASN B 87 2.75 -35.35 9.34
CA ASN B 87 1.93 -34.27 9.87
C ASN B 87 0.64 -34.11 9.07
N LEU B 88 0.75 -34.12 7.74
CA LEU B 88 -0.44 -33.99 6.91
C LEU B 88 -1.28 -35.27 6.94
N ASP B 89 -0.62 -36.43 7.01
CA ASP B 89 -1.35 -37.68 7.05
C ASP B 89 -2.23 -37.76 8.29
N THR B 90 -1.70 -37.35 9.45
CA THR B 90 -2.51 -37.32 10.66
C THR B 90 -3.58 -36.25 10.59
N LEU B 91 -3.27 -35.11 9.98
CA LEU B 91 -4.23 -34.01 9.90
C LEU B 91 -5.44 -34.41 9.07
N LEU B 92 -5.23 -35.09 7.96
CA LEU B 92 -6.31 -35.49 7.06
C LEU B 92 -6.90 -36.85 7.39
N GLY B 93 -6.45 -37.49 8.46
CA GLY B 93 -6.97 -38.80 8.80
C GLY B 93 -6.46 -39.93 7.94
N GLY B 94 -5.30 -39.77 7.31
CA GLY B 94 -4.75 -40.81 6.49
C GLY B 94 -4.18 -40.30 5.18
N GLY B 95 -4.61 -39.11 4.75
CA GLY B 95 -4.13 -38.53 3.53
C GLY B 95 -5.25 -38.21 2.55
N VAL B 96 -4.91 -38.08 1.28
CA VAL B 96 -5.91 -37.79 0.26
C VAL B 96 -6.77 -39.02 0.01
N GLU B 97 -8.07 -38.87 0.12
CA GLU B 97 -9.01 -39.98 -0.02
C GLU B 97 -9.39 -40.17 -1.48
N THR B 98 -9.42 -41.42 -1.92
CA THR B 98 -9.82 -41.72 -3.29
C THR B 98 -11.33 -41.62 -3.44
N GLY B 99 -11.76 -41.27 -4.65
CA GLY B 99 -13.18 -41.18 -4.94
C GLY B 99 -13.84 -39.87 -4.60
N SER B 100 -13.07 -38.83 -4.26
CA SER B 100 -13.64 -37.55 -3.90
C SER B 100 -12.71 -36.44 -4.35
N ILE B 101 -13.25 -35.23 -4.42
CA ILE B 101 -12.52 -34.06 -4.89
C ILE B 101 -11.82 -33.40 -3.72
N THR B 102 -10.53 -33.14 -3.87
CA THR B 102 -9.74 -32.42 -2.89
C THR B 102 -9.12 -31.20 -3.55
N GLU B 103 -9.27 -30.04 -2.93
CA GLU B 103 -8.81 -28.78 -3.50
C GLU B 103 -7.70 -28.18 -2.66
N LEU B 104 -6.73 -27.56 -3.33
CA LEU B 104 -5.61 -26.90 -2.68
C LEU B 104 -5.56 -25.46 -3.18
N PHE B 105 -5.49 -24.51 -2.25
CA PHE B 105 -5.41 -23.10 -2.62
C PHE B 105 -4.41 -22.39 -1.71
N GLY B 106 -3.83 -21.33 -2.23
CA GLY B 106 -2.88 -20.54 -1.47
C GLY B 106 -2.06 -19.65 -2.37
N GLU B 107 -1.25 -18.82 -1.72
CA GLU B 107 -0.33 -17.94 -2.42
C GLU B 107 0.78 -18.77 -3.06
N PHE B 108 1.52 -18.15 -3.98
CA PHE B 108 2.56 -18.88 -4.71
C PHE B 108 3.66 -19.35 -3.75
N ARG B 109 4.57 -20.16 -4.30
CA ARG B 109 5.63 -20.89 -3.60
C ARG B 109 5.19 -21.44 -2.25
N THR B 110 3.94 -21.90 -2.15
CA THR B 110 3.46 -22.55 -0.93
C THR B 110 3.39 -24.07 -1.06
N GLY B 111 3.83 -24.63 -2.18
CA GLY B 111 3.97 -26.06 -2.30
C GLY B 111 2.78 -26.82 -2.84
N LYS B 112 1.83 -26.16 -3.48
CA LYS B 112 0.69 -26.87 -4.05
C LYS B 112 1.14 -27.84 -5.14
N SER B 113 2.01 -27.38 -6.05
CA SER B 113 2.45 -28.24 -7.14
C SER B 113 3.41 -29.30 -6.65
N GLN B 114 4.20 -29.00 -5.61
CA GLN B 114 5.11 -30.00 -5.06
C GLN B 114 4.34 -31.17 -4.48
N LEU B 115 3.23 -30.90 -3.82
CA LEU B 115 2.39 -31.98 -3.30
C LEU B 115 1.83 -32.84 -4.43
N CYS B 116 1.40 -32.20 -5.52
CA CYS B 116 0.88 -32.95 -6.65
C CYS B 116 1.96 -33.84 -7.27
N HIS B 117 3.19 -33.34 -7.35
CA HIS B 117 4.29 -34.17 -7.83
C HIS B 117 4.55 -35.33 -6.86
N THR B 118 4.46 -35.08 -5.56
CA THR B 118 4.66 -36.15 -4.59
C THR B 118 3.58 -37.21 -4.70
N LEU B 119 2.33 -36.79 -4.88
CA LEU B 119 1.24 -37.76 -4.99
C LEU B 119 1.35 -38.57 -6.28
N ALA B 120 1.90 -37.97 -7.33
CA ALA B 120 2.05 -38.67 -8.60
C ALA B 120 2.98 -39.86 -8.49
N VAL B 121 3.86 -39.87 -7.49
CA VAL B 121 4.77 -41.00 -7.31
C VAL B 121 4.21 -41.98 -6.30
N THR B 122 3.61 -41.48 -5.22
CA THR B 122 3.08 -42.34 -4.17
C THR B 122 1.83 -43.09 -4.59
N CYS B 123 1.22 -42.75 -5.74
CA CYS B 123 0.08 -43.51 -6.21
C CYS B 123 0.47 -44.81 -6.89
N GLN B 124 1.77 -45.07 -7.05
CA GLN B 124 2.25 -46.29 -7.69
C GLN B 124 2.88 -47.28 -6.74
N ILE B 125 3.23 -46.86 -5.52
CA ILE B 125 3.84 -47.75 -4.54
C ILE B 125 2.76 -48.68 -3.99
N PRO B 126 3.11 -49.82 -3.41
CA PRO B 126 2.09 -50.77 -2.96
C PRO B 126 1.20 -50.21 -1.86
N LEU B 127 0.06 -50.87 -1.68
CA LEU B 127 -0.96 -50.39 -0.73
C LEU B 127 -0.47 -50.43 0.71
N ASP B 128 0.47 -51.33 1.02
CA ASP B 128 0.93 -51.48 2.39
C ASP B 128 1.59 -50.23 2.94
N ILE B 129 2.10 -49.35 2.06
CA ILE B 129 2.77 -48.13 2.49
C ILE B 129 1.98 -46.92 2.02
N GLY B 130 0.67 -47.06 1.94
CA GLY B 130 -0.18 -45.95 1.59
C GLY B 130 -0.28 -45.65 0.11
N GLY B 131 0.07 -46.60 -0.75
CA GLY B 131 0.00 -46.40 -2.18
C GLY B 131 -1.34 -46.80 -2.77
N GLY B 132 -1.38 -46.81 -4.10
CA GLY B 132 -2.59 -47.17 -4.80
C GLY B 132 -2.38 -48.26 -5.84
N GLU B 133 -1.11 -48.55 -6.15
CA GLU B 133 -0.76 -49.55 -7.16
C GLU B 133 -1.43 -49.25 -8.49
N GLY B 134 -1.50 -47.96 -8.84
CA GLY B 134 -2.11 -47.55 -10.08
C GLY B 134 -1.33 -46.41 -10.72
N LYS B 135 -1.65 -46.16 -11.98
CA LYS B 135 -0.98 -45.11 -12.74
C LYS B 135 -1.50 -43.74 -12.29
N CYS B 136 -0.97 -42.70 -12.91
CA CYS B 136 -1.37 -41.33 -12.62
C CYS B 136 -1.66 -40.59 -13.92
N LEU B 137 -2.53 -39.60 -13.82
CA LEU B 137 -2.85 -38.73 -14.94
C LEU B 137 -2.68 -37.29 -14.49
N TYR B 138 -1.90 -36.52 -15.24
CA TYR B 138 -1.55 -35.16 -14.88
C TYR B 138 -1.98 -34.23 -16.01
N ILE B 139 -2.95 -33.38 -15.74
CA ILE B 139 -3.38 -32.34 -16.68
C ILE B 139 -2.84 -31.02 -16.16
N ASP B 140 -2.00 -30.38 -16.96
CA ASP B 140 -1.31 -29.15 -16.57
C ASP B 140 -1.79 -28.01 -17.45
N THR B 141 -2.32 -26.96 -16.84
CA THR B 141 -2.78 -25.79 -17.56
C THR B 141 -1.83 -24.61 -17.44
N GLU B 142 -0.64 -24.82 -16.89
CA GLU B 142 0.34 -23.77 -16.73
C GLU B 142 1.71 -24.09 -17.32
N GLY B 143 1.91 -25.30 -17.82
CA GLY B 143 3.21 -25.68 -18.35
C GLY B 143 4.32 -25.74 -17.32
N THR B 144 4.00 -26.21 -16.12
CA THR B 144 4.97 -26.31 -15.03
C THR B 144 5.07 -27.74 -14.52
N PHE B 145 5.11 -28.70 -15.43
CA PHE B 145 5.30 -30.11 -15.08
C PHE B 145 6.76 -30.47 -15.34
N ARG B 146 7.48 -30.79 -14.29
CA ARG B 146 8.91 -31.09 -14.37
C ARG B 146 9.16 -32.56 -14.05
N PRO B 147 9.43 -33.41 -15.04
CA PRO B 147 9.70 -34.82 -14.74
C PRO B 147 10.97 -35.04 -13.93
N VAL B 148 11.87 -34.07 -13.86
CA VAL B 148 13.08 -34.23 -13.06
C VAL B 148 12.73 -34.40 -11.59
N ARG B 149 11.64 -33.75 -11.15
CA ARG B 149 11.19 -33.93 -9.77
C ARG B 149 10.77 -35.36 -9.52
N LEU B 150 10.13 -36.01 -10.50
CA LEU B 150 9.63 -37.36 -10.29
C LEU B 150 10.76 -38.34 -10.04
N VAL B 151 11.87 -38.21 -10.78
CA VAL B 151 12.99 -39.14 -10.63
C VAL B 151 13.59 -39.05 -9.24
N SER B 152 13.77 -37.82 -8.74
CA SER B 152 14.32 -37.64 -7.39
C SER B 152 13.38 -38.23 -6.35
N ILE B 153 12.08 -38.00 -6.50
CA ILE B 153 11.12 -38.54 -5.55
C ILE B 153 11.01 -40.05 -5.67
N ALA B 154 11.10 -40.58 -6.90
CA ALA B 154 10.95 -42.02 -7.09
C ALA B 154 12.06 -42.79 -6.42
N GLN B 155 13.27 -42.22 -6.37
CA GLN B 155 14.38 -42.90 -5.72
C GLN B 155 14.15 -43.02 -4.22
N ARG B 156 13.51 -42.02 -3.61
CA ARG B 156 13.25 -42.06 -2.19
C ARG B 156 12.33 -43.21 -1.81
N PHE B 157 11.32 -43.46 -2.63
CA PHE B 157 10.31 -44.48 -2.33
C PHE B 157 10.67 -45.85 -2.89
N GLY B 158 11.85 -46.01 -3.49
CA GLY B 158 12.29 -47.29 -3.98
C GLY B 158 11.83 -47.64 -5.38
N LEU B 159 11.02 -46.80 -6.00
CA LEU B 159 10.57 -47.08 -7.36
C LEU B 159 11.71 -46.92 -8.37
N ASP B 160 11.63 -47.68 -9.44
CA ASP B 160 12.57 -47.53 -10.54
C ASP B 160 12.23 -46.27 -11.32
N PRO B 161 13.16 -45.33 -11.50
CA PRO B 161 12.82 -44.10 -12.22
C PRO B 161 12.31 -44.34 -13.64
N ASP B 162 12.82 -45.39 -14.31
CA ASP B 162 12.33 -45.71 -15.65
C ASP B 162 10.85 -46.07 -15.62
N ASP B 163 10.44 -46.87 -14.65
CA ASP B 163 9.05 -47.28 -14.57
C ASP B 163 8.16 -46.15 -14.06
N ALA B 164 8.69 -45.31 -13.17
CA ALA B 164 7.89 -44.21 -12.63
C ALA B 164 7.49 -43.24 -13.72
N LEU B 165 8.42 -42.91 -14.62
CA LEU B 165 8.10 -42.03 -15.73
C LEU B 165 7.21 -42.72 -16.76
N ASN B 166 7.27 -44.05 -16.82
CA ASN B 166 6.47 -44.82 -17.77
C ASN B 166 5.06 -45.10 -17.27
N ASN B 167 4.74 -44.73 -16.03
CA ASN B 167 3.42 -44.93 -15.47
C ASN B 167 2.66 -43.63 -15.29
N VAL B 168 3.18 -42.52 -15.81
CA VAL B 168 2.57 -41.21 -15.66
C VAL B 168 2.23 -40.67 -17.04
N ALA B 169 0.99 -40.25 -17.23
CA ALA B 169 0.54 -39.63 -18.47
C ALA B 169 0.38 -38.14 -18.24
N TYR B 170 0.94 -37.34 -19.14
CA TYR B 170 0.95 -35.89 -19.02
C TYR B 170 0.25 -35.28 -20.22
N ALA B 171 -0.60 -34.29 -19.96
CA ALA B 171 -1.26 -33.53 -21.01
C ALA B 171 -1.30 -32.07 -20.61
N ARG B 172 -1.26 -31.19 -21.61
CA ARG B 172 -1.30 -29.76 -21.39
C ARG B 172 -2.55 -29.19 -22.04
N ALA B 173 -3.30 -28.39 -21.29
CA ALA B 173 -4.50 -27.74 -21.79
C ALA B 173 -4.18 -26.31 -22.18
N TYR B 174 -4.61 -25.92 -23.38
CA TYR B 174 -4.35 -24.59 -23.90
C TYR B 174 -5.55 -23.66 -23.81
N ASN B 175 -6.74 -24.19 -23.57
CA ASN B 175 -7.94 -23.37 -23.42
C ASN B 175 -8.97 -24.15 -22.63
N ALA B 176 -10.04 -23.45 -22.23
CA ALA B 176 -11.06 -24.08 -21.41
C ALA B 176 -11.76 -25.22 -22.17
N ASP B 177 -12.03 -25.02 -23.46
CA ASP B 177 -12.65 -26.08 -24.24
C ASP B 177 -11.74 -27.29 -24.36
N HIS B 178 -10.44 -27.06 -24.57
CA HIS B 178 -9.49 -28.17 -24.62
C HIS B 178 -9.39 -28.87 -23.28
N GLN B 179 -9.47 -28.11 -22.19
CA GLN B 179 -9.39 -28.70 -20.85
C GLN B 179 -10.54 -29.65 -20.59
N LEU B 180 -11.75 -29.27 -21.01
CA LEU B 180 -12.92 -30.13 -20.77
C LEU B 180 -12.87 -31.36 -21.67
N ARG B 181 -12.44 -31.20 -22.92
CA ARG B 181 -12.41 -32.33 -23.84
C ARG B 181 -11.39 -33.38 -23.42
N LEU B 182 -10.31 -32.97 -22.74
CA LEU B 182 -9.30 -33.91 -22.29
C LEU B 182 -9.85 -34.94 -21.31
N LEU B 183 -10.90 -34.59 -20.56
CA LEU B 183 -11.52 -35.56 -19.68
C LEU B 183 -12.24 -36.65 -20.45
N ASP B 184 -12.78 -36.33 -21.63
CA ASP B 184 -13.40 -37.34 -22.47
C ASP B 184 -12.39 -38.39 -22.90
N ALA B 185 -11.19 -37.94 -23.29
CA ALA B 185 -10.13 -38.88 -23.61
C ALA B 185 -9.65 -39.61 -22.36
N ALA B 186 -9.68 -38.93 -21.21
CA ALA B 186 -9.26 -39.55 -19.97
C ALA B 186 -10.16 -40.72 -19.60
N ALA B 187 -11.46 -40.60 -19.89
CA ALA B 187 -12.39 -41.67 -19.55
C ALA B 187 -12.06 -42.96 -20.30
N GLN B 188 -11.73 -42.84 -21.59
CA GLN B 188 -11.38 -44.02 -22.37
C GLN B 188 -10.12 -44.70 -21.83
N MET B 189 -9.10 -43.90 -21.50
CA MET B 189 -7.86 -44.47 -20.98
C MET B 189 -8.08 -45.18 -19.66
N MET B 190 -8.85 -44.56 -18.76
CA MET B 190 -9.10 -45.18 -17.46
C MET B 190 -10.01 -46.39 -17.55
N SER B 191 -10.69 -46.59 -18.68
CA SER B 191 -11.53 -47.76 -18.86
C SER B 191 -10.75 -48.96 -19.40
N GLU B 192 -9.48 -48.78 -19.73
CA GLU B 192 -8.65 -49.87 -20.25
C GLU B 192 -7.56 -50.31 -19.29
N SER B 193 -6.96 -49.37 -18.55
CA SER B 193 -5.93 -49.69 -17.57
C SER B 193 -6.27 -49.03 -16.25
N ARG B 194 -5.75 -49.61 -15.17
CA ARG B 194 -6.09 -49.15 -13.83
C ARG B 194 -5.35 -47.85 -13.51
N PHE B 195 -6.12 -46.80 -13.24
CA PHE B 195 -5.59 -45.53 -12.75
C PHE B 195 -6.01 -45.34 -11.31
N SER B 196 -5.28 -44.48 -10.61
CA SER B 196 -5.56 -44.22 -9.20
C SER B 196 -5.48 -42.75 -8.80
N LEU B 197 -5.16 -41.84 -9.72
CA LEU B 197 -5.02 -40.43 -9.35
C LEU B 197 -5.26 -39.57 -10.56
N ILE B 198 -5.99 -38.48 -10.37
CA ILE B 198 -6.19 -37.44 -11.39
C ILE B 198 -5.75 -36.12 -10.78
N VAL B 199 -4.92 -35.38 -11.52
CA VAL B 199 -4.41 -34.10 -11.04
C VAL B 199 -4.71 -33.04 -12.09
N VAL B 200 -5.32 -31.94 -11.65
CA VAL B 200 -5.53 -30.76 -12.49
C VAL B 200 -4.80 -29.61 -11.83
N ASP B 201 -3.93 -28.95 -12.57
CA ASP B 201 -3.07 -27.91 -12.01
C ASP B 201 -2.84 -26.87 -13.09
N SER B 202 -3.63 -25.80 -13.07
CA SER B 202 -4.69 -25.62 -12.08
C SER B 202 -6.05 -25.57 -12.77
N VAL B 203 -7.09 -25.26 -12.00
CA VAL B 203 -8.45 -25.25 -12.53
C VAL B 203 -8.80 -23.89 -13.13
N MET B 204 -8.64 -22.83 -12.36
CA MET B 204 -9.10 -21.50 -12.75
C MET B 204 -8.08 -20.71 -13.54
N ALA B 205 -6.94 -21.31 -13.89
CA ALA B 205 -5.92 -20.58 -14.62
C ALA B 205 -6.43 -20.12 -15.97
N LEU B 206 -7.15 -21.00 -16.69
CA LEU B 206 -7.63 -20.67 -18.02
C LEU B 206 -9.00 -19.99 -18.02
N TYR B 207 -9.86 -20.34 -17.06
CA TYR B 207 -11.17 -19.69 -16.99
C TYR B 207 -11.06 -18.22 -16.68
N ARG B 208 -9.98 -17.80 -16.02
CA ARG B 208 -9.82 -16.40 -15.66
C ARG B 208 -9.68 -15.52 -16.91
N THR B 209 -8.96 -16.00 -17.91
CA THR B 209 -8.66 -15.21 -19.10
C THR B 209 -9.59 -15.51 -20.27
N ASP B 210 -10.04 -16.75 -20.43
CA ASP B 210 -10.87 -17.10 -21.57
C ASP B 210 -12.19 -16.32 -21.56
N PHE B 211 -12.80 -16.19 -20.39
CA PHE B 211 -14.03 -15.43 -20.22
C PHE B 211 -13.69 -14.08 -19.60
N SER B 212 -13.83 -13.01 -20.37
CA SER B 212 -13.40 -11.69 -19.97
C SER B 212 -14.60 -10.76 -19.79
N GLY B 213 -14.58 -9.98 -18.72
CA GLY B 213 -15.63 -9.02 -18.44
C GLY B 213 -16.70 -9.57 -17.53
N ARG B 214 -17.52 -8.64 -17.03
CA ARG B 214 -18.64 -9.02 -16.17
C ARG B 214 -19.78 -9.66 -16.95
N GLY B 215 -19.93 -9.32 -18.23
CA GLY B 215 -21.00 -9.89 -19.02
C GLY B 215 -20.85 -11.38 -19.28
N GLU B 216 -19.64 -11.91 -19.19
CA GLU B 216 -19.37 -13.32 -19.40
C GLU B 216 -19.23 -14.09 -18.10
N LEU B 217 -19.53 -13.46 -16.96
CA LEU B 217 -19.42 -14.16 -15.68
C LEU B 217 -20.43 -15.30 -15.59
N SER B 218 -21.64 -15.10 -16.14
CA SER B 218 -22.63 -16.16 -16.12
C SER B 218 -22.16 -17.37 -16.94
N ALA B 219 -21.58 -17.13 -18.12
CA ALA B 219 -21.06 -18.21 -18.93
C ALA B 219 -19.86 -18.87 -18.27
N ARG B 220 -18.99 -18.06 -17.65
CA ARG B 220 -17.79 -18.61 -17.02
C ARG B 220 -18.14 -19.56 -15.89
N GLN B 221 -19.08 -19.17 -15.04
CA GLN B 221 -19.45 -20.01 -13.90
C GLN B 221 -20.20 -21.25 -14.36
N MET B 222 -20.94 -21.14 -15.47
CA MET B 222 -21.71 -22.29 -15.95
C MET B 222 -20.80 -23.32 -16.59
N HIS B 223 -19.79 -22.89 -17.34
CA HIS B 223 -18.82 -23.82 -17.90
C HIS B 223 -18.04 -24.50 -16.79
N LEU B 224 -17.69 -23.77 -15.74
CA LEU B 224 -16.96 -24.35 -14.63
C LEU B 224 -17.78 -25.43 -13.94
N ALA B 225 -19.09 -25.26 -13.87
CA ALA B 225 -19.94 -26.25 -13.24
C ALA B 225 -19.90 -27.57 -14.00
N LYS B 226 -19.85 -27.51 -15.34
CA LYS B 226 -19.77 -28.73 -16.13
C LYS B 226 -18.45 -29.46 -15.89
N PHE B 227 -17.36 -28.71 -15.72
CA PHE B 227 -16.06 -29.34 -15.48
C PHE B 227 -16.04 -30.09 -14.16
N MET B 228 -16.59 -29.48 -13.10
CA MET B 228 -16.65 -30.16 -11.81
C MET B 228 -17.62 -31.33 -11.82
N ARG B 229 -18.72 -31.22 -12.58
CA ARG B 229 -19.63 -32.36 -12.70
C ARG B 229 -18.93 -33.52 -13.39
N ALA B 230 -18.13 -33.23 -14.43
CA ALA B 230 -17.37 -34.27 -15.10
C ALA B 230 -16.32 -34.86 -14.16
N LEU B 231 -15.68 -34.03 -13.34
CA LEU B 231 -14.70 -34.53 -12.40
C LEU B 231 -15.33 -35.45 -11.36
N GLN B 232 -16.51 -35.09 -10.86
CA GLN B 232 -17.20 -35.94 -9.91
C GLN B 232 -17.61 -37.27 -10.55
N ARG B 233 -18.00 -37.24 -11.82
CA ARG B 233 -18.37 -38.47 -12.51
C ARG B 233 -17.16 -39.40 -12.65
N LEU B 234 -15.97 -38.82 -12.86
CA LEU B 234 -14.78 -39.65 -12.94
C LEU B 234 -14.51 -40.37 -11.62
N ALA B 235 -14.72 -39.68 -10.51
CA ALA B 235 -14.54 -40.32 -9.21
C ALA B 235 -15.61 -41.36 -8.95
N ASP B 236 -16.82 -41.16 -9.46
CA ASP B 236 -17.89 -42.12 -9.23
C ASP B 236 -17.67 -43.40 -10.04
N GLN B 237 -17.32 -43.27 -11.31
CA GLN B 237 -17.20 -44.44 -12.18
C GLN B 237 -15.98 -45.28 -11.81
N PHE B 238 -14.83 -44.63 -11.64
CA PHE B 238 -13.57 -45.36 -11.49
C PHE B 238 -13.02 -45.34 -10.07
N GLY B 239 -13.48 -44.44 -9.21
CA GLY B 239 -12.97 -44.36 -7.86
C GLY B 239 -11.64 -43.67 -7.72
N VAL B 240 -11.10 -43.11 -8.80
CA VAL B 240 -9.80 -42.47 -8.73
C VAL B 240 -9.87 -41.20 -7.90
N ALA B 241 -8.82 -40.92 -7.14
CA ALA B 241 -8.77 -39.68 -6.38
C ALA B 241 -8.58 -38.50 -7.33
N VAL B 242 -9.19 -37.37 -6.97
CA VAL B 242 -9.08 -36.14 -7.75
C VAL B 242 -8.45 -35.10 -6.87
N VAL B 243 -7.31 -34.56 -7.29
CA VAL B 243 -6.64 -33.46 -6.60
C VAL B 243 -6.54 -32.30 -7.57
N VAL B 244 -7.09 -31.16 -7.19
CA VAL B 244 -7.09 -29.96 -8.02
C VAL B 244 -6.51 -28.82 -7.21
N THR B 245 -5.76 -27.95 -7.87
CA THR B 245 -5.18 -26.79 -7.22
C THR B 245 -5.88 -25.53 -7.69
N ASN B 246 -5.72 -24.46 -6.91
CA ASN B 246 -6.41 -23.21 -7.16
C ASN B 246 -5.55 -22.07 -6.67
N GLN B 247 -5.66 -20.92 -7.33
CA GLN B 247 -4.96 -19.72 -6.93
C GLN B 247 -5.78 -18.97 -5.88
N VAL B 248 -5.29 -17.79 -5.48
CA VAL B 248 -5.99 -16.94 -4.53
C VAL B 248 -6.01 -15.52 -5.06
N VAL B 249 -6.95 -14.73 -4.53
CA VAL B 249 -7.15 -13.35 -4.93
C VAL B 249 -7.32 -12.51 -3.68
N ALA B 250 -6.72 -11.32 -3.68
CA ALA B 250 -6.80 -10.43 -2.53
C ALA B 250 -8.14 -9.72 -2.49
N GLN B 251 -8.79 -9.73 -1.34
CA GLN B 251 -10.07 -9.05 -1.17
C GLN B 251 -9.79 -7.58 -0.85
N VAL B 252 -9.97 -6.72 -1.86
CA VAL B 252 -9.68 -5.29 -1.69
C VAL B 252 -10.65 -4.66 -0.69
N ASP B 253 -11.90 -5.12 -0.66
CA ASP B 253 -12.89 -4.58 0.26
C ASP B 253 -12.47 -4.78 1.70
N GLY B 254 -12.22 -3.68 2.40
CA GLY B 254 -11.78 -3.74 3.78
C GLY B 254 -12.91 -3.67 4.79
N GLY B 255 -14.13 -3.94 4.32
CA GLY B 255 -15.28 -3.90 5.22
C GLY B 255 -15.17 -4.90 6.35
N MET B 256 -14.70 -6.11 6.05
CA MET B 256 -14.51 -7.14 7.06
C MET B 256 -13.03 -7.26 7.40
N ALA B 257 -12.75 -7.52 8.68
CA ALA B 257 -11.37 -7.63 9.14
C ALA B 257 -11.13 -8.76 10.12
N PHE B 258 -12.14 -9.60 10.39
CA PHE B 258 -11.94 -10.72 11.31
C PHE B 258 -10.90 -11.70 10.77
N ASN B 259 -10.96 -12.00 9.48
CA ASN B 259 -10.02 -12.94 8.89
C ASN B 259 -8.65 -12.28 8.75
N PRO B 260 -7.60 -12.83 9.37
CA PRO B 260 -6.26 -12.26 9.16
C PRO B 260 -5.77 -12.41 7.73
N ASP B 261 -6.35 -13.31 6.94
CA ASP B 261 -5.93 -13.51 5.57
C ASP B 261 -6.67 -12.52 4.67
N PRO B 262 -5.97 -11.60 3.99
CA PRO B 262 -6.64 -10.71 3.05
C PRO B 262 -6.79 -11.34 1.67
N LYS B 263 -6.61 -12.65 1.59
CA LYS B 263 -6.66 -13.38 0.33
C LYS B 263 -7.71 -14.48 0.41
N LYS B 264 -8.47 -14.66 -0.67
CA LYS B 264 -9.51 -15.66 -0.75
C LYS B 264 -9.36 -16.47 -2.03
N PRO B 265 -9.80 -17.72 -2.03
CA PRO B 265 -9.68 -18.55 -3.23
C PRO B 265 -10.56 -18.06 -4.37
N ILE B 266 -10.12 -18.35 -5.59
CA ILE B 266 -10.83 -17.98 -6.80
C ILE B 266 -11.85 -19.07 -7.11
N GLY B 267 -12.97 -18.67 -7.71
CA GLY B 267 -13.97 -19.64 -8.14
C GLY B 267 -15.37 -19.29 -7.72
N GLY B 268 -15.52 -18.64 -6.56
CA GLY B 268 -16.84 -18.30 -6.07
C GLY B 268 -17.50 -19.47 -5.35
N ASN B 269 -18.83 -19.43 -5.30
CA ASN B 269 -19.57 -20.46 -4.60
C ASN B 269 -19.64 -21.76 -5.40
N ILE B 270 -19.42 -21.69 -6.71
CA ILE B 270 -19.36 -22.91 -7.51
C ILE B 270 -18.19 -23.77 -7.09
N MET B 271 -17.02 -23.14 -6.90
CA MET B 271 -15.87 -23.87 -6.42
C MET B 271 -16.04 -24.30 -4.97
N ALA B 272 -16.60 -23.43 -4.15
CA ALA B 272 -16.65 -23.69 -2.71
C ALA B 272 -17.59 -24.84 -2.38
N HIS B 273 -18.69 -24.98 -3.13
CA HIS B 273 -19.65 -26.05 -2.86
C HIS B 273 -19.30 -27.35 -3.55
N SER B 274 -18.54 -27.32 -4.64
CA SER B 274 -18.18 -28.53 -5.36
C SER B 274 -17.10 -29.33 -4.66
N SER B 275 -16.13 -28.65 -4.03
CA SER B 275 -14.99 -29.32 -3.43
C SER B 275 -15.39 -29.98 -2.12
N THR B 276 -15.14 -31.29 -2.03
CA THR B 276 -15.42 -32.00 -0.78
C THR B 276 -14.51 -31.52 0.34
N THR B 277 -13.22 -31.35 0.07
CA THR B 277 -12.26 -30.92 1.07
C THR B 277 -11.40 -29.79 0.50
N ARG B 278 -11.20 -28.76 1.30
CA ARG B 278 -10.37 -27.63 0.92
C ARG B 278 -9.25 -27.44 1.94
N LEU B 279 -8.05 -27.15 1.45
CA LEU B 279 -6.88 -26.94 2.29
C LEU B 279 -6.24 -25.61 1.93
N GLY B 280 -5.86 -24.85 2.95
CA GLY B 280 -5.22 -23.56 2.77
C GLY B 280 -3.74 -23.64 3.11
N PHE B 281 -2.92 -23.10 2.22
CA PHE B 281 -1.47 -23.20 2.32
C PHE B 281 -0.86 -21.83 2.59
N LYS B 282 0.13 -21.80 3.48
CA LYS B 282 0.83 -20.58 3.83
C LYS B 282 2.32 -20.88 3.96
N LYS B 283 3.13 -19.84 3.84
CA LYS B 283 4.58 -20.01 3.93
C LYS B 283 5.07 -19.87 5.36
N GLY B 284 5.97 -20.76 5.75
CA GLY B 284 6.60 -20.68 7.04
C GLY B 284 8.06 -20.27 6.95
N LYS B 285 8.91 -20.85 7.80
CA LYS B 285 10.32 -20.52 7.81
C LYS B 285 11.07 -21.43 6.83
N GLY B 286 11.74 -20.84 5.86
CA GLY B 286 12.53 -21.59 4.90
C GLY B 286 11.72 -22.56 4.08
N CYS B 287 11.94 -23.86 4.31
CA CYS B 287 11.24 -24.91 3.58
C CYS B 287 9.91 -25.29 4.22
N GLN B 288 9.54 -24.67 5.34
CA GLN B 288 8.34 -25.05 6.06
C GLN B 288 7.12 -24.32 5.52
N ARG B 289 5.97 -24.99 5.60
CA ARG B 289 4.70 -24.43 5.16
C ARG B 289 3.62 -24.82 6.17
N LEU B 290 2.51 -24.10 6.12
CA LEU B 290 1.38 -24.32 7.02
C LEU B 290 0.15 -24.70 6.20
N CYS B 291 -0.48 -25.82 6.58
CA CYS B 291 -1.69 -26.31 5.93
C CYS B 291 -2.83 -26.27 6.92
N LYS B 292 -3.96 -25.68 6.51
CA LYS B 292 -5.12 -25.52 7.37
C LYS B 292 -6.36 -26.03 6.65
N VAL B 293 -7.11 -26.91 7.32
CA VAL B 293 -8.30 -27.51 6.75
C VAL B 293 -9.44 -26.49 6.88
N VAL B 294 -9.69 -25.73 5.82
CA VAL B 294 -10.73 -24.71 5.87
C VAL B 294 -12.11 -25.37 5.93
N ASP B 295 -12.36 -26.35 5.07
CA ASP B 295 -13.66 -27.00 5.00
C ASP B 295 -13.49 -28.50 4.83
N SER B 296 -14.33 -29.26 5.53
CA SER B 296 -14.37 -30.71 5.44
C SER B 296 -15.62 -31.24 6.12
N PRO B 297 -16.32 -32.20 5.53
CA PRO B 297 -17.55 -32.71 6.16
C PRO B 297 -17.32 -33.37 7.50
N CYS B 298 -16.14 -33.95 7.76
CA CYS B 298 -15.89 -34.66 9.00
C CYS B 298 -14.58 -34.30 9.68
N LEU B 299 -13.60 -33.77 8.98
CA LEU B 299 -12.38 -33.44 9.71
C LEU B 299 -12.51 -32.10 10.42
N PRO B 300 -12.10 -32.03 11.68
CA PRO B 300 -12.17 -30.75 12.40
C PRO B 300 -11.15 -29.76 11.86
N GLU B 301 -11.47 -28.47 12.02
CA GLU B 301 -10.58 -27.41 11.58
C GLU B 301 -9.33 -27.39 12.45
N ALA B 302 -8.16 -27.52 11.82
CA ALA B 302 -6.90 -27.59 12.54
C ALA B 302 -5.80 -27.02 11.66
N GLU B 303 -4.55 -27.29 12.02
CA GLU B 303 -3.40 -26.82 11.27
C GLU B 303 -2.21 -27.73 11.56
N CYS B 304 -1.23 -27.68 10.67
CA CYS B 304 -0.01 -28.48 10.83
C CYS B 304 1.12 -27.80 10.07
N VAL B 305 2.32 -28.38 10.16
CA VAL B 305 3.51 -27.87 9.51
C VAL B 305 4.14 -29.00 8.69
N PHE B 306 4.48 -28.71 7.45
CA PHE B 306 5.17 -29.64 6.58
C PHE B 306 6.24 -28.90 5.81
N ALA B 307 7.24 -29.63 5.32
CA ALA B 307 8.40 -29.04 4.68
C ALA B 307 8.60 -29.63 3.28
N ILE B 308 9.16 -28.81 2.40
CA ILE B 308 9.46 -29.19 1.02
C ILE B 308 10.95 -29.49 0.94
N TYR B 309 11.29 -30.70 0.52
CA TYR B 309 12.68 -31.13 0.43
C TYR B 309 13.00 -31.59 -0.98
N GLU B 310 14.28 -31.89 -1.22
CA GLU B 310 14.71 -32.30 -2.55
C GLU B 310 14.06 -33.60 -2.98
N ASP B 311 13.71 -34.47 -2.04
CA ASP B 311 13.10 -35.75 -2.34
C ASP B 311 11.57 -35.70 -2.30
N GLY B 312 10.99 -34.53 -2.09
CA GLY B 312 9.56 -34.35 -2.09
C GLY B 312 9.10 -33.61 -0.86
N VAL B 313 7.85 -33.84 -0.49
CA VAL B 313 7.26 -33.21 0.69
C VAL B 313 7.37 -34.17 1.86
N GLY B 314 7.87 -33.67 3.00
CA GLY B 314 8.02 -34.48 4.18
C GLY B 314 7.88 -33.63 5.43
N ASP B 315 7.96 -34.29 6.58
CA ASP B 315 7.87 -33.60 7.85
C ASP B 315 9.11 -32.73 8.06
N PRO B 316 8.96 -31.58 8.72
CA PRO B 316 10.12 -30.74 8.99
C PRO B 316 11.14 -31.45 9.87
N ARG B 317 12.41 -31.20 9.59
CA ARG B 317 13.50 -31.83 10.32
C ARG B 317 14.00 -30.92 11.44
N GLU B 318 14.76 -31.51 12.36
CA GLU B 318 15.31 -30.74 13.47
C GLU B 318 16.26 -29.64 13.00
N GLU B 319 16.87 -29.81 11.82
CA GLU B 319 17.70 -28.74 11.26
C GLU B 319 16.87 -27.48 11.01
N ASP B 320 15.65 -27.65 10.48
CA ASP B 320 14.75 -26.52 10.32
C ASP B 320 14.20 -26.04 11.67
N GLU B 321 14.29 -26.86 12.71
CA GLU B 321 13.79 -26.49 14.02
C GLU B 321 14.86 -25.77 14.83
N PHE C 1 8.29 -25.07 -35.93
CA PHE C 1 6.85 -25.18 -35.76
C PHE C 1 6.18 -25.64 -37.06
N VAL C 2 4.86 -25.51 -37.12
CA VAL C 2 4.07 -25.93 -38.27
C VAL C 2 3.61 -24.67 -38.99
N PRO C 3 4.01 -24.45 -40.25
CA PRO C 3 3.58 -23.26 -40.97
C PRO C 3 2.08 -23.23 -41.16
N ILE C 4 1.51 -22.02 -41.15
CA ILE C 4 0.08 -21.86 -41.32
C ILE C 4 -0.37 -22.26 -42.72
N GLU C 5 0.55 -22.29 -43.69
CA GLU C 5 0.18 -22.64 -45.05
C GLU C 5 -0.16 -24.12 -45.22
N LYS C 6 0.15 -24.96 -44.22
CA LYS C 6 -0.19 -26.38 -44.31
C LYS C 6 -1.67 -26.65 -44.11
N LEU C 7 -2.45 -25.66 -43.70
CA LEU C 7 -3.87 -25.84 -43.45
C LEU C 7 -4.73 -25.64 -44.69
N GLN C 8 -4.13 -25.36 -45.84
CA GLN C 8 -4.88 -25.13 -47.08
C GLN C 8 -5.33 -26.46 -47.68
N VAL C 9 -6.11 -27.21 -46.90
CA VAL C 9 -6.57 -28.54 -47.27
C VAL C 9 -8.06 -28.63 -46.99
N ASN C 10 -8.78 -29.34 -47.85
CA ASN C 10 -10.20 -29.63 -47.66
C ASN C 10 -11.05 -28.36 -47.61
N GLY C 11 -11.02 -27.62 -48.72
CA GLY C 11 -11.88 -26.47 -48.88
C GLY C 11 -11.39 -25.20 -48.22
N ILE C 12 -10.22 -25.20 -47.61
CA ILE C 12 -9.68 -23.99 -47.01
C ILE C 12 -9.00 -23.17 -48.11
N THR C 13 -9.55 -22.00 -48.39
CA THR C 13 -9.08 -21.18 -49.49
C THR C 13 -8.02 -20.20 -49.02
N MET C 14 -7.51 -19.39 -49.96
CA MET C 14 -6.50 -18.39 -49.63
C MET C 14 -7.05 -17.37 -48.64
N ALA C 15 -8.29 -16.91 -48.85
CA ALA C 15 -8.86 -15.87 -48.01
C ALA C 15 -9.02 -16.33 -46.58
N ASP C 16 -9.30 -17.62 -46.37
CA ASP C 16 -9.46 -18.14 -45.01
C ASP C 16 -8.18 -17.96 -44.21
N VAL C 17 -7.04 -18.28 -44.80
CA VAL C 17 -5.76 -18.08 -44.12
C VAL C 17 -5.47 -16.60 -43.95
N LYS C 18 -5.77 -15.80 -44.97
CA LYS C 18 -5.51 -14.36 -44.88
C LYS C 18 -6.32 -13.72 -43.77
N LYS C 19 -7.58 -14.13 -43.61
CA LYS C 19 -8.39 -13.62 -42.51
C LYS C 19 -7.80 -14.02 -41.17
N LEU C 20 -7.31 -15.26 -41.06
CA LEU C 20 -6.69 -15.70 -39.81
C LEU C 20 -5.43 -14.92 -39.52
N ARG C 21 -4.62 -14.64 -40.54
CA ARG C 21 -3.40 -13.85 -40.33
C ARG C 21 -3.73 -12.46 -39.84
N GLU C 22 -4.77 -11.83 -40.39
CA GLU C 22 -5.18 -10.51 -39.94
C GLU C 22 -5.71 -10.53 -38.51
N SER C 23 -6.16 -11.68 -38.03
CA SER C 23 -6.69 -11.79 -36.67
C SER C 23 -5.61 -12.09 -35.63
N GLY C 24 -4.36 -12.25 -36.06
CA GLY C 24 -3.27 -12.50 -35.14
C GLY C 24 -2.79 -13.93 -35.06
N LEU C 25 -3.35 -14.83 -35.87
CA LEU C 25 -2.93 -16.23 -35.90
C LEU C 25 -1.99 -16.43 -37.09
N HIS C 26 -0.74 -16.79 -36.80
CA HIS C 26 0.27 -16.93 -37.84
C HIS C 26 0.89 -18.31 -37.94
N THR C 27 0.54 -19.23 -37.04
CA THR C 27 1.07 -20.59 -37.08
C THR C 27 -0.07 -21.58 -36.91
N ALA C 28 0.14 -22.79 -37.43
CA ALA C 28 -0.84 -23.85 -37.24
C ALA C 28 -1.01 -24.18 -35.76
N GLU C 29 0.02 -23.94 -34.96
CA GLU C 29 -0.12 -24.08 -33.52
C GLU C 29 -1.08 -23.03 -32.96
N ALA C 30 -0.99 -21.80 -33.46
CA ALA C 30 -1.79 -20.71 -32.91
C ALA C 30 -3.28 -20.95 -33.11
N VAL C 31 -3.67 -21.40 -34.30
CA VAL C 31 -5.09 -21.69 -34.55
C VAL C 31 -5.54 -22.90 -33.74
N ALA C 32 -4.67 -23.91 -33.59
CA ALA C 32 -5.02 -25.08 -32.80
C ALA C 32 -5.22 -24.72 -31.33
N TYR C 33 -4.41 -23.80 -30.81
CA TYR C 33 -4.54 -23.40 -29.41
C TYR C 33 -5.67 -22.39 -29.19
N ALA C 34 -6.15 -21.75 -30.24
CA ALA C 34 -7.19 -20.73 -30.10
C ALA C 34 -8.51 -21.39 -29.74
N PRO C 35 -9.25 -20.88 -28.75
CA PRO C 35 -10.52 -21.49 -28.39
C PRO C 35 -11.56 -21.31 -29.48
N ARG C 36 -12.57 -22.18 -29.45
CA ARG C 36 -13.59 -22.17 -30.50
C ARG C 36 -14.35 -20.85 -30.50
N LYS C 37 -14.58 -20.27 -29.33
CA LYS C 37 -15.24 -18.97 -29.25
C LYS C 37 -14.42 -17.90 -29.95
N ASP C 38 -13.10 -17.90 -29.76
CA ASP C 38 -12.26 -16.86 -30.35
C ASP C 38 -12.26 -16.93 -31.86
N LEU C 39 -12.32 -18.14 -32.43
CA LEU C 39 -12.34 -18.28 -33.88
C LEU C 39 -13.63 -17.78 -34.50
N LEU C 40 -14.68 -17.56 -33.69
CA LEU C 40 -15.98 -17.19 -34.23
C LEU C 40 -16.12 -15.69 -34.52
N GLU C 41 -15.23 -14.85 -33.97
CA GLU C 41 -15.34 -13.42 -34.22
C GLU C 41 -14.67 -12.99 -35.51
N ILE C 42 -13.94 -13.89 -36.19
CA ILE C 42 -13.33 -13.54 -37.46
C ILE C 42 -14.41 -13.51 -38.54
N LYS C 43 -14.48 -12.40 -39.27
CA LYS C 43 -15.46 -12.27 -40.34
C LYS C 43 -15.15 -13.27 -41.45
N GLY C 44 -16.21 -13.88 -41.99
CA GLY C 44 -16.06 -14.87 -43.02
C GLY C 44 -15.75 -16.27 -42.51
N ILE C 45 -15.78 -16.49 -41.20
CA ILE C 45 -15.55 -17.80 -40.61
C ILE C 45 -16.90 -18.31 -40.13
N SER C 46 -17.35 -19.43 -40.70
CA SER C 46 -18.67 -19.97 -40.43
C SER C 46 -18.60 -20.99 -39.31
N GLU C 47 -19.77 -21.50 -38.92
CA GLU C 47 -19.83 -22.53 -37.89
C GLU C 47 -19.13 -23.80 -38.36
N ALA C 48 -19.41 -24.23 -39.60
CA ALA C 48 -18.75 -25.43 -40.12
C ALA C 48 -17.27 -25.21 -40.35
N LYS C 49 -16.91 -24.03 -40.86
CA LYS C 49 -15.52 -23.77 -41.20
C LYS C 49 -14.63 -23.76 -39.97
N ALA C 50 -15.12 -23.21 -38.86
CA ALA C 50 -14.33 -23.17 -37.63
C ALA C 50 -14.04 -24.57 -37.13
N ASP C 51 -15.02 -25.47 -37.18
CA ASP C 51 -14.81 -26.85 -36.76
C ASP C 51 -13.81 -27.55 -37.67
N LYS C 52 -13.88 -27.30 -38.98
CA LYS C 52 -12.92 -27.88 -39.90
C LYS C 52 -11.51 -27.37 -39.62
N LEU C 53 -11.38 -26.09 -39.30
CA LEU C 53 -10.07 -25.53 -38.98
C LEU C 53 -9.47 -26.20 -37.75
N LEU C 54 -10.28 -26.39 -36.70
CA LEU C 54 -9.78 -27.00 -35.48
C LEU C 54 -9.35 -28.44 -35.71
N ASN C 55 -10.14 -29.20 -36.48
CA ASN C 55 -9.80 -30.59 -36.71
C ASN C 55 -8.52 -30.74 -37.52
N GLU C 56 -8.37 -29.93 -38.57
CA GLU C 56 -7.16 -30.01 -39.38
C GLU C 56 -5.94 -29.55 -38.60
N ALA C 57 -6.09 -28.49 -37.81
CA ALA C 57 -4.97 -28.00 -37.00
C ALA C 57 -4.55 -29.03 -35.96
N ALA C 58 -5.53 -29.69 -35.33
CA ALA C 58 -5.22 -30.69 -34.33
C ALA C 58 -4.52 -31.91 -34.94
N ARG C 59 -4.70 -32.12 -36.24
CA ARG C 59 -4.02 -33.24 -36.91
C ARG C 59 -2.53 -32.98 -37.06
N LEU C 60 -2.13 -31.71 -37.11
CA LEU C 60 -0.72 -31.36 -37.28
C LEU C 60 -0.04 -30.98 -35.98
N VAL C 61 -0.79 -30.62 -34.95
CA VAL C 61 -0.25 -30.18 -33.66
C VAL C 61 -0.70 -31.17 -32.60
N PRO C 62 0.19 -31.68 -31.76
CA PRO C 62 -0.22 -32.68 -30.77
C PRO C 62 -1.13 -32.08 -29.71
N MET C 63 -2.25 -32.76 -29.46
CA MET C 63 -3.16 -32.40 -28.38
C MET C 63 -3.38 -33.52 -27.38
N GLY C 64 -2.92 -34.73 -27.66
CA GLY C 64 -3.18 -35.87 -26.82
C GLY C 64 -2.21 -35.96 -25.65
N PHE C 65 -2.12 -37.15 -25.09
CA PHE C 65 -1.29 -37.40 -23.93
C PHE C 65 0.10 -37.84 -24.36
N VAL C 66 1.02 -37.85 -23.41
CA VAL C 66 2.38 -38.32 -23.65
C VAL C 66 2.92 -38.89 -22.35
N THR C 67 3.73 -39.93 -22.46
CA THR C 67 4.36 -40.52 -21.30
C THR C 67 5.36 -39.54 -20.69
N ALA C 68 5.47 -39.57 -19.36
CA ALA C 68 6.42 -38.69 -18.69
C ALA C 68 7.85 -38.97 -19.13
N ALA C 69 8.12 -40.20 -19.59
CA ALA C 69 9.45 -40.52 -20.09
C ALA C 69 9.78 -39.73 -21.36
N ASP C 70 8.83 -39.66 -22.30
CA ASP C 70 9.07 -38.94 -23.54
C ASP C 70 9.21 -37.45 -23.30
N PHE C 71 8.35 -36.88 -22.45
CA PHE C 71 8.48 -35.46 -22.12
C PHE C 71 9.80 -35.18 -21.42
N HIS C 72 10.25 -36.13 -20.58
CA HIS C 72 11.55 -35.97 -19.93
C HIS C 72 12.68 -35.97 -20.94
N MET C 73 12.58 -36.82 -21.96
CA MET C 73 13.60 -36.83 -23.02
C MET C 73 13.63 -35.50 -23.77
N ARG C 74 12.45 -34.96 -24.09
CA ARG C 74 12.40 -33.69 -24.81
C ARG C 74 12.96 -32.56 -23.97
N ARG C 75 12.64 -32.53 -22.67
CA ARG C 75 13.12 -31.46 -21.82
C ARG C 75 14.63 -31.52 -21.62
N SER C 76 15.22 -32.70 -21.76
CA SER C 76 16.67 -32.82 -21.64
C SER C 76 17.39 -32.23 -22.84
N GLU C 77 16.70 -32.03 -23.95
CA GLU C 77 17.25 -31.40 -25.14
C GLU C 77 17.01 -29.89 -25.18
N LEU C 78 16.46 -29.34 -24.11
CA LEU C 78 16.14 -27.92 -24.07
C LEU C 78 17.40 -27.07 -24.11
N ILE C 79 17.34 -25.97 -24.87
CA ILE C 79 18.45 -25.04 -24.95
C ILE C 79 18.31 -24.02 -23.82
N CYS C 80 19.38 -23.83 -23.05
CA CYS C 80 19.42 -22.86 -21.98
C CYS C 80 20.41 -21.77 -22.34
N LEU C 81 19.97 -20.52 -22.34
CA LEU C 81 20.82 -19.40 -22.67
C LEU C 81 21.78 -19.12 -21.53
N THR C 82 23.07 -19.00 -21.85
CA THR C 82 24.06 -18.70 -20.81
C THR C 82 23.94 -17.26 -20.36
N THR C 83 24.13 -17.04 -19.07
CA THR C 83 24.07 -15.70 -18.49
C THR C 83 25.42 -15.01 -18.44
N GLY C 84 26.50 -15.70 -18.83
CA GLY C 84 27.82 -15.14 -18.76
C GLY C 84 28.48 -15.25 -17.41
N SER C 85 27.79 -15.78 -16.41
CA SER C 85 28.33 -15.94 -15.07
C SER C 85 28.19 -17.40 -14.64
N LYS C 86 29.32 -18.02 -14.27
CA LYS C 86 29.30 -19.41 -13.85
C LYS C 86 28.47 -19.59 -12.58
N ASN C 87 28.60 -18.67 -11.63
CA ASN C 87 27.83 -18.76 -10.40
C ASN C 87 26.33 -18.68 -10.67
N LEU C 88 25.93 -17.78 -11.57
CA LEU C 88 24.51 -17.65 -11.89
C LEU C 88 24.02 -18.76 -12.79
N ASP C 89 24.89 -19.29 -13.65
CA ASP C 89 24.49 -20.42 -14.50
C ASP C 89 24.19 -21.65 -13.66
N THR C 90 25.01 -21.93 -12.65
CA THR C 90 24.75 -23.06 -11.77
C THR C 90 23.47 -22.86 -10.98
N LEU C 91 23.20 -21.63 -10.55
CA LEU C 91 22.01 -21.35 -9.77
C LEU C 91 20.75 -21.67 -10.55
N LEU C 92 20.74 -21.35 -11.85
CA LEU C 92 19.60 -21.61 -12.71
C LEU C 92 19.67 -22.98 -13.39
N GLY C 93 20.66 -23.79 -13.06
CA GLY C 93 20.77 -25.11 -13.64
C GLY C 93 21.07 -25.13 -15.12
N GLY C 94 21.98 -24.28 -15.58
CA GLY C 94 22.35 -24.26 -16.98
C GLY C 94 22.24 -22.90 -17.63
N GLY C 95 21.29 -22.09 -17.16
CA GLY C 95 21.09 -20.76 -17.69
C GLY C 95 19.61 -20.45 -17.76
N VAL C 96 19.27 -19.48 -18.62
CA VAL C 96 17.88 -19.09 -18.79
C VAL C 96 17.18 -20.10 -19.68
N GLU C 97 16.05 -20.62 -19.20
CA GLU C 97 15.34 -21.69 -19.88
C GLU C 97 14.51 -21.15 -21.03
N THR C 98 14.53 -21.87 -22.16
CA THR C 98 13.70 -21.53 -23.30
C THR C 98 12.32 -22.16 -23.16
N GLY C 99 11.33 -21.49 -23.72
CA GLY C 99 9.96 -21.98 -23.63
C GLY C 99 9.25 -21.67 -22.34
N SER C 100 9.73 -20.69 -21.57
CA SER C 100 9.10 -20.33 -20.31
C SER C 100 9.42 -18.88 -20.01
N ILE C 101 8.64 -18.29 -19.10
CA ILE C 101 8.76 -16.89 -18.75
C ILE C 101 9.58 -16.77 -17.47
N THR C 102 10.62 -15.96 -17.52
CA THR C 102 11.47 -15.68 -16.37
C THR C 102 11.30 -14.23 -15.95
N GLU C 103 11.03 -14.02 -14.66
CA GLU C 103 10.77 -12.68 -14.13
C GLU C 103 11.89 -12.27 -13.19
N LEU C 104 12.43 -11.08 -13.42
CA LEU C 104 13.47 -10.50 -12.58
C LEU C 104 12.90 -9.26 -11.90
N PHE C 105 12.97 -9.22 -10.57
CA PHE C 105 12.47 -8.08 -9.82
C PHE C 105 13.48 -7.69 -8.76
N GLY C 106 13.46 -6.41 -8.39
CA GLY C 106 14.35 -5.92 -7.36
C GLY C 106 14.37 -4.41 -7.36
N GLU C 107 15.26 -3.88 -6.52
CA GLU C 107 15.45 -2.45 -6.39
C GLU C 107 16.16 -1.92 -7.65
N PHE C 108 16.44 -0.62 -7.66
CA PHE C 108 17.13 -0.03 -8.80
C PHE C 108 18.63 -0.32 -8.69
N ARG C 109 19.33 -0.04 -9.80
CA ARG C 109 20.73 -0.42 -10.06
C ARG C 109 21.07 -1.82 -9.52
N THR C 110 20.14 -2.76 -9.63
CA THR C 110 20.37 -4.13 -9.20
C THR C 110 20.77 -5.05 -10.35
N GLY C 111 20.92 -4.52 -11.56
CA GLY C 111 21.44 -5.31 -12.66
C GLY C 111 20.42 -6.01 -13.53
N LYS C 112 19.13 -5.70 -13.38
CA LYS C 112 18.11 -6.35 -14.20
C LYS C 112 18.30 -6.03 -15.68
N SER C 113 18.52 -4.76 -16.00
CA SER C 113 18.71 -4.37 -17.40
C SER C 113 20.04 -4.86 -17.92
N GLN C 114 21.07 -4.89 -17.07
CA GLN C 114 22.37 -5.41 -17.49
C GLN C 114 22.28 -6.88 -17.85
N LEU C 115 21.52 -7.66 -17.08
CA LEU C 115 21.35 -9.07 -17.40
C LEU C 115 20.62 -9.25 -18.73
N CYS C 116 19.60 -8.43 -18.99
CA CYS C 116 18.87 -8.53 -20.25
C CYS C 116 19.77 -8.18 -21.44
N HIS C 117 20.63 -7.17 -21.28
CA HIS C 117 21.53 -6.81 -22.37
C HIS C 117 22.49 -7.94 -22.68
N THR C 118 23.00 -8.62 -21.65
CA THR C 118 23.90 -9.74 -21.87
C THR C 118 23.19 -10.89 -22.58
N LEU C 119 21.95 -11.17 -22.21
CA LEU C 119 21.20 -12.24 -22.85
C LEU C 119 20.92 -11.92 -24.31
N ALA C 120 20.78 -10.63 -24.65
CA ALA C 120 20.55 -10.25 -26.03
C ALA C 120 21.73 -10.63 -26.92
N VAL C 121 22.92 -10.74 -26.35
CA VAL C 121 24.08 -11.11 -27.14
C VAL C 121 24.29 -12.62 -27.10
N THR C 122 24.11 -13.24 -25.94
CA THR C 122 24.33 -14.67 -25.80
C THR C 122 23.31 -15.52 -26.55
N CYS C 123 22.23 -14.92 -27.04
CA CYS C 123 21.24 -15.66 -27.82
C CYS C 123 21.66 -15.84 -29.27
N GLN C 124 22.80 -15.28 -29.68
CA GLN C 124 23.27 -15.39 -31.05
C GLN C 124 24.52 -16.23 -31.20
N ILE C 125 25.28 -16.44 -30.13
CA ILE C 125 26.51 -17.22 -30.18
C ILE C 125 26.15 -18.68 -30.42
N PRO C 126 27.07 -19.51 -30.92
CA PRO C 126 26.72 -20.90 -31.25
C PRO C 126 26.25 -21.69 -30.05
N LEU C 127 25.64 -22.84 -30.35
CA LEU C 127 25.03 -23.68 -29.31
C LEU C 127 26.08 -24.22 -28.34
N ASP C 128 27.25 -24.61 -28.85
CA ASP C 128 28.23 -25.30 -28.03
C ASP C 128 28.74 -24.45 -26.87
N ILE C 129 28.64 -23.13 -26.97
CA ILE C 129 29.09 -22.24 -25.92
C ILE C 129 27.91 -21.62 -25.17
N GLY C 130 26.75 -22.26 -25.21
CA GLY C 130 25.61 -21.83 -24.44
C GLY C 130 24.66 -20.89 -25.13
N GLY C 131 24.75 -20.73 -26.44
CA GLY C 131 23.90 -19.83 -27.19
C GLY C 131 22.65 -20.51 -27.72
N GLY C 132 22.02 -19.84 -28.67
CA GLY C 132 20.83 -20.37 -29.31
C GLY C 132 20.84 -20.17 -30.81
N GLU C 133 21.84 -19.46 -31.33
CA GLU C 133 22.00 -19.19 -32.75
C GLU C 133 20.75 -18.54 -33.34
N GLY C 134 20.31 -17.46 -32.71
CA GLY C 134 19.13 -16.76 -33.17
C GLY C 134 19.20 -15.26 -32.99
N LYS C 135 18.08 -14.58 -33.20
CA LYS C 135 17.99 -13.14 -33.05
C LYS C 135 17.21 -12.78 -31.80
N CYS C 136 17.36 -11.54 -31.35
CA CYS C 136 16.71 -11.06 -30.15
C CYS C 136 15.72 -9.94 -30.49
N LEU C 137 14.64 -9.89 -29.72
CA LEU C 137 13.62 -8.85 -29.85
C LEU C 137 13.47 -8.19 -28.49
N TYR C 138 13.69 -6.88 -28.43
CA TYR C 138 13.80 -6.16 -27.17
C TYR C 138 12.70 -5.11 -27.11
N ILE C 139 11.62 -5.39 -26.40
CA ILE C 139 10.54 -4.44 -26.19
C ILE C 139 10.83 -3.65 -24.92
N ASP C 140 10.85 -2.34 -25.03
CA ASP C 140 11.26 -1.46 -23.94
C ASP C 140 10.15 -0.47 -23.62
N THR C 141 9.88 -0.27 -22.33
CA THR C 141 8.84 0.63 -21.89
C THR C 141 9.34 1.82 -21.08
N GLU C 142 10.61 1.83 -20.68
CA GLU C 142 11.15 2.91 -19.87
C GLU C 142 12.17 3.77 -20.61
N GLY C 143 12.58 3.39 -21.81
CA GLY C 143 13.55 4.18 -22.55
C GLY C 143 14.98 4.01 -22.08
N THR C 144 15.34 2.85 -21.53
CA THR C 144 16.67 2.63 -21.01
C THR C 144 17.38 1.49 -21.74
N PHE C 145 17.27 1.47 -23.06
CA PHE C 145 17.97 0.50 -23.89
C PHE C 145 19.17 1.18 -24.54
N ARG C 146 20.34 0.58 -24.42
CA ARG C 146 21.58 1.16 -24.92
C ARG C 146 22.31 0.17 -25.79
N PRO C 147 22.37 0.38 -27.11
CA PRO C 147 23.20 -0.50 -27.96
C PRO C 147 24.69 -0.38 -27.67
N VAL C 148 25.11 0.61 -26.89
CA VAL C 148 26.53 0.73 -26.53
C VAL C 148 26.97 -0.47 -25.72
N ARG C 149 26.12 -0.96 -24.82
CA ARG C 149 26.47 -2.12 -24.01
C ARG C 149 26.63 -3.36 -24.86
N LEU C 150 25.78 -3.52 -25.88
CA LEU C 150 25.87 -4.71 -26.73
C LEU C 150 27.20 -4.74 -27.48
N VAL C 151 27.74 -3.58 -27.84
CA VAL C 151 29.02 -3.53 -28.53
C VAL C 151 30.12 -4.09 -27.64
N SER C 152 30.12 -3.70 -26.36
CA SER C 152 31.15 -4.18 -25.44
C SER C 152 30.99 -5.67 -25.17
N ILE C 153 29.76 -6.14 -24.99
CA ILE C 153 29.55 -7.54 -24.64
C ILE C 153 29.86 -8.45 -25.83
N ALA C 154 29.47 -8.04 -27.03
CA ALA C 154 29.67 -8.88 -28.20
C ALA C 154 31.16 -9.10 -28.45
N GLN C 155 32.00 -8.15 -28.07
CA GLN C 155 33.44 -8.31 -28.24
C GLN C 155 33.98 -9.40 -27.33
N ARG C 156 33.38 -9.56 -26.14
CA ARG C 156 33.85 -10.56 -25.20
C ARG C 156 33.64 -11.97 -25.73
N PHE C 157 32.52 -12.22 -26.39
CA PHE C 157 32.15 -13.55 -26.86
C PHE C 157 32.65 -13.84 -28.26
N GLY C 158 33.42 -12.95 -28.87
CA GLY C 158 33.95 -13.19 -30.20
C GLY C 158 33.01 -12.87 -31.33
N LEU C 159 32.02 -12.00 -31.11
CA LEU C 159 31.06 -11.63 -32.14
C LEU C 159 31.45 -10.30 -32.78
N ASP C 160 31.08 -10.15 -34.04
CA ASP C 160 31.32 -8.89 -34.75
C ASP C 160 30.30 -7.85 -34.29
N PRO C 161 30.73 -6.68 -33.82
CA PRO C 161 29.76 -5.70 -33.29
C PRO C 161 28.69 -5.31 -34.30
N ASP C 162 29.04 -5.15 -35.57
CA ASP C 162 28.04 -4.77 -36.56
C ASP C 162 27.01 -5.88 -36.74
N ASP C 163 27.45 -7.13 -36.81
CA ASP C 163 26.52 -8.25 -36.95
C ASP C 163 25.68 -8.42 -35.70
N ALA C 164 26.28 -8.20 -34.52
CA ALA C 164 25.53 -8.33 -33.29
C ALA C 164 24.41 -7.30 -33.20
N LEU C 165 24.69 -6.07 -33.63
CA LEU C 165 23.69 -5.01 -33.62
C LEU C 165 22.68 -5.14 -34.75
N ASN C 166 22.95 -5.99 -35.74
CA ASN C 166 22.04 -6.18 -36.87
C ASN C 166 21.09 -7.34 -36.66
N ASN C 167 21.15 -8.02 -35.51
CA ASN C 167 20.27 -9.14 -35.22
C ASN C 167 19.45 -8.91 -33.97
N VAL C 168 19.24 -7.66 -33.57
CA VAL C 168 18.45 -7.31 -32.40
C VAL C 168 17.40 -6.30 -32.84
N ALA C 169 16.15 -6.75 -32.90
CA ALA C 169 15.03 -5.86 -33.24
C ALA C 169 14.60 -5.13 -31.98
N TYR C 170 14.41 -3.81 -32.10
CA TYR C 170 14.06 -2.97 -30.98
C TYR C 170 12.75 -2.26 -31.24
N ALA C 171 11.97 -2.04 -30.19
CA ALA C 171 10.71 -1.33 -30.27
C ALA C 171 10.36 -0.81 -28.88
N ARG C 172 9.84 0.41 -28.82
CA ARG C 172 9.48 1.03 -27.56
C ARG C 172 7.98 1.13 -27.43
N ALA C 173 7.47 0.79 -26.25
CA ALA C 173 6.05 0.92 -25.94
C ALA C 173 5.80 2.22 -25.19
N TYR C 174 4.65 2.83 -25.44
CA TYR C 174 4.31 4.11 -24.84
C TYR C 174 3.06 4.08 -23.97
N ASN C 175 2.24 3.04 -24.06
CA ASN C 175 1.11 2.88 -23.16
C ASN C 175 0.74 1.40 -23.13
N ALA C 176 -0.23 1.06 -22.27
CA ALA C 176 -0.61 -0.34 -22.11
C ALA C 176 -1.19 -0.91 -23.39
N ASP C 177 -2.00 -0.14 -24.10
CA ASP C 177 -2.59 -0.62 -25.35
C ASP C 177 -1.52 -0.88 -26.40
N HIS C 178 -0.54 0.03 -26.51
CA HIS C 178 0.55 -0.18 -27.45
C HIS C 178 1.41 -1.37 -27.05
N GLN C 179 1.58 -1.57 -25.74
CA GLN C 179 2.41 -2.68 -25.26
C GLN C 179 1.84 -4.03 -25.70
N LEU C 180 0.52 -4.19 -25.60
CA LEU C 180 -0.11 -5.44 -26.01
C LEU C 180 -0.15 -5.57 -27.53
N ARG C 181 -0.30 -4.45 -28.25
CA ARG C 181 -0.37 -4.49 -29.70
C ARG C 181 0.95 -4.93 -30.32
N LEU C 182 2.07 -4.64 -29.67
CA LEU C 182 3.37 -5.00 -30.22
C LEU C 182 3.57 -6.51 -30.31
N LEU C 183 2.86 -7.29 -29.50
CA LEU C 183 3.03 -8.74 -29.52
C LEU C 183 2.56 -9.35 -30.83
N ASP C 184 1.47 -8.84 -31.41
CA ASP C 184 1.00 -9.34 -32.69
C ASP C 184 2.04 -9.10 -33.79
N ALA C 185 2.66 -7.92 -33.78
CA ALA C 185 3.70 -7.63 -34.75
C ALA C 185 4.89 -8.56 -34.56
N ALA C 186 5.21 -8.89 -33.31
CA ALA C 186 6.33 -9.80 -33.05
C ALA C 186 6.06 -11.18 -33.61
N ALA C 187 4.83 -11.68 -33.48
CA ALA C 187 4.52 -13.02 -33.95
C ALA C 187 4.70 -13.15 -35.45
N GLN C 188 4.32 -12.13 -36.20
CA GLN C 188 4.55 -12.14 -37.65
C GLN C 188 6.03 -12.20 -37.97
N MET C 189 6.85 -11.42 -37.25
CA MET C 189 8.29 -11.47 -37.46
C MET C 189 8.85 -12.83 -37.11
N MET C 190 8.38 -13.41 -36.00
CA MET C 190 8.91 -14.67 -35.51
C MET C 190 8.58 -15.84 -36.43
N SER C 191 7.52 -15.73 -37.23
CA SER C 191 7.14 -16.80 -38.13
C SER C 191 7.94 -16.80 -39.43
N GLU C 192 8.73 -15.76 -39.68
CA GLU C 192 9.52 -15.67 -40.89
C GLU C 192 11.02 -15.79 -40.65
N SER C 193 11.47 -15.73 -39.40
CA SER C 193 12.89 -15.85 -39.08
C SER C 193 13.03 -16.49 -37.71
N ARG C 194 14.23 -16.98 -37.43
CA ARG C 194 14.49 -17.69 -36.19
C ARG C 194 14.82 -16.69 -35.09
N PHE C 195 13.92 -16.56 -34.12
CA PHE C 195 14.15 -15.80 -32.91
C PHE C 195 14.38 -16.75 -31.75
N SER C 196 15.17 -16.31 -30.78
CA SER C 196 15.46 -17.14 -29.62
C SER C 196 15.22 -16.44 -28.29
N LEU C 197 14.91 -15.14 -28.28
CA LEU C 197 14.68 -14.44 -27.04
C LEU C 197 13.80 -13.22 -27.31
N ILE C 198 12.91 -12.93 -26.36
CA ILE C 198 12.11 -11.71 -26.38
C ILE C 198 12.13 -11.10 -24.98
N VAL C 199 12.32 -9.80 -24.89
CA VAL C 199 12.50 -9.11 -23.62
C VAL C 199 11.48 -7.99 -23.51
N VAL C 200 10.80 -7.93 -22.38
CA VAL C 200 9.93 -6.81 -22.02
C VAL C 200 10.48 -6.20 -20.75
N ASP C 201 10.81 -4.91 -20.78
CA ASP C 201 11.52 -4.26 -19.68
C ASP C 201 11.08 -2.80 -19.64
N SER C 202 10.18 -2.48 -18.71
CA SER C 202 9.59 -3.46 -17.80
C SER C 202 8.09 -3.56 -18.04
N VAL C 203 7.44 -4.48 -17.33
CA VAL C 203 6.04 -4.80 -17.60
C VAL C 203 5.11 -3.81 -16.92
N MET C 204 5.27 -3.61 -15.62
CA MET C 204 4.31 -2.86 -14.83
C MET C 204 4.58 -1.35 -14.85
N ALA C 205 5.58 -0.88 -15.58
CA ALA C 205 5.86 0.55 -15.61
C ALA C 205 4.69 1.35 -16.17
N LEU C 206 4.11 0.88 -17.29
CA LEU C 206 3.02 1.60 -17.91
C LEU C 206 1.70 1.40 -17.18
N TYR C 207 1.48 0.19 -16.63
CA TYR C 207 0.22 -0.10 -15.96
C TYR C 207 0.05 0.71 -14.67
N ARG C 208 1.14 1.17 -14.08
CA ARG C 208 1.04 1.90 -12.82
C ARG C 208 0.31 3.21 -12.98
N THR C 209 0.56 3.93 -14.07
CA THR C 209 -0.01 5.25 -14.27
C THR C 209 -1.21 5.27 -15.20
N ASP C 210 -1.35 4.27 -16.08
CA ASP C 210 -2.49 4.24 -16.98
C ASP C 210 -3.80 3.99 -16.23
N PHE C 211 -3.74 3.20 -15.16
CA PHE C 211 -4.89 2.91 -14.32
C PHE C 211 -4.66 3.52 -12.95
N SER C 212 -5.56 4.41 -12.53
CA SER C 212 -5.39 5.20 -11.32
C SER C 212 -6.53 4.93 -10.35
N GLY C 213 -6.18 4.71 -9.09
CA GLY C 213 -7.15 4.58 -8.03
C GLY C 213 -7.67 3.16 -7.86
N ARG C 214 -8.43 2.97 -6.77
CA ARG C 214 -9.03 1.67 -6.48
C ARG C 214 -10.19 1.34 -7.41
N GLY C 215 -10.83 2.36 -8.00
CA GLY C 215 -11.94 2.10 -8.89
C GLY C 215 -11.55 1.45 -10.19
N GLU C 216 -10.30 1.64 -10.63
CA GLU C 216 -9.80 1.04 -11.86
C GLU C 216 -8.86 -0.13 -11.59
N LEU C 217 -8.78 -0.60 -10.34
CA LEU C 217 -7.90 -1.71 -10.03
C LEU C 217 -8.32 -2.99 -10.74
N SER C 218 -9.62 -3.28 -10.77
CA SER C 218 -10.10 -4.48 -11.43
C SER C 218 -9.80 -4.45 -12.92
N ALA C 219 -10.00 -3.29 -13.57
CA ALA C 219 -9.69 -3.17 -14.98
C ALA C 219 -8.20 -3.34 -15.24
N ARG C 220 -7.36 -2.79 -14.36
CA ARG C 220 -5.92 -2.89 -14.54
C ARG C 220 -5.45 -4.34 -14.49
N GLN C 221 -5.93 -5.09 -13.50
CA GLN C 221 -5.46 -6.46 -13.32
C GLN C 221 -5.88 -7.36 -14.48
N MET C 222 -7.08 -7.15 -15.00
CA MET C 222 -7.55 -8.02 -16.08
C MET C 222 -6.82 -7.72 -17.38
N HIS C 223 -6.53 -6.45 -17.64
CA HIS C 223 -5.74 -6.11 -18.82
C HIS C 223 -4.34 -6.72 -18.73
N LEU C 224 -3.74 -6.69 -17.54
CA LEU C 224 -2.43 -7.29 -17.35
C LEU C 224 -2.46 -8.78 -17.60
N ALA C 225 -3.52 -9.45 -17.14
CA ALA C 225 -3.62 -10.91 -17.33
C ALA C 225 -3.70 -11.26 -18.82
N LYS C 226 -4.39 -10.44 -19.61
CA LYS C 226 -4.44 -10.66 -21.05
C LYS C 226 -3.05 -10.55 -21.66
N PHE C 227 -2.26 -9.58 -21.21
CA PHE C 227 -0.91 -9.43 -21.74
C PHE C 227 -0.04 -10.62 -21.40
N MET C 228 -0.12 -11.10 -20.15
CA MET C 228 0.73 -12.21 -19.75
C MET C 228 0.34 -13.50 -20.47
N ARG C 229 -0.95 -13.72 -20.69
CA ARG C 229 -1.39 -14.89 -21.44
C ARG C 229 -0.86 -14.85 -22.86
N ALA C 230 -0.87 -13.67 -23.49
CA ALA C 230 -0.34 -13.56 -24.85
C ALA C 230 1.15 -13.86 -24.88
N LEU C 231 1.89 -13.45 -23.84
CA LEU C 231 3.31 -13.75 -23.78
C LEU C 231 3.55 -15.25 -23.69
N GLN C 232 2.74 -15.95 -22.89
CA GLN C 232 2.92 -17.40 -22.76
C GLN C 232 2.67 -18.12 -24.08
N ARG C 233 1.68 -17.65 -24.85
CA ARG C 233 1.37 -18.29 -26.13
C ARG C 233 2.54 -18.17 -27.10
N LEU C 234 3.29 -17.08 -27.04
CA LEU C 234 4.47 -16.95 -27.89
C LEU C 234 5.51 -18.01 -27.56
N ALA C 235 5.69 -18.30 -26.26
CA ALA C 235 6.65 -19.33 -25.87
C ALA C 235 6.23 -20.70 -26.37
N ASP C 236 4.94 -21.01 -26.31
CA ASP C 236 4.48 -22.31 -26.79
C ASP C 236 4.55 -22.40 -28.32
N GLN C 237 4.24 -21.31 -29.01
CA GLN C 237 4.24 -21.33 -30.47
C GLN C 237 5.65 -21.50 -31.02
N PHE C 238 6.60 -20.72 -30.53
CA PHE C 238 7.93 -20.67 -31.12
C PHE C 238 9.03 -21.24 -30.24
N GLY C 239 8.76 -21.48 -28.96
CA GLY C 239 9.76 -22.06 -28.10
C GLY C 239 10.79 -21.12 -27.55
N VAL C 240 10.67 -19.82 -27.84
CA VAL C 240 11.67 -18.83 -27.43
C VAL C 240 11.61 -18.61 -25.92
N ALA C 241 12.63 -17.97 -25.38
CA ALA C 241 12.69 -17.66 -23.96
C ALA C 241 12.23 -16.23 -23.74
N VAL C 242 11.29 -16.04 -22.80
CA VAL C 242 10.74 -14.73 -22.49
C VAL C 242 11.33 -14.26 -21.17
N VAL C 243 11.87 -13.04 -21.16
CA VAL C 243 12.44 -12.44 -19.96
C VAL C 243 11.71 -11.13 -19.72
N VAL C 244 11.13 -10.99 -18.53
CA VAL C 244 10.39 -9.78 -18.16
C VAL C 244 10.92 -9.29 -16.82
N THR C 245 11.18 -7.99 -16.73
CA THR C 245 11.67 -7.39 -15.50
C THR C 245 10.53 -6.66 -14.79
N ASN C 246 10.65 -6.54 -13.48
CA ASN C 246 9.61 -5.93 -12.67
C ASN C 246 10.24 -5.00 -11.65
N GLN C 247 9.47 -4.00 -11.22
CA GLN C 247 9.90 -3.07 -10.20
C GLN C 247 9.49 -3.59 -8.82
N VAL C 248 9.80 -2.82 -7.79
CA VAL C 248 9.53 -3.22 -6.42
C VAL C 248 8.91 -2.04 -5.68
N VAL C 249 8.14 -2.35 -4.63
CA VAL C 249 7.51 -1.35 -3.80
C VAL C 249 7.77 -1.70 -2.35
N ALA C 250 7.85 -0.68 -1.50
CA ALA C 250 8.11 -0.86 -0.08
C ALA C 250 6.78 -0.95 0.67
N GLN C 251 6.53 -2.10 1.28
CA GLN C 251 5.30 -2.28 2.04
C GLN C 251 5.33 -1.42 3.31
N VAL C 252 4.19 -0.78 3.59
CA VAL C 252 4.12 0.15 4.71
C VAL C 252 3.38 -0.46 5.89
N ASP C 253 2.39 -1.30 5.64
CA ASP C 253 1.59 -1.89 6.70
C ASP C 253 2.45 -2.87 7.48
N GLY C 254 2.92 -2.44 8.65
CA GLY C 254 3.80 -3.25 9.47
C GLY C 254 3.08 -4.27 10.32
N GLY C 255 1.95 -4.77 9.83
CA GLY C 255 1.25 -5.82 10.55
C GLY C 255 2.04 -7.11 10.63
N MET C 256 2.79 -7.43 9.58
CA MET C 256 3.64 -8.61 9.54
C MET C 256 5.11 -8.19 9.54
N ALA C 257 5.93 -8.98 10.22
CA ALA C 257 7.36 -8.71 10.30
C ALA C 257 8.21 -9.97 10.11
N PHE C 258 7.60 -11.08 9.70
CA PHE C 258 8.35 -12.32 9.50
C PHE C 258 9.37 -12.17 8.37
N ASN C 259 8.97 -11.52 7.28
CA ASN C 259 9.87 -11.34 6.15
C ASN C 259 10.85 -10.22 6.44
N PRO C 260 12.16 -10.49 6.47
CA PRO C 260 13.13 -9.39 6.67
C PRO C 260 13.13 -8.38 5.55
N ASP C 261 12.66 -8.74 4.37
CA ASP C 261 12.62 -7.80 3.25
C ASP C 261 11.36 -6.95 3.33
N PRO C 262 11.47 -5.63 3.46
CA PRO C 262 10.27 -4.79 3.53
C PRO C 262 9.78 -4.38 2.15
N LYS C 263 10.26 -5.05 1.11
CA LYS C 263 9.93 -4.70 -0.27
C LYS C 263 9.31 -5.88 -0.99
N LYS C 264 8.26 -5.61 -1.76
CA LYS C 264 7.56 -6.60 -2.54
C LYS C 264 7.36 -6.10 -3.97
N PRO C 265 7.25 -6.99 -4.94
CA PRO C 265 7.14 -6.54 -6.33
C PRO C 265 5.73 -6.12 -6.71
N ILE C 266 5.66 -5.33 -7.78
CA ILE C 266 4.40 -4.84 -8.32
C ILE C 266 3.76 -5.93 -9.16
N GLY C 267 2.43 -6.01 -9.11
CA GLY C 267 1.69 -6.92 -9.95
C GLY C 267 0.56 -7.64 -9.26
N GLY C 268 0.69 -7.84 -7.94
CA GLY C 268 -0.33 -8.58 -7.25
C GLY C 268 -0.26 -10.07 -7.56
N ASN C 269 -1.39 -10.74 -7.42
CA ASN C 269 -1.42 -12.19 -7.64
C ASN C 269 -1.42 -12.55 -9.12
N ILE C 270 -1.78 -11.61 -9.99
CA ILE C 270 -1.76 -11.88 -11.43
C ILE C 270 -0.34 -12.11 -11.91
N MET C 271 0.59 -11.25 -11.48
CA MET C 271 1.99 -11.41 -11.87
C MET C 271 2.64 -12.57 -11.15
N ALA C 272 2.24 -12.83 -9.89
CA ALA C 272 2.90 -13.87 -9.11
C ALA C 272 2.69 -15.25 -9.72
N HIS C 273 1.47 -15.54 -10.15
CA HIS C 273 1.16 -16.87 -10.68
C HIS C 273 1.54 -17.04 -12.15
N SER C 274 1.69 -15.95 -12.89
CA SER C 274 1.96 -16.06 -14.33
C SER C 274 3.40 -16.48 -14.59
N SER C 275 4.36 -15.91 -13.86
CA SER C 275 5.77 -16.16 -14.14
C SER C 275 6.15 -17.57 -13.74
N THR C 276 6.88 -18.26 -14.62
CA THR C 276 7.36 -19.60 -14.29
C THR C 276 8.49 -19.54 -13.26
N THR C 277 9.44 -18.62 -13.45
CA THR C 277 10.57 -18.45 -12.55
C THR C 277 10.67 -16.99 -12.15
N ARG C 278 10.92 -16.74 -10.86
CA ARG C 278 11.09 -15.40 -10.33
C ARG C 278 12.42 -15.31 -9.62
N LEU C 279 13.19 -14.27 -9.90
CA LEU C 279 14.49 -14.04 -9.27
C LEU C 279 14.49 -12.67 -8.60
N GLY C 280 15.03 -12.62 -7.39
CA GLY C 280 15.15 -11.39 -6.63
C GLY C 280 16.60 -10.91 -6.61
N PHE C 281 16.79 -9.63 -6.92
CA PHE C 281 18.11 -9.04 -7.04
C PHE C 281 18.32 -8.02 -5.93
N LYS C 282 19.51 -8.07 -5.32
CA LYS C 282 19.89 -7.12 -4.28
C LYS C 282 21.31 -6.64 -4.55
N LYS C 283 21.64 -5.48 -4.01
CA LYS C 283 22.98 -4.92 -4.17
C LYS C 283 23.90 -5.41 -3.05
N GLY C 284 25.08 -5.85 -3.41
CA GLY C 284 26.10 -6.21 -2.45
C GLY C 284 27.07 -5.08 -2.19
N LYS C 285 28.36 -5.37 -2.28
CA LYS C 285 29.40 -4.37 -2.07
C LYS C 285 30.04 -4.01 -3.39
N GLY C 286 30.13 -2.72 -3.67
CA GLY C 286 30.75 -2.24 -4.89
C GLY C 286 29.97 -2.61 -6.14
N CYS C 287 30.58 -3.42 -7.00
CA CYS C 287 29.95 -3.86 -8.25
C CYS C 287 29.35 -5.25 -8.13
N GLN C 288 29.22 -5.78 -6.92
CA GLN C 288 28.66 -7.10 -6.70
C GLN C 288 27.18 -7.00 -6.37
N ARG C 289 26.42 -7.99 -6.84
CA ARG C 289 24.99 -8.06 -6.60
C ARG C 289 24.64 -9.45 -6.11
N LEU C 290 23.50 -9.56 -5.43
CA LEU C 290 23.01 -10.82 -4.88
C LEU C 290 21.77 -11.25 -5.63
N CYS C 291 21.75 -12.51 -6.07
CA CYS C 291 20.60 -13.09 -6.75
C CYS C 291 20.06 -14.24 -5.90
N LYS C 292 18.74 -14.36 -5.86
CA LYS C 292 18.09 -15.39 -5.06
C LYS C 292 16.85 -15.89 -5.78
N VAL C 293 16.72 -17.20 -5.91
CA VAL C 293 15.56 -17.80 -6.53
C VAL C 293 14.39 -17.73 -5.56
N VAL C 294 13.29 -17.15 -6.01
CA VAL C 294 12.11 -16.97 -5.17
C VAL C 294 11.06 -18.03 -5.45
N ASP C 295 10.70 -18.23 -6.72
CA ASP C 295 9.71 -19.23 -7.09
C ASP C 295 10.19 -19.96 -8.33
N SER C 296 10.23 -21.29 -8.26
CA SER C 296 10.60 -22.12 -9.39
C SER C 296 10.09 -23.53 -9.14
N PRO C 297 9.52 -24.19 -10.14
CA PRO C 297 8.97 -25.54 -9.91
C PRO C 297 10.03 -26.62 -9.73
N CYS C 298 11.29 -26.38 -10.13
CA CYS C 298 12.29 -27.43 -10.06
C CYS C 298 13.64 -26.94 -9.57
N LEU C 299 13.71 -25.80 -8.88
CA LEU C 299 14.97 -25.27 -8.39
C LEU C 299 14.87 -24.98 -6.90
N PRO C 300 15.82 -25.43 -6.09
CA PRO C 300 15.80 -25.12 -4.67
C PRO C 300 16.06 -23.64 -4.42
N GLU C 301 15.53 -23.15 -3.31
CA GLU C 301 15.68 -21.74 -2.95
C GLU C 301 17.10 -21.46 -2.46
N ALA C 302 17.96 -21.03 -3.37
CA ALA C 302 19.37 -20.77 -3.07
C ALA C 302 19.70 -19.30 -3.31
N GLU C 303 20.98 -18.97 -3.21
CA GLU C 303 21.44 -17.61 -3.39
C GLU C 303 22.86 -17.64 -3.94
N CYS C 304 23.15 -16.71 -4.86
CA CYS C 304 24.46 -16.62 -5.48
C CYS C 304 24.83 -15.15 -5.68
N VAL C 305 26.12 -14.90 -5.85
CA VAL C 305 26.65 -13.56 -6.00
C VAL C 305 27.24 -13.42 -7.40
N PHE C 306 26.84 -12.35 -8.10
CA PHE C 306 27.38 -12.02 -9.40
C PHE C 306 27.74 -10.54 -9.44
N ALA C 307 28.63 -10.19 -10.35
CA ALA C 307 29.15 -8.84 -10.45
C ALA C 307 28.95 -8.31 -11.88
N ILE C 308 28.78 -7.00 -11.98
CA ILE C 308 28.57 -6.33 -13.26
C ILE C 308 29.87 -5.67 -13.69
N TYR C 309 30.31 -5.96 -14.91
CA TYR C 309 31.53 -5.39 -15.46
C TYR C 309 31.21 -4.79 -16.83
N GLU C 310 32.18 -4.05 -17.36
CA GLU C 310 31.96 -3.31 -18.60
C GLU C 310 31.73 -4.24 -19.79
N ASP C 311 32.16 -5.49 -19.72
CA ASP C 311 31.94 -6.45 -20.79
C ASP C 311 30.72 -7.33 -20.54
N GLY C 312 29.96 -7.06 -19.49
CA GLY C 312 28.73 -7.77 -19.21
C GLY C 312 28.71 -8.34 -17.81
N VAL C 313 27.68 -9.13 -17.54
CA VAL C 313 27.55 -9.79 -16.25
C VAL C 313 28.56 -10.94 -16.18
N GLY C 314 29.33 -10.99 -15.10
CA GLY C 314 30.33 -12.01 -14.94
C GLY C 314 30.50 -12.41 -13.49
N ASP C 315 31.29 -13.45 -13.28
CA ASP C 315 31.57 -13.92 -11.94
C ASP C 315 32.41 -12.89 -11.18
N PRO C 316 32.25 -12.79 -9.86
CA PRO C 316 33.06 -11.85 -9.08
C PRO C 316 34.54 -12.19 -9.19
N ARG C 317 35.36 -11.15 -9.25
CA ARG C 317 36.79 -11.30 -9.42
C ARG C 317 37.52 -11.13 -8.09
N GLU C 318 38.75 -11.63 -8.04
CA GLU C 318 39.57 -11.51 -6.83
C GLU C 318 39.91 -10.07 -6.52
N GLU C 319 39.91 -9.19 -7.52
CA GLU C 319 40.15 -7.77 -7.26
C GLU C 319 39.07 -7.20 -6.36
N ASP C 320 37.80 -7.56 -6.61
CA ASP C 320 36.71 -7.16 -5.74
C ASP C 320 36.63 -7.98 -4.47
N GLU C 321 37.35 -9.10 -4.39
CA GLU C 321 37.32 -9.96 -3.22
C GLU C 321 38.56 -9.75 -2.35
N PHE D 1 9.79 17.72 -34.10
CA PHE D 1 8.56 16.97 -33.92
C PHE D 1 7.65 17.12 -35.13
N VAL D 2 6.41 16.63 -35.00
CA VAL D 2 5.42 16.68 -36.06
C VAL D 2 4.23 17.50 -35.55
N PRO D 3 3.88 18.61 -36.20
CA PRO D 3 2.75 19.42 -35.72
C PRO D 3 1.44 18.65 -35.77
N ILE D 4 0.56 18.94 -34.81
CA ILE D 4 -0.73 18.28 -34.76
C ILE D 4 -1.65 18.71 -35.89
N GLU D 5 -1.34 19.84 -36.55
CA GLU D 5 -2.17 20.29 -37.66
C GLU D 5 -2.10 19.35 -38.86
N LYS D 6 -1.07 18.50 -38.93
CA LYS D 6 -0.95 17.56 -40.04
C LYS D 6 -1.97 16.43 -39.96
N LEU D 7 -2.69 16.30 -38.85
CA LEU D 7 -3.77 15.32 -38.74
C LEU D 7 -5.05 15.79 -39.42
N GLN D 8 -5.01 16.90 -40.15
CA GLN D 8 -6.18 17.44 -40.83
C GLN D 8 -6.45 16.70 -42.13
N VAL D 9 -6.63 15.39 -42.01
CA VAL D 9 -6.84 14.50 -43.14
C VAL D 9 -7.98 13.56 -42.82
N ASN D 10 -8.83 13.30 -43.82
CA ASN D 10 -9.88 12.29 -43.74
C ASN D 10 -10.88 12.58 -42.62
N GLY D 11 -11.58 13.70 -42.77
CA GLY D 11 -12.69 14.01 -41.90
C GLY D 11 -12.34 14.65 -40.57
N ILE D 12 -11.09 15.07 -40.39
CA ILE D 12 -10.67 15.77 -39.18
C ILE D 12 -10.70 17.27 -39.45
N THR D 13 -11.39 18.01 -38.60
CA THR D 13 -11.60 19.44 -38.80
C THR D 13 -10.98 20.23 -37.66
N MET D 14 -11.17 21.55 -37.70
CA MET D 14 -10.64 22.43 -36.67
C MET D 14 -11.19 22.08 -35.30
N ALA D 15 -12.49 21.78 -35.22
CA ALA D 15 -13.12 21.49 -33.94
C ALA D 15 -12.49 20.27 -33.27
N ASP D 16 -12.19 19.23 -34.06
CA ASP D 16 -11.55 18.05 -33.48
C ASP D 16 -10.16 18.38 -32.95
N VAL D 17 -9.38 19.12 -33.72
CA VAL D 17 -8.02 19.47 -33.29
C VAL D 17 -8.06 20.42 -32.11
N LYS D 18 -8.95 21.42 -32.15
CA LYS D 18 -9.01 22.41 -31.08
C LYS D 18 -9.40 21.76 -29.76
N LYS D 19 -10.32 20.79 -29.80
CA LYS D 19 -10.69 20.08 -28.58
C LYS D 19 -9.51 19.33 -28.00
N LEU D 20 -8.69 18.74 -28.86
CA LEU D 20 -7.51 18.01 -28.38
C LEU D 20 -6.52 18.94 -27.70
N ARG D 21 -6.28 20.12 -28.29
CA ARG D 21 -5.31 21.05 -27.73
C ARG D 21 -5.72 21.52 -26.34
N GLU D 22 -7.01 21.79 -26.15
CA GLU D 22 -7.48 22.24 -24.85
C GLU D 22 -7.38 21.15 -23.78
N SER D 23 -7.22 19.90 -24.18
CA SER D 23 -7.10 18.80 -23.24
C SER D 23 -5.66 18.48 -22.87
N GLY D 24 -4.68 19.16 -23.46
CA GLY D 24 -3.29 18.95 -23.15
C GLY D 24 -2.46 18.26 -24.21
N LEU D 25 -3.01 18.05 -25.40
CA LEU D 25 -2.31 17.40 -26.50
C LEU D 25 -1.94 18.45 -27.54
N HIS D 26 -0.64 18.63 -27.78
CA HIS D 26 -0.18 19.70 -28.64
C HIS D 26 0.67 19.23 -29.82
N THR D 27 0.96 17.94 -29.92
CA THR D 27 1.74 17.41 -31.02
C THR D 27 1.13 16.11 -31.50
N ALA D 28 1.54 15.68 -32.69
CA ALA D 28 1.08 14.40 -33.23
C ALA D 28 1.51 13.25 -32.34
N GLU D 29 2.75 13.31 -31.82
CA GLU D 29 3.21 12.27 -30.91
C GLU D 29 2.36 12.19 -29.65
N ALA D 30 1.83 13.33 -29.20
CA ALA D 30 0.97 13.31 -28.02
C ALA D 30 -0.29 12.49 -28.27
N VAL D 31 -0.88 12.62 -29.47
CA VAL D 31 -2.06 11.82 -29.80
C VAL D 31 -1.73 10.35 -29.89
N ALA D 32 -0.61 10.01 -30.56
CA ALA D 32 -0.25 8.61 -30.75
C ALA D 32 0.05 7.92 -29.43
N TYR D 33 0.80 8.58 -28.55
CA TYR D 33 1.16 7.96 -27.27
C TYR D 33 0.00 7.93 -26.30
N ALA D 34 -1.03 8.73 -26.51
CA ALA D 34 -2.15 8.76 -25.59
C ALA D 34 -2.96 7.48 -25.70
N PRO D 35 -3.35 6.86 -24.58
CA PRO D 35 -4.20 5.68 -24.65
C PRO D 35 -5.59 6.02 -25.14
N ARG D 36 -6.30 4.97 -25.57
CA ARG D 36 -7.66 5.17 -26.09
C ARG D 36 -8.59 5.70 -25.01
N LYS D 37 -8.37 5.30 -23.76
CA LYS D 37 -9.25 5.74 -22.67
C LYS D 37 -9.23 7.25 -22.52
N ASP D 38 -8.04 7.86 -22.58
CA ASP D 38 -7.94 9.30 -22.38
C ASP D 38 -8.64 10.08 -23.49
N LEU D 39 -8.52 9.60 -24.73
CA LEU D 39 -9.16 10.31 -25.84
C LEU D 39 -10.68 10.24 -25.73
N LEU D 40 -11.22 9.10 -25.27
CA LEU D 40 -12.66 9.00 -25.09
C LEU D 40 -13.18 9.91 -23.99
N GLU D 41 -12.32 10.31 -23.04
CA GLU D 41 -12.76 11.21 -21.99
C GLU D 41 -12.97 12.63 -22.48
N ILE D 42 -12.40 12.99 -23.62
CA ILE D 42 -12.57 14.34 -24.17
C ILE D 42 -13.95 14.45 -24.78
N LYS D 43 -14.70 15.48 -24.39
CA LYS D 43 -16.03 15.68 -24.91
C LYS D 43 -15.98 16.07 -26.38
N GLY D 44 -16.95 15.57 -27.15
CA GLY D 44 -16.99 15.80 -28.58
C GLY D 44 -16.15 14.85 -29.40
N ILE D 45 -15.59 13.82 -28.79
CA ILE D 45 -14.77 12.82 -29.49
C ILE D 45 -15.49 11.49 -29.41
N SER D 46 -15.80 10.91 -30.55
CA SER D 46 -16.51 9.64 -30.63
C SER D 46 -15.52 8.50 -30.84
N GLU D 47 -16.01 7.27 -30.65
CA GLU D 47 -15.15 6.10 -30.81
C GLU D 47 -14.64 5.98 -32.24
N ALA D 48 -15.51 6.24 -33.23
CA ALA D 48 -15.07 6.20 -34.61
C ALA D 48 -14.03 7.28 -34.88
N LYS D 49 -14.24 8.48 -34.34
CA LYS D 49 -13.26 9.55 -34.53
C LYS D 49 -11.96 9.26 -33.79
N ALA D 50 -12.06 8.68 -32.59
CA ALA D 50 -10.86 8.38 -31.81
C ALA D 50 -9.99 7.35 -32.53
N ASP D 51 -10.59 6.29 -33.06
CA ASP D 51 -9.82 5.27 -33.75
C ASP D 51 -9.17 5.82 -35.02
N LYS D 52 -9.86 6.75 -35.70
CA LYS D 52 -9.29 7.35 -36.89
C LYS D 52 -8.03 8.15 -36.56
N LEU D 53 -8.04 8.86 -35.42
CA LEU D 53 -6.88 9.65 -35.02
C LEU D 53 -5.66 8.77 -34.77
N LEU D 54 -5.86 7.64 -34.08
CA LEU D 54 -4.75 6.74 -33.81
C LEU D 54 -4.13 6.21 -35.10
N ASN D 55 -4.97 5.83 -36.06
CA ASN D 55 -4.45 5.31 -37.32
C ASN D 55 -3.67 6.38 -38.08
N GLU D 56 -4.16 7.61 -38.09
CA GLU D 56 -3.48 8.68 -38.80
C GLU D 56 -2.16 9.04 -38.12
N ALA D 57 -2.16 9.09 -36.79
CA ALA D 57 -0.93 9.40 -36.06
C ALA D 57 0.12 8.33 -36.26
N ALA D 58 -0.29 7.05 -36.25
CA ALA D 58 0.66 5.96 -36.40
C ALA D 58 1.36 6.00 -37.74
N ARG D 59 0.65 6.45 -38.79
CA ARG D 59 1.29 6.58 -40.09
C ARG D 59 2.26 7.75 -40.15
N LEU D 60 2.23 8.65 -39.17
CA LEU D 60 3.08 9.83 -39.18
C LEU D 60 4.29 9.70 -38.25
N VAL D 61 4.09 9.15 -37.05
CA VAL D 61 5.18 8.99 -36.11
C VAL D 61 5.60 7.52 -36.09
N PRO D 62 6.87 7.21 -35.80
CA PRO D 62 7.30 5.81 -35.80
C PRO D 62 6.79 5.08 -34.57
N MET D 63 5.93 4.09 -34.82
CA MET D 63 5.35 3.28 -33.75
C MET D 63 5.71 1.81 -33.88
N GLY D 64 6.58 1.45 -34.82
CA GLY D 64 6.94 0.08 -35.10
C GLY D 64 8.31 -0.28 -34.55
N PHE D 65 8.93 -1.27 -35.19
CA PHE D 65 10.20 -1.82 -34.74
C PHE D 65 11.36 -1.15 -35.47
N VAL D 66 12.58 -1.51 -35.05
CA VAL D 66 13.80 -1.04 -35.69
C VAL D 66 14.94 -1.95 -35.25
N THR D 67 15.97 -2.06 -36.08
CA THR D 67 17.13 -2.83 -35.69
C THR D 67 17.99 -2.05 -34.70
N ALA D 68 18.71 -2.79 -33.86
CA ALA D 68 19.55 -2.14 -32.86
C ALA D 68 20.74 -1.44 -33.50
N ALA D 69 21.12 -1.84 -34.72
CA ALA D 69 22.20 -1.14 -35.41
C ALA D 69 21.80 0.30 -35.75
N ASP D 70 20.57 0.48 -36.24
CA ASP D 70 20.11 1.83 -36.55
C ASP D 70 19.96 2.67 -35.29
N PHE D 71 19.43 2.07 -34.22
CA PHE D 71 19.26 2.80 -32.98
C PHE D 71 20.59 3.25 -32.41
N HIS D 72 21.64 2.45 -32.62
CA HIS D 72 22.98 2.85 -32.19
C HIS D 72 23.43 4.11 -32.91
N MET D 73 23.17 4.18 -34.22
CA MET D 73 23.58 5.35 -34.99
C MET D 73 22.77 6.58 -34.61
N ARG D 74 21.49 6.40 -34.30
CA ARG D 74 20.67 7.53 -33.86
C ARG D 74 21.18 8.10 -32.56
N ARG D 75 21.56 7.25 -31.60
CA ARG D 75 22.02 7.72 -30.31
C ARG D 75 23.41 8.32 -30.37
N SER D 76 24.18 8.03 -31.41
CA SER D 76 25.52 8.59 -31.53
C SER D 76 25.49 10.07 -31.91
N GLU D 77 24.38 10.55 -32.46
CA GLU D 77 24.24 11.94 -32.86
C GLU D 77 23.53 12.78 -31.81
N LEU D 78 23.26 12.21 -30.64
CA LEU D 78 22.50 12.91 -29.61
C LEU D 78 23.29 14.09 -29.04
N ILE D 79 22.57 15.14 -28.70
CA ILE D 79 23.16 16.35 -28.15
C ILE D 79 23.27 16.20 -26.63
N CYS D 80 24.46 16.45 -26.10
CA CYS D 80 24.70 16.47 -24.66
C CYS D 80 25.21 17.86 -24.27
N LEU D 81 24.54 18.48 -23.31
CA LEU D 81 24.89 19.82 -22.87
C LEU D 81 26.01 19.75 -21.84
N THR D 82 27.03 20.57 -22.04
CA THR D 82 28.14 20.61 -21.09
C THR D 82 27.69 21.18 -19.76
N THR D 83 28.30 20.69 -18.68
CA THR D 83 28.00 21.14 -17.33
C THR D 83 28.97 22.20 -16.84
N GLY D 84 29.87 22.68 -17.70
CA GLY D 84 30.85 23.68 -17.31
C GLY D 84 32.09 23.13 -16.66
N SER D 85 32.15 21.82 -16.41
CA SER D 85 33.31 21.19 -15.79
C SER D 85 33.76 20.03 -16.65
N LYS D 86 35.06 19.98 -16.95
CA LYS D 86 35.59 18.86 -17.72
C LYS D 86 35.51 17.56 -16.93
N ASN D 87 35.76 17.63 -15.62
CA ASN D 87 35.65 16.42 -14.79
C ASN D 87 34.22 15.89 -14.77
N LEU D 88 33.25 16.79 -14.64
CA LEU D 88 31.84 16.36 -14.61
C LEU D 88 31.42 15.79 -15.97
N ASP D 89 31.83 16.44 -17.05
CA ASP D 89 31.47 15.95 -18.38
C ASP D 89 32.11 14.60 -18.68
N THR D 90 33.36 14.42 -18.29
CA THR D 90 34.04 13.15 -18.54
C THR D 90 33.37 12.01 -17.77
N LEU D 91 32.99 12.26 -16.51
CA LEU D 91 32.30 11.24 -15.73
C LEU D 91 30.95 10.91 -16.34
N LEU D 92 30.23 11.92 -16.82
CA LEU D 92 28.93 11.70 -17.45
C LEU D 92 29.04 11.21 -18.89
N GLY D 93 30.23 11.16 -19.45
CA GLY D 93 30.40 10.73 -20.82
C GLY D 93 29.81 11.68 -21.84
N GLY D 94 29.96 12.99 -21.63
CA GLY D 94 29.50 13.97 -22.60
C GLY D 94 28.76 15.13 -22.00
N GLY D 95 28.03 14.88 -20.91
CA GLY D 95 27.23 15.87 -20.24
C GLY D 95 25.84 15.35 -19.99
N VAL D 96 24.92 16.27 -19.64
CA VAL D 96 23.54 15.87 -19.45
C VAL D 96 22.94 15.44 -20.78
N GLU D 97 22.17 14.36 -20.76
CA GLU D 97 21.70 13.70 -21.97
C GLU D 97 20.27 14.12 -22.25
N THR D 98 20.03 14.66 -23.44
CA THR D 98 18.69 15.06 -23.83
C THR D 98 17.81 13.84 -24.08
N GLY D 99 16.51 14.01 -23.86
CA GLY D 99 15.56 12.94 -24.01
C GLY D 99 15.46 12.01 -22.81
N SER D 100 16.14 12.31 -21.72
CA SER D 100 16.11 11.47 -20.52
C SER D 100 16.03 12.36 -19.29
N ILE D 101 15.63 11.75 -18.17
CA ILE D 101 15.49 12.46 -16.91
C ILE D 101 16.72 12.22 -16.06
N THR D 102 17.34 13.29 -15.59
CA THR D 102 18.51 13.23 -14.73
C THR D 102 18.15 13.81 -13.36
N GLU D 103 18.49 13.07 -12.31
CA GLU D 103 18.14 13.46 -10.95
C GLU D 103 19.38 13.82 -10.16
N LEU D 104 19.32 14.92 -9.41
CA LEU D 104 20.39 15.35 -8.53
C LEU D 104 19.84 15.44 -7.11
N PHE D 105 20.53 14.79 -6.17
CA PHE D 105 20.09 14.79 -4.79
C PHE D 105 21.29 15.01 -3.87
N GLY D 106 21.01 15.50 -2.68
CA GLY D 106 22.05 15.76 -1.71
C GLY D 106 21.55 16.69 -0.62
N GLU D 107 22.47 17.06 0.25
CA GLU D 107 22.17 17.97 1.35
C GLU D 107 22.01 19.39 0.82
N PHE D 108 21.83 20.34 1.74
CA PHE D 108 21.81 21.74 1.39
C PHE D 108 23.23 22.22 1.08
N ARG D 109 23.31 23.25 0.24
CA ARG D 109 24.54 23.92 -0.20
C ARG D 109 25.48 22.98 -0.96
N THR D 110 25.06 21.76 -1.27
CA THR D 110 25.92 20.85 -2.01
C THR D 110 26.17 21.33 -3.44
N GLY D 111 25.21 22.04 -4.03
CA GLY D 111 25.43 22.61 -5.35
C GLY D 111 24.44 22.16 -6.39
N LYS D 112 23.26 21.71 -5.95
CA LYS D 112 22.25 21.26 -6.91
C LYS D 112 21.68 22.42 -7.72
N SER D 113 21.34 23.52 -7.05
CA SER D 113 20.76 24.65 -7.77
C SER D 113 21.82 25.43 -8.54
N GLN D 114 23.06 25.43 -8.06
CA GLN D 114 24.12 26.11 -8.79
C GLN D 114 24.39 25.43 -10.13
N LEU D 115 24.34 24.11 -10.17
CA LEU D 115 24.49 23.40 -11.42
C LEU D 115 23.35 23.71 -12.38
N CYS D 116 22.12 23.80 -11.84
CA CYS D 116 20.97 24.12 -12.68
C CYS D 116 21.09 25.50 -13.29
N HIS D 117 21.62 26.46 -12.54
CA HIS D 117 21.84 27.80 -13.08
C HIS D 117 22.86 27.77 -14.21
N THR D 118 23.92 26.98 -14.06
CA THR D 118 24.89 26.83 -15.14
C THR D 118 24.24 26.20 -16.36
N LEU D 119 23.40 25.17 -16.16
CA LEU D 119 22.77 24.51 -17.28
C LEU D 119 21.80 25.44 -18.01
N ALA D 120 21.24 26.42 -17.30
CA ALA D 120 20.30 27.33 -17.92
C ALA D 120 20.95 28.26 -18.92
N VAL D 121 22.28 28.32 -18.94
CA VAL D 121 23.00 29.15 -19.89
C VAL D 121 23.69 28.31 -20.96
N THR D 122 24.25 27.16 -20.58
CA THR D 122 24.92 26.30 -21.54
C THR D 122 23.96 25.72 -22.57
N CYS D 123 22.66 25.80 -22.32
CA CYS D 123 21.68 25.31 -23.30
C CYS D 123 21.44 26.28 -24.44
N GLN D 124 22.03 27.48 -24.39
CA GLN D 124 21.82 28.48 -25.43
C GLN D 124 23.03 28.67 -26.34
N ILE D 125 24.21 28.25 -25.91
CA ILE D 125 25.44 28.40 -26.68
C ILE D 125 25.40 27.45 -27.87
N PRO D 126 26.18 27.68 -28.93
CA PRO D 126 26.08 26.82 -30.12
C PRO D 126 26.53 25.40 -29.84
N LEU D 127 26.10 24.50 -30.73
CA LEU D 127 26.33 23.07 -30.55
C LEU D 127 27.81 22.72 -30.62
N ASP D 128 28.61 23.52 -31.33
CA ASP D 128 30.02 23.20 -31.50
C ASP D 128 30.77 23.19 -30.18
N ILE D 129 30.31 23.95 -29.20
CA ILE D 129 30.95 24.01 -27.89
C ILE D 129 30.12 23.28 -26.84
N GLY D 130 29.27 22.33 -27.26
CA GLY D 130 28.48 21.56 -26.32
C GLY D 130 27.16 22.16 -25.92
N GLY D 131 26.64 23.12 -26.69
CA GLY D 131 25.39 23.78 -26.37
C GLY D 131 24.18 23.08 -26.96
N GLY D 132 23.05 23.76 -26.88
CA GLY D 132 21.81 23.22 -27.38
C GLY D 132 21.08 24.14 -28.33
N GLU D 133 21.48 25.42 -28.36
CA GLU D 133 20.87 26.42 -29.23
C GLU D 133 19.36 26.49 -29.05
N GLY D 134 18.92 26.46 -27.79
CA GLY D 134 17.50 26.50 -27.49
C GLY D 134 17.26 27.18 -26.15
N LYS D 135 16.00 27.51 -25.92
CA LYS D 135 15.61 28.17 -24.68
C LYS D 135 15.50 27.16 -23.55
N CYS D 136 15.47 27.69 -22.33
CA CYS D 136 15.35 26.89 -21.12
C CYS D 136 14.06 27.24 -20.40
N LEU D 137 13.54 26.27 -19.65
CA LEU D 137 12.35 26.47 -18.84
C LEU D 137 12.67 26.05 -17.41
N TYR D 138 12.56 26.97 -16.47
CA TYR D 138 12.94 26.76 -15.09
C TYR D 138 11.69 26.83 -14.22
N ILE D 139 11.43 25.77 -13.45
CA ILE D 139 10.32 25.72 -12.52
C ILE D 139 10.91 25.63 -11.11
N ASP D 140 10.55 26.59 -10.26
CA ASP D 140 11.10 26.68 -8.92
C ASP D 140 9.98 26.53 -7.90
N THR D 141 10.14 25.60 -6.96
CA THR D 141 9.16 25.37 -5.92
C THR D 141 9.67 25.81 -4.55
N GLU D 142 10.72 26.64 -4.51
CA GLU D 142 11.28 27.11 -3.26
C GLU D 142 11.56 28.60 -3.23
N GLY D 143 11.44 29.31 -4.35
CA GLY D 143 11.76 30.71 -4.38
C GLY D 143 13.24 31.04 -4.39
N THR D 144 14.08 30.09 -4.79
CA THR D 144 15.52 30.26 -4.76
C THR D 144 16.12 30.60 -6.12
N PHE D 145 15.29 30.91 -7.12
CA PHE D 145 15.81 31.28 -8.42
C PHE D 145 16.41 32.68 -8.36
N ARG D 146 17.63 32.83 -8.84
CA ARG D 146 18.35 34.09 -8.80
C ARG D 146 18.89 34.43 -10.18
N PRO D 147 18.29 35.37 -10.90
CA PRO D 147 18.81 35.73 -12.23
C PRO D 147 20.19 36.36 -12.18
N VAL D 148 20.64 36.87 -11.03
CA VAL D 148 21.97 37.46 -10.94
C VAL D 148 23.04 36.42 -11.26
N ARG D 149 22.81 35.17 -10.84
CA ARG D 149 23.76 34.10 -11.15
C ARG D 149 23.85 33.88 -12.66
N LEU D 150 22.73 33.98 -13.37
CA LEU D 150 22.75 33.78 -14.81
C LEU D 150 23.58 34.85 -15.50
N VAL D 151 23.51 36.10 -15.03
CA VAL D 151 24.23 37.19 -15.67
C VAL D 151 25.74 36.95 -15.59
N SER D 152 26.23 36.58 -14.41
CA SER D 152 27.66 36.32 -14.25
C SER D 152 28.10 35.12 -15.07
N ILE D 153 27.29 34.06 -15.09
CA ILE D 153 27.63 32.87 -15.85
C ILE D 153 27.65 33.17 -17.35
N ALA D 154 26.66 33.93 -17.83
CA ALA D 154 26.60 34.23 -19.26
C ALA D 154 27.81 35.03 -19.70
N GLN D 155 28.32 35.91 -18.84
CA GLN D 155 29.52 36.66 -19.17
C GLN D 155 30.71 35.74 -19.39
N ARG D 156 30.80 34.66 -18.62
CA ARG D 156 31.88 33.71 -18.78
C ARG D 156 31.83 33.04 -20.16
N PHE D 157 30.64 32.71 -20.62
CA PHE D 157 30.47 32.04 -21.90
C PHE D 157 30.34 32.99 -23.08
N GLY D 158 30.41 34.30 -22.83
CA GLY D 158 30.40 35.27 -23.90
C GLY D 158 29.03 35.66 -24.43
N LEU D 159 27.96 35.12 -23.85
CA LEU D 159 26.63 35.47 -24.32
C LEU D 159 26.27 36.90 -23.91
N ASP D 160 25.31 37.47 -24.62
CA ASP D 160 24.78 38.77 -24.26
C ASP D 160 23.88 38.62 -23.04
N PRO D 161 24.13 39.34 -21.95
CA PRO D 161 23.30 39.17 -20.75
C PRO D 161 21.83 39.43 -20.99
N ASP D 162 21.48 40.40 -21.82
CA ASP D 162 20.08 40.65 -22.13
C ASP D 162 19.46 39.49 -22.88
N ASP D 163 20.18 38.93 -23.86
CA ASP D 163 19.67 37.78 -24.59
C ASP D 163 19.58 36.55 -23.69
N ALA D 164 20.55 36.38 -22.78
CA ALA D 164 20.53 35.24 -21.89
C ALA D 164 19.31 35.26 -20.98
N LEU D 165 18.95 36.44 -20.45
CA LEU D 165 17.81 36.53 -19.56
C LEU D 165 16.49 36.42 -20.31
N ASN D 166 16.47 36.75 -21.59
CA ASN D 166 15.25 36.75 -22.39
C ASN D 166 14.95 35.38 -22.99
N ASN D 167 15.79 34.38 -22.78
CA ASN D 167 15.58 33.04 -23.32
C ASN D 167 15.30 32.02 -22.23
N VAL D 168 14.97 32.47 -21.02
CA VAL D 168 14.66 31.59 -19.90
C VAL D 168 13.28 31.94 -19.38
N ALA D 169 12.43 30.93 -19.24
CA ALA D 169 11.08 31.11 -18.71
C ALA D 169 11.06 30.60 -17.28
N TYR D 170 10.63 31.44 -16.35
CA TYR D 170 10.63 31.11 -14.93
C TYR D 170 9.20 31.10 -14.41
N ALA D 171 8.84 30.03 -13.70
CA ALA D 171 7.54 29.94 -13.06
C ALA D 171 7.73 29.33 -11.68
N ARG D 172 6.90 29.75 -10.73
CA ARG D 172 6.96 29.27 -9.36
C ARG D 172 5.68 28.55 -9.01
N ALA D 173 5.81 27.36 -8.41
CA ALA D 173 4.68 26.56 -8.01
C ALA D 173 4.42 26.74 -6.52
N TYR D 174 3.14 26.88 -6.16
CA TYR D 174 2.75 27.09 -4.78
C TYR D 174 2.10 25.88 -4.14
N ASN D 175 1.67 24.89 -4.92
CA ASN D 175 1.07 23.68 -4.39
C ASN D 175 1.27 22.57 -5.41
N ALA D 176 1.02 21.33 -4.97
CA ALA D 176 1.23 20.18 -5.84
C ALA D 176 0.38 20.26 -7.09
N ASP D 177 -0.89 20.65 -6.94
CA ASP D 177 -1.77 20.78 -8.11
C ASP D 177 -1.28 21.87 -9.05
N HIS D 178 -0.84 22.99 -8.50
CA HIS D 178 -0.33 24.07 -9.34
C HIS D 178 0.94 23.65 -10.07
N GLN D 179 1.79 22.86 -9.40
CA GLN D 179 3.02 22.40 -10.02
C GLN D 179 2.74 21.51 -11.23
N LEU D 180 1.78 20.59 -11.09
CA LEU D 180 1.43 19.72 -12.21
C LEU D 180 0.75 20.51 -13.33
N ARG D 181 -0.12 21.45 -12.97
CA ARG D 181 -0.84 22.23 -13.98
C ARG D 181 0.10 23.13 -14.78
N LEU D 182 1.26 23.48 -14.22
CA LEU D 182 2.22 24.28 -14.97
C LEU D 182 2.80 23.52 -16.15
N LEU D 183 2.81 22.19 -16.10
CA LEU D 183 3.35 21.41 -17.21
C LEU D 183 2.51 21.55 -18.47
N ASP D 184 1.19 21.66 -18.32
CA ASP D 184 0.33 21.82 -19.49
C ASP D 184 0.65 23.11 -20.24
N ALA D 185 0.85 24.21 -19.51
CA ALA D 185 1.24 25.45 -20.16
C ALA D 185 2.65 25.35 -20.72
N ALA D 186 3.52 24.58 -20.07
CA ALA D 186 4.86 24.38 -20.58
C ALA D 186 4.82 23.66 -21.93
N ALA D 187 3.93 22.69 -22.07
CA ALA D 187 3.82 21.94 -23.32
C ALA D 187 3.44 22.85 -24.47
N GLN D 188 2.55 23.81 -24.22
CA GLN D 188 2.10 24.69 -25.30
C GLN D 188 3.25 25.55 -25.83
N MET D 189 4.09 26.07 -24.94
CA MET D 189 5.23 26.86 -25.39
C MET D 189 6.24 26.00 -26.14
N MET D 190 6.32 24.72 -25.81
CA MET D 190 7.20 23.80 -26.54
C MET D 190 6.81 23.72 -28.00
N SER D 191 5.51 23.63 -28.28
CA SER D 191 5.04 23.44 -29.65
C SER D 191 5.19 24.69 -30.50
N GLU D 192 5.47 25.86 -29.91
CA GLU D 192 5.56 27.09 -30.66
C GLU D 192 6.96 27.68 -30.70
N SER D 193 7.90 27.18 -29.90
CA SER D 193 9.28 27.67 -29.94
C SER D 193 10.21 26.54 -29.54
N ARG D 194 11.48 26.71 -29.88
CA ARG D 194 12.49 25.66 -29.68
C ARG D 194 13.08 25.80 -28.28
N PHE D 195 12.79 24.82 -27.42
CA PHE D 195 13.40 24.74 -26.10
C PHE D 195 14.35 23.54 -26.06
N SER D 196 15.24 23.56 -25.08
CA SER D 196 16.26 22.52 -25.00
C SER D 196 16.55 22.00 -23.60
N LEU D 197 15.79 22.41 -22.58
CA LEU D 197 16.06 21.97 -21.23
C LEU D 197 14.87 22.25 -20.34
N ILE D 198 14.57 21.30 -19.46
CA ILE D 198 13.54 21.44 -18.43
C ILE D 198 14.21 21.24 -17.07
N VAL D 199 14.02 22.21 -16.17
CA VAL D 199 14.58 22.15 -14.83
C VAL D 199 13.44 22.26 -13.83
N VAL D 200 13.38 21.32 -12.89
CA VAL D 200 12.44 21.36 -11.78
C VAL D 200 13.27 21.35 -10.50
N ASP D 201 13.05 22.34 -9.64
CA ASP D 201 13.90 22.52 -8.46
C ASP D 201 13.04 23.15 -7.37
N SER D 202 12.54 22.33 -6.46
CA SER D 202 12.75 20.89 -6.49
C SER D 202 11.42 20.16 -6.72
N VAL D 203 11.46 18.84 -6.74
CA VAL D 203 10.26 18.07 -7.04
C VAL D 203 9.44 17.83 -5.78
N MET D 204 10.08 17.32 -4.73
CA MET D 204 9.39 16.89 -3.53
C MET D 204 9.25 17.99 -2.49
N ALA D 205 9.48 19.25 -2.87
CA ALA D 205 9.41 20.34 -1.90
C ALA D 205 7.99 20.52 -1.37
N LEU D 206 6.98 20.45 -2.24
CA LEU D 206 5.61 20.67 -1.84
C LEU D 206 4.84 19.39 -1.53
N TYR D 207 5.27 18.25 -2.09
CA TYR D 207 4.62 16.98 -1.77
C TYR D 207 4.81 16.61 -0.31
N ARG D 208 5.89 17.08 0.30
CA ARG D 208 6.18 16.71 1.68
C ARG D 208 5.13 17.27 2.65
N THR D 209 4.67 18.49 2.41
CA THR D 209 3.74 19.15 3.31
C THR D 209 2.28 19.02 2.91
N ASP D 210 1.98 18.96 1.61
CA ASP D 210 0.60 18.90 1.17
C ASP D 210 -0.09 17.60 1.55
N PHE D 211 0.68 16.55 1.82
CA PHE D 211 0.15 15.26 2.24
C PHE D 211 0.71 14.91 3.61
N SER D 212 -0.18 14.62 4.56
CA SER D 212 0.22 14.44 5.95
C SER D 212 -0.21 13.07 6.44
N GLY D 213 0.69 12.40 7.16
CA GLY D 213 0.40 11.11 7.76
C GLY D 213 0.49 9.96 6.78
N ARG D 214 0.41 8.75 7.33
CA ARG D 214 0.42 7.56 6.50
C ARG D 214 -0.89 7.36 5.75
N GLY D 215 -1.95 8.05 6.17
CA GLY D 215 -3.22 7.93 5.47
C GLY D 215 -3.18 8.48 4.06
N GLU D 216 -2.41 9.54 3.83
CA GLU D 216 -2.30 10.16 2.52
C GLU D 216 -1.06 9.72 1.77
N LEU D 217 -0.32 8.73 2.29
CA LEU D 217 0.88 8.26 1.61
C LEU D 217 0.54 7.65 0.25
N SER D 218 -0.53 6.86 0.18
CA SER D 218 -0.91 6.26 -1.09
C SER D 218 -1.31 7.33 -2.11
N ALA D 219 -2.08 8.33 -1.66
CA ALA D 219 -2.48 9.41 -2.56
C ALA D 219 -1.28 10.25 -2.98
N ARG D 220 -0.34 10.48 -2.05
CA ARG D 220 0.83 11.29 -2.36
C ARG D 220 1.68 10.64 -3.45
N GLN D 221 1.92 9.34 -3.33
CA GLN D 221 2.79 8.67 -4.29
C GLN D 221 2.09 8.53 -5.64
N MET D 222 0.78 8.36 -5.65
CA MET D 222 0.06 8.26 -6.91
C MET D 222 0.09 9.57 -7.67
N HIS D 223 -0.06 10.70 -6.96
CA HIS D 223 0.05 12.00 -7.62
C HIS D 223 1.45 12.24 -8.16
N LEU D 224 2.47 11.82 -7.40
CA LEU D 224 3.84 11.99 -7.85
C LEU D 224 4.11 11.20 -9.12
N ALA D 225 3.53 10.00 -9.22
CA ALA D 225 3.72 9.19 -10.42
C ALA D 225 3.17 9.89 -11.65
N LYS D 226 2.03 10.55 -11.52
CA LYS D 226 1.47 11.29 -12.65
C LYS D 226 2.37 12.44 -13.07
N PHE D 227 2.94 13.15 -12.10
CA PHE D 227 3.82 14.27 -12.40
C PHE D 227 5.06 13.82 -13.16
N MET D 228 5.69 12.73 -12.69
CA MET D 228 6.90 12.24 -13.35
C MET D 228 6.58 11.64 -14.70
N ARG D 229 5.40 11.04 -14.85
CA ARG D 229 4.99 10.52 -16.16
C ARG D 229 4.85 11.65 -17.17
N ALA D 230 4.28 12.78 -16.75
CA ALA D 230 4.12 13.92 -17.65
C ALA D 230 5.48 14.48 -18.06
N LEU D 231 6.43 14.50 -17.13
CA LEU D 231 7.78 14.96 -17.46
C LEU D 231 8.42 14.05 -18.49
N GLN D 232 8.21 12.74 -18.38
CA GLN D 232 8.75 11.81 -19.36
C GLN D 232 8.16 12.06 -20.74
N ARG D 233 6.86 12.37 -20.80
CA ARG D 233 6.22 12.60 -22.09
C ARG D 233 6.80 13.84 -22.77
N LEU D 234 7.15 14.86 -22.00
CA LEU D 234 7.74 16.06 -22.58
C LEU D 234 9.07 15.75 -23.25
N ALA D 235 9.89 14.90 -22.63
CA ALA D 235 11.15 14.50 -23.24
C ALA D 235 10.91 13.70 -24.51
N ASP D 236 9.87 12.86 -24.52
CA ASP D 236 9.59 12.04 -25.69
C ASP D 236 9.14 12.88 -26.87
N GLN D 237 8.25 13.84 -26.64
CA GLN D 237 7.69 14.62 -27.75
C GLN D 237 8.72 15.56 -28.34
N PHE D 238 9.44 16.30 -27.51
CA PHE D 238 10.27 17.40 -27.97
C PHE D 238 11.77 17.15 -27.82
N GLY D 239 12.18 16.16 -27.04
CA GLY D 239 13.59 15.87 -26.89
C GLY D 239 14.34 16.78 -25.95
N VAL D 240 13.64 17.53 -25.11
CA VAL D 240 14.30 18.41 -24.16
C VAL D 240 14.85 17.59 -23.01
N ALA D 241 16.04 17.97 -22.53
CA ALA D 241 16.62 17.32 -21.37
C ALA D 241 15.85 17.70 -20.12
N VAL D 242 15.66 16.73 -19.23
CA VAL D 242 14.92 16.94 -17.99
C VAL D 242 15.88 16.76 -16.82
N VAL D 243 16.05 17.82 -16.04
CA VAL D 243 16.91 17.81 -14.86
C VAL D 243 16.05 18.17 -13.66
N VAL D 244 16.06 17.31 -12.64
CA VAL D 244 15.26 17.52 -11.43
C VAL D 244 16.18 17.40 -10.22
N THR D 245 15.93 18.22 -9.22
CA THR D 245 16.67 18.17 -7.96
C THR D 245 15.81 17.55 -6.87
N ASN D 246 16.47 17.11 -5.81
CA ASN D 246 15.78 16.43 -4.73
C ASN D 246 16.55 16.65 -3.43
N GLN D 247 15.86 16.44 -2.32
CA GLN D 247 16.43 16.57 -0.99
C GLN D 247 16.61 15.21 -0.35
N VAL D 248 17.31 15.19 0.78
CA VAL D 248 17.65 13.96 1.47
C VAL D 248 17.26 14.08 2.93
N VAL D 249 17.06 12.92 3.56
CA VAL D 249 16.76 12.84 4.99
C VAL D 249 17.66 11.79 5.62
N ALA D 250 17.83 11.90 6.93
CA ALA D 250 18.71 10.99 7.64
C ALA D 250 18.06 9.63 7.84
N GLN D 251 18.89 8.59 7.88
CA GLN D 251 18.43 7.23 8.13
C GLN D 251 18.51 6.96 9.63
N VAL D 252 17.36 6.97 10.29
CA VAL D 252 17.34 6.77 11.75
C VAL D 252 17.76 5.35 12.09
N ASP D 253 17.32 4.38 11.30
CA ASP D 253 17.65 2.99 11.56
C ASP D 253 19.10 2.71 11.19
N GLY D 254 19.77 1.91 12.02
CA GLY D 254 21.16 1.59 11.78
C GLY D 254 21.38 0.21 11.20
N GLY D 255 20.31 -0.42 10.73
CA GLY D 255 20.43 -1.74 10.12
C GLY D 255 21.21 -1.70 8.82
N MET D 256 21.00 -0.66 8.02
CA MET D 256 21.67 -0.49 6.72
C MET D 256 23.06 0.12 6.88
N ALA D 257 23.81 -0.36 7.89
CA ALA D 257 25.11 0.20 8.18
C ALA D 257 26.15 -0.11 7.10
N PHE D 258 25.86 -1.06 6.21
CA PHE D 258 26.81 -1.39 5.15
C PHE D 258 26.94 -0.28 4.11
N ASN D 259 26.02 0.69 4.11
CA ASN D 259 26.12 1.85 3.23
C ASN D 259 26.75 2.99 4.00
N PRO D 260 27.93 3.49 3.58
CA PRO D 260 28.56 4.58 4.33
C PRO D 260 27.74 5.86 4.36
N ASP D 261 26.84 6.06 3.41
CA ASP D 261 26.02 7.26 3.37
C ASP D 261 24.80 7.07 4.27
N PRO D 262 24.64 7.87 5.33
CA PRO D 262 23.47 7.75 6.20
C PRO D 262 22.24 8.53 5.75
N LYS D 263 22.23 9.03 4.52
CA LYS D 263 21.10 9.82 4.01
C LYS D 263 20.64 9.26 2.68
N LYS D 264 19.32 9.24 2.49
CA LYS D 264 18.72 8.70 1.28
C LYS D 264 17.78 9.73 0.66
N PRO D 265 17.61 9.69 -0.66
CA PRO D 265 16.73 10.66 -1.32
C PRO D 265 15.28 10.47 -0.93
N ILE D 266 14.53 11.57 -1.01
CA ILE D 266 13.10 11.58 -0.74
C ILE D 266 12.36 11.36 -2.05
N GLY D 267 11.33 10.52 -2.01
CA GLY D 267 10.53 10.25 -3.18
C GLY D 267 10.04 8.82 -3.26
N GLY D 268 10.64 7.94 -2.47
CA GLY D 268 10.23 6.55 -2.46
C GLY D 268 10.69 5.82 -3.71
N ASN D 269 10.01 4.70 -3.99
CA ASN D 269 10.39 3.88 -5.13
C ASN D 269 9.96 4.49 -6.46
N ILE D 270 8.89 5.27 -6.46
CA ILE D 270 8.43 5.89 -7.71
C ILE D 270 9.49 6.85 -8.25
N MET D 271 10.04 7.68 -7.38
CA MET D 271 11.06 8.64 -7.82
C MET D 271 12.33 7.93 -8.28
N ALA D 272 12.73 6.88 -7.55
CA ALA D 272 13.94 6.16 -7.91
C ALA D 272 13.81 5.46 -9.26
N HIS D 273 12.66 4.83 -9.50
CA HIS D 273 12.49 4.08 -10.74
C HIS D 273 12.28 4.97 -11.95
N SER D 274 11.72 6.17 -11.75
CA SER D 274 11.37 7.01 -12.88
C SER D 274 12.60 7.66 -13.51
N SER D 275 13.55 8.09 -12.69
CA SER D 275 14.74 8.77 -13.22
C SER D 275 15.62 7.81 -14.01
N THR D 276 16.27 8.33 -15.04
CA THR D 276 17.18 7.54 -15.85
C THR D 276 18.59 7.53 -15.28
N THR D 277 19.09 8.70 -14.89
CA THR D 277 20.42 8.84 -14.31
C THR D 277 20.31 9.56 -12.98
N ARG D 278 20.92 9.01 -11.94
CA ARG D 278 20.91 9.60 -10.61
C ARG D 278 22.33 10.00 -10.23
N LEU D 279 22.47 11.20 -9.65
CA LEU D 279 23.76 11.71 -9.23
C LEU D 279 23.65 12.20 -7.79
N GLY D 280 24.60 11.78 -6.95
CA GLY D 280 24.66 12.21 -5.57
C GLY D 280 25.67 13.34 -5.41
N PHE D 281 25.40 14.20 -4.43
CA PHE D 281 26.24 15.37 -4.18
C PHE D 281 26.64 15.42 -2.72
N LYS D 282 27.91 15.75 -2.47
CA LYS D 282 28.43 15.93 -1.12
C LYS D 282 29.38 17.12 -1.12
N LYS D 283 29.55 17.72 0.05
CA LYS D 283 30.40 18.89 0.19
C LYS D 283 31.84 18.47 0.43
N GLY D 284 32.75 19.02 -0.36
CA GLY D 284 34.17 18.81 -0.20
C GLY D 284 34.83 19.89 0.63
N LYS D 285 36.14 20.04 0.43
CA LYS D 285 36.89 21.06 1.16
C LYS D 285 36.73 22.41 0.48
N GLY D 286 36.35 23.43 1.26
CA GLY D 286 36.17 24.75 0.69
C GLY D 286 35.00 24.76 -0.27
N CYS D 287 35.22 25.32 -1.46
CA CYS D 287 34.19 25.41 -2.49
C CYS D 287 34.08 24.14 -3.32
N GLN D 288 34.96 23.17 -3.13
CA GLN D 288 34.91 21.94 -3.91
C GLN D 288 33.74 21.07 -3.46
N ARG D 289 33.22 20.28 -4.40
CA ARG D 289 32.11 19.38 -4.13
C ARG D 289 32.40 18.04 -4.79
N LEU D 290 31.72 17.00 -4.29
CA LEU D 290 31.88 15.64 -4.79
C LEU D 290 30.60 15.20 -5.47
N CYS D 291 30.74 14.58 -6.65
CA CYS D 291 29.61 14.04 -7.40
C CYS D 291 29.84 12.55 -7.63
N LYS D 292 28.78 11.77 -7.45
CA LYS D 292 28.86 10.32 -7.56
C LYS D 292 27.72 9.81 -8.42
N VAL D 293 28.03 8.86 -9.31
CA VAL D 293 27.03 8.24 -10.17
C VAL D 293 26.44 7.05 -9.42
N VAL D 294 25.21 7.19 -8.97
CA VAL D 294 24.56 6.13 -8.20
C VAL D 294 23.93 5.09 -9.11
N ASP D 295 23.11 5.52 -10.07
CA ASP D 295 22.45 4.62 -10.99
C ASP D 295 22.46 5.21 -12.38
N SER D 296 22.78 4.38 -13.38
CA SER D 296 22.80 4.81 -14.76
C SER D 296 22.77 3.58 -15.65
N PRO D 297 22.00 3.59 -16.74
CA PRO D 297 21.94 2.40 -17.60
C PRO D 297 23.24 2.08 -18.32
N CYS D 298 24.14 3.05 -18.49
CA CYS D 298 25.36 2.80 -19.25
C CYS D 298 26.60 3.43 -18.66
N LEU D 299 26.54 3.96 -17.43
CA LEU D 299 27.70 4.62 -16.85
C LEU D 299 28.18 3.84 -15.63
N PRO D 300 29.46 3.48 -15.57
CA PRO D 300 29.97 2.79 -14.40
C PRO D 300 29.98 3.70 -13.17
N GLU D 301 29.88 3.08 -12.00
CA GLU D 301 29.86 3.82 -10.75
C GLU D 301 31.23 4.46 -10.50
N ALA D 302 31.27 5.78 -10.47
CA ALA D 302 32.52 6.51 -10.27
C ALA D 302 32.22 7.88 -9.69
N GLU D 303 33.26 8.53 -9.18
CA GLU D 303 33.15 9.82 -8.53
C GLU D 303 34.08 10.83 -9.18
N CYS D 304 33.75 12.11 -8.98
CA CYS D 304 34.55 13.20 -9.53
C CYS D 304 34.45 14.39 -8.58
N VAL D 305 35.32 15.37 -8.78
CA VAL D 305 35.40 16.55 -7.94
C VAL D 305 35.21 17.78 -8.81
N PHE D 306 34.28 18.65 -8.42
CA PHE D 306 34.04 19.91 -9.09
C PHE D 306 33.92 21.01 -8.03
N ALA D 307 33.94 22.26 -8.49
CA ALA D 307 33.95 23.41 -7.60
C ALA D 307 32.94 24.44 -8.07
N ILE D 308 32.51 25.28 -7.14
CA ILE D 308 31.54 26.34 -7.40
C ILE D 308 32.25 27.67 -7.28
N TYR D 309 32.17 28.48 -8.33
CA TYR D 309 32.79 29.80 -8.36
C TYR D 309 31.71 30.85 -8.66
N GLU D 310 32.15 32.10 -8.81
CA GLU D 310 31.22 33.17 -9.13
C GLU D 310 30.59 32.96 -10.50
N ASP D 311 31.37 32.47 -11.47
CA ASP D 311 30.91 32.28 -12.84
C ASP D 311 30.34 30.88 -13.08
N GLY D 312 29.79 30.24 -12.05
CA GLY D 312 29.15 28.95 -12.21
C GLY D 312 30.06 27.78 -11.91
N VAL D 313 29.52 26.60 -12.19
CA VAL D 313 30.24 25.36 -11.91
C VAL D 313 31.45 25.26 -12.84
N GLY D 314 32.60 24.88 -12.27
CA GLY D 314 33.81 24.70 -13.04
C GLY D 314 34.72 23.70 -12.36
N ASP D 315 35.82 23.40 -13.05
CA ASP D 315 36.79 22.46 -12.51
C ASP D 315 37.51 23.08 -11.31
N PRO D 316 37.85 22.27 -10.31
CA PRO D 316 38.60 22.78 -9.16
C PRO D 316 39.97 23.31 -9.59
N ARG D 317 40.39 24.39 -8.97
CA ARG D 317 41.65 25.04 -9.29
C ARG D 317 42.75 24.61 -8.32
N GLU D 318 43.99 24.72 -8.78
CA GLU D 318 45.13 24.35 -7.95
C GLU D 318 45.23 25.23 -6.70
N GLU D 319 44.72 26.46 -6.78
CA GLU D 319 44.72 27.33 -5.61
C GLU D 319 43.90 26.73 -4.48
N ASP D 320 42.73 26.17 -4.80
CA ASP D 320 41.94 25.47 -3.80
C ASP D 320 42.54 24.12 -3.43
N GLU D 321 43.38 23.56 -4.29
CA GLU D 321 44.02 22.28 -4.02
C GLU D 321 45.14 22.43 -3.00
N VAL E 2 -3.52 42.62 -2.83
CA VAL E 2 -4.85 42.33 -3.34
C VAL E 2 -5.78 41.87 -2.22
N PRO E 3 -6.64 42.77 -1.76
CA PRO E 3 -7.54 42.43 -0.65
C PRO E 3 -8.48 41.29 -1.02
N ILE E 4 -8.82 40.48 -0.01
CA ILE E 4 -9.72 39.36 -0.21
C ILE E 4 -11.12 39.83 -0.60
N GLU E 5 -11.47 41.07 -0.25
CA GLU E 5 -12.81 41.59 -0.55
C GLU E 5 -13.03 41.82 -2.04
N LYS E 6 -11.98 41.75 -2.86
CA LYS E 6 -12.13 41.94 -4.30
C LYS E 6 -12.59 40.68 -5.02
N LEU E 7 -12.75 39.57 -4.30
CA LEU E 7 -13.28 38.34 -4.87
C LEU E 7 -14.79 38.25 -4.78
N GLN E 8 -15.46 39.36 -4.41
CA GLN E 8 -16.90 39.37 -4.19
C GLN E 8 -17.61 39.50 -5.53
N VAL E 9 -17.32 38.58 -6.46
CA VAL E 9 -17.79 38.68 -7.84
C VAL E 9 -18.17 37.29 -8.33
N ASN E 10 -19.20 37.21 -9.19
CA ASN E 10 -19.63 35.99 -9.87
C ASN E 10 -20.03 34.90 -8.88
N GLY E 11 -21.09 35.20 -8.14
CA GLY E 11 -21.73 34.20 -7.30
C GLY E 11 -21.12 34.03 -5.92
N ILE E 12 -20.02 34.72 -5.63
CA ILE E 12 -19.46 34.71 -4.28
C ILE E 12 -20.39 35.49 -3.37
N THR E 13 -20.63 34.97 -2.17
CA THR E 13 -21.50 35.61 -1.21
C THR E 13 -20.68 36.13 -0.04
N MET E 14 -21.34 36.94 0.80
CA MET E 14 -20.67 37.49 1.98
C MET E 14 -20.29 36.39 2.95
N ALA E 15 -21.10 35.33 3.03
CA ALA E 15 -20.82 34.23 3.93
C ALA E 15 -19.54 33.50 3.56
N ASP E 16 -19.28 33.34 2.26
CA ASP E 16 -18.10 32.60 1.82
C ASP E 16 -16.82 33.29 2.27
N VAL E 17 -16.76 34.61 2.15
CA VAL E 17 -15.58 35.35 2.60
C VAL E 17 -15.37 35.16 4.10
N LYS E 18 -16.46 35.18 4.87
CA LYS E 18 -16.35 34.95 6.31
C LYS E 18 -15.86 33.54 6.60
N LYS E 19 -16.32 32.54 5.84
CA LYS E 19 -15.84 31.18 6.02
C LYS E 19 -14.34 31.09 5.71
N LEU E 20 -13.91 31.76 4.65
CA LEU E 20 -12.49 31.78 4.33
C LEU E 20 -11.69 32.50 5.41
N ARG E 21 -12.19 33.63 5.90
CA ARG E 21 -11.49 34.36 6.95
C ARG E 21 -11.38 33.55 8.22
N GLU E 22 -12.45 32.84 8.59
CA GLU E 22 -12.41 32.00 9.78
C GLU E 22 -11.50 30.79 9.61
N SER E 23 -11.15 30.45 8.37
CA SER E 23 -10.27 29.32 8.09
C SER E 23 -8.81 29.71 7.96
N GLY E 24 -8.47 30.99 8.13
CA GLY E 24 -7.11 31.46 8.07
C GLY E 24 -6.69 32.12 6.78
N LEU E 25 -7.59 32.27 5.82
CA LEU E 25 -7.29 32.94 4.56
C LEU E 25 -7.79 34.37 4.64
N HIS E 26 -6.88 35.34 4.50
CA HIS E 26 -7.23 36.74 4.67
C HIS E 26 -6.91 37.60 3.46
N THR E 27 -6.25 37.06 2.44
CA THR E 27 -5.95 37.82 1.23
C THR E 27 -6.31 36.96 0.02
N ALA E 28 -6.59 37.64 -1.10
CA ALA E 28 -6.91 36.94 -2.33
C ALA E 28 -5.74 36.10 -2.81
N GLU E 29 -4.52 36.52 -2.48
CA GLU E 29 -3.35 35.71 -2.83
C GLU E 29 -3.31 34.42 -2.01
N ALA E 30 -3.73 34.49 -0.74
CA ALA E 30 -3.70 33.30 0.11
C ALA E 30 -4.63 32.22 -0.41
N VAL E 31 -5.84 32.59 -0.83
CA VAL E 31 -6.76 31.59 -1.38
C VAL E 31 -6.29 31.13 -2.75
N ALA E 32 -5.64 32.01 -3.52
CA ALA E 32 -5.09 31.60 -4.80
C ALA E 32 -4.00 30.55 -4.62
N TYR E 33 -3.12 30.75 -3.63
CA TYR E 33 -2.07 29.78 -3.35
C TYR E 33 -2.57 28.56 -2.59
N ALA E 34 -3.80 28.60 -2.08
CA ALA E 34 -4.33 27.47 -1.32
C ALA E 34 -4.64 26.31 -2.27
N PRO E 35 -4.29 25.08 -1.92
CA PRO E 35 -4.63 23.94 -2.76
C PRO E 35 -6.14 23.69 -2.77
N ARG E 36 -6.58 22.95 -3.79
CA ARG E 36 -8.00 22.63 -3.89
C ARG E 36 -8.47 21.81 -2.71
N LYS E 37 -7.63 20.88 -2.24
CA LYS E 37 -8.02 20.02 -1.12
C LYS E 37 -8.38 20.83 0.12
N ASP E 38 -7.57 21.84 0.44
CA ASP E 38 -7.76 22.60 1.68
C ASP E 38 -9.10 23.31 1.69
N LEU E 39 -9.56 23.79 0.54
CA LEU E 39 -10.84 24.48 0.48
C LEU E 39 -12.00 23.55 0.77
N LEU E 40 -11.86 22.25 0.47
CA LEU E 40 -12.96 21.32 0.70
C LEU E 40 -13.25 21.14 2.19
N GLU E 41 -12.22 21.08 3.02
CA GLU E 41 -12.47 20.91 4.45
C GLU E 41 -13.16 22.12 5.07
N ILE E 42 -13.21 23.26 4.38
CA ILE E 42 -13.95 24.41 4.90
C ILE E 42 -15.44 24.13 4.74
N LYS E 43 -16.16 24.18 5.86
CA LYS E 43 -17.58 23.87 5.84
C LYS E 43 -18.36 24.94 5.09
N GLY E 44 -19.38 24.50 4.35
CA GLY E 44 -20.20 25.41 3.59
C GLY E 44 -19.66 25.82 2.24
N ILE E 45 -18.64 25.14 1.74
CA ILE E 45 -18.05 25.42 0.44
C ILE E 45 -18.24 24.19 -0.44
N SER E 46 -18.85 24.38 -1.61
CA SER E 46 -19.09 23.30 -2.54
C SER E 46 -17.98 23.23 -3.58
N GLU E 47 -17.93 22.09 -4.29
CA GLU E 47 -16.91 21.89 -5.30
C GLU E 47 -17.05 22.91 -6.43
N ALA E 48 -18.29 23.17 -6.86
CA ALA E 48 -18.50 24.19 -7.88
C ALA E 48 -18.10 25.57 -7.36
N LYS E 49 -18.42 25.87 -6.11
CA LYS E 49 -18.03 27.15 -5.52
C LYS E 49 -16.51 27.24 -5.39
N ALA E 50 -15.87 26.14 -4.98
CA ALA E 50 -14.42 26.15 -4.82
C ALA E 50 -13.70 26.42 -6.14
N ASP E 51 -14.17 25.80 -7.22
CA ASP E 51 -13.59 26.05 -8.53
C ASP E 51 -13.82 27.48 -8.97
N LYS E 52 -15.01 28.02 -8.67
CA LYS E 52 -15.33 29.38 -9.10
C LYS E 52 -14.40 30.40 -8.45
N LEU E 53 -14.18 30.26 -7.14
CA LEU E 53 -13.32 31.22 -6.45
C LEU E 53 -11.86 31.04 -6.85
N LEU E 54 -11.43 29.80 -7.11
CA LEU E 54 -10.06 29.56 -7.54
C LEU E 54 -9.80 30.22 -8.89
N ASN E 55 -10.75 30.12 -9.82
CA ASN E 55 -10.59 30.77 -11.11
C ASN E 55 -10.57 32.29 -10.96
N GLU E 56 -11.44 32.82 -10.10
CA GLU E 56 -11.45 34.26 -9.86
C GLU E 56 -10.16 34.72 -9.22
N ALA E 57 -9.65 33.96 -8.24
CA ALA E 57 -8.42 34.33 -7.57
C ALA E 57 -7.24 34.32 -8.55
N ALA E 58 -7.19 33.32 -9.43
CA ALA E 58 -6.10 33.23 -10.39
C ALA E 58 -6.13 34.38 -11.38
N ARG E 59 -7.30 34.98 -11.60
CA ARG E 59 -7.38 36.12 -12.51
C ARG E 59 -6.74 37.37 -11.90
N LEU E 60 -6.67 37.44 -10.57
CA LEU E 60 -6.11 38.61 -9.90
C LEU E 60 -4.67 38.40 -9.46
N VAL E 61 -4.28 37.18 -9.16
CA VAL E 61 -2.94 36.85 -8.69
C VAL E 61 -2.20 36.15 -9.82
N PRO E 62 -0.99 36.59 -10.19
CA PRO E 62 -0.28 35.93 -11.28
C PRO E 62 0.04 34.47 -10.94
N MET E 63 -0.14 33.60 -11.93
CA MET E 63 0.15 32.18 -11.76
C MET E 63 0.87 31.56 -12.96
N GLY E 64 1.13 32.32 -14.01
CA GLY E 64 1.75 31.79 -15.22
C GLY E 64 3.25 31.94 -15.22
N PHE E 65 3.80 32.13 -16.41
CA PHE E 65 5.24 32.23 -16.61
C PHE E 65 5.65 33.69 -16.73
N VAL E 66 6.96 33.91 -16.64
CA VAL E 66 7.53 35.25 -16.78
C VAL E 66 9.00 35.09 -17.16
N THR E 67 9.47 35.96 -18.05
CA THR E 67 10.86 35.92 -18.47
C THR E 67 11.77 36.31 -17.31
N ALA E 68 13.00 35.82 -17.37
CA ALA E 68 13.97 36.14 -16.32
C ALA E 68 14.30 37.62 -16.30
N ALA E 69 14.24 38.29 -17.44
CA ALA E 69 14.54 39.72 -17.49
C ALA E 69 13.56 40.53 -16.64
N ASP E 70 12.27 40.20 -16.74
CA ASP E 70 11.29 40.87 -15.90
C ASP E 70 11.49 40.53 -14.43
N PHE E 71 11.79 39.27 -14.13
CA PHE E 71 12.04 38.87 -12.75
C PHE E 71 13.30 39.53 -12.21
N HIS E 72 14.34 39.65 -13.04
CA HIS E 72 15.59 40.24 -12.58
C HIS E 72 15.41 41.70 -12.17
N MET E 73 14.66 42.46 -12.96
CA MET E 73 14.44 43.86 -12.62
C MET E 73 13.49 44.03 -11.45
N ARG E 74 12.60 43.06 -11.23
CA ARG E 74 11.74 43.11 -10.05
C ARG E 74 12.55 42.89 -8.78
N ARG E 75 13.50 41.95 -8.81
CA ARG E 75 14.30 41.67 -7.63
C ARG E 75 15.28 42.80 -7.34
N SER E 76 15.66 43.58 -8.36
CA SER E 76 16.55 44.71 -8.13
C SER E 76 15.86 45.86 -7.41
N GLU E 77 14.53 45.86 -7.34
CA GLU E 77 13.77 46.86 -6.60
C GLU E 77 13.42 46.39 -5.20
N LEU E 78 13.96 45.26 -4.76
CA LEU E 78 13.65 44.71 -3.46
C LEU E 78 14.24 45.57 -2.35
N ILE E 79 13.59 45.56 -1.20
CA ILE E 79 14.00 46.33 -0.03
C ILE E 79 14.79 45.44 0.90
N CYS E 80 15.99 45.87 1.26
CA CYS E 80 16.86 45.13 2.19
C CYS E 80 16.99 45.94 3.46
N LEU E 81 16.60 45.35 4.59
CA LEU E 81 16.69 46.03 5.87
C LEU E 81 18.14 46.14 6.30
N THR E 82 18.51 47.32 6.81
CA THR E 82 19.85 47.53 7.33
C THR E 82 20.02 46.86 8.68
N THR E 83 21.21 46.32 8.92
CA THR E 83 21.52 45.65 10.18
C THR E 83 22.20 46.58 11.18
N GLY E 84 22.46 47.83 10.81
CA GLY E 84 23.18 48.73 11.66
C GLY E 84 24.68 48.61 11.60
N SER E 85 25.21 47.67 10.83
CA SER E 85 26.65 47.47 10.68
C SER E 85 26.99 47.45 9.20
N LYS E 86 27.98 48.26 8.81
CA LYS E 86 28.37 48.31 7.41
C LYS E 86 29.05 47.01 6.97
N ASN E 87 29.84 46.41 7.85
CA ASN E 87 30.50 45.15 7.52
C ASN E 87 29.48 44.05 7.28
N LEU E 88 28.47 43.95 8.14
CA LEU E 88 27.44 42.93 7.97
C LEU E 88 26.59 43.20 6.73
N ASP E 89 26.27 44.47 6.47
CA ASP E 89 25.48 44.80 5.30
C ASP E 89 26.22 44.44 4.01
N THR E 90 27.53 44.70 3.97
CA THR E 90 28.31 44.35 2.79
C THR E 90 28.36 42.84 2.61
N LEU E 91 28.41 42.09 3.72
CA LEU E 91 28.44 40.63 3.63
C LEU E 91 27.16 40.09 2.99
N LEU E 92 26.02 40.64 3.35
CA LEU E 92 24.74 40.18 2.83
C LEU E 92 24.31 40.91 1.57
N GLY E 93 25.14 41.79 1.04
CA GLY E 93 24.79 42.52 -0.17
C GLY E 93 23.63 43.48 0.00
N GLY E 94 23.61 44.23 1.11
CA GLY E 94 22.57 45.21 1.32
C GLY E 94 21.89 45.08 2.67
N GLY E 95 21.74 43.86 3.14
CA GLY E 95 21.10 43.59 4.42
C GLY E 95 20.16 42.41 4.30
N VAL E 96 19.25 42.32 5.26
CA VAL E 96 18.27 41.23 5.28
C VAL E 96 17.21 41.52 4.22
N GLU E 97 17.08 40.61 3.26
CA GLU E 97 16.11 40.77 2.18
C GLU E 97 14.71 40.46 2.67
N THR E 98 13.73 41.15 2.08
CA THR E 98 12.33 40.90 2.39
C THR E 98 11.76 39.85 1.45
N GLY E 99 10.75 39.14 1.93
CA GLY E 99 10.14 38.09 1.14
C GLY E 99 10.83 36.74 1.23
N SER E 100 11.74 36.55 2.18
CA SER E 100 12.43 35.28 2.32
C SER E 100 12.79 35.07 3.79
N ILE E 101 13.02 33.82 4.14
CA ILE E 101 13.29 33.42 5.51
C ILE E 101 14.79 33.48 5.76
N THR E 102 15.19 34.19 6.82
CA THR E 102 16.58 34.29 7.22
C THR E 102 16.74 33.65 8.59
N GLU E 103 17.71 32.74 8.72
CA GLU E 103 17.93 31.99 9.93
C GLU E 103 19.27 32.36 10.56
N LEU E 104 19.28 32.55 11.88
CA LEU E 104 20.48 32.80 12.64
C LEU E 104 20.66 31.70 13.66
N PHE E 105 21.84 31.07 13.67
CA PHE E 105 22.11 30.00 14.60
C PHE E 105 23.52 30.15 15.16
N GLY E 106 23.70 29.64 16.37
CA GLY E 106 25.00 29.70 17.01
C GLY E 106 24.91 29.34 18.48
N GLU E 107 26.05 29.50 19.15
CA GLU E 107 26.15 29.25 20.58
C GLU E 107 25.53 30.45 21.30
N PHE E 108 25.43 30.40 22.63
CA PHE E 108 24.80 31.48 23.38
C PHE E 108 25.73 32.69 23.44
N ARG E 109 25.18 33.77 24.00
CA ARG E 109 25.78 35.12 24.07
C ARG E 109 26.56 35.47 22.79
N THR E 110 26.05 35.06 21.64
CA THR E 110 26.68 35.38 20.36
C THR E 110 26.07 36.59 19.68
N GLY E 111 24.85 36.96 20.03
CA GLY E 111 24.22 38.15 19.50
C GLY E 111 23.02 37.94 18.60
N LYS E 112 22.40 36.76 18.62
CA LYS E 112 21.23 36.54 17.78
C LYS E 112 20.06 37.44 18.20
N SER E 113 19.82 37.52 19.51
CA SER E 113 18.70 38.35 19.99
C SER E 113 19.02 39.82 19.83
N GLN E 114 20.28 40.22 20.01
CA GLN E 114 20.66 41.61 19.83
C GLN E 114 20.43 42.06 18.39
N LEU E 115 20.79 41.21 17.42
CA LEU E 115 20.55 41.55 16.02
C LEU E 115 19.05 41.65 15.73
N CYS E 116 18.25 40.75 16.30
CA CYS E 116 16.81 40.80 16.10
C CYS E 116 16.22 42.08 16.69
N HIS E 117 16.71 42.49 17.87
CA HIS E 117 16.26 43.75 18.45
C HIS E 117 16.65 44.93 17.57
N THR E 118 17.87 44.91 17.01
CA THR E 118 18.29 45.99 16.13
C THR E 118 17.42 46.06 14.88
N LEU E 119 17.05 44.91 14.32
CA LEU E 119 16.22 44.89 13.12
C LEU E 119 14.83 45.42 13.42
N ALA E 120 14.36 45.26 14.66
CA ALA E 120 13.04 45.78 15.02
C ALA E 120 12.98 47.29 14.88
N VAL E 121 14.03 47.99 15.30
CA VAL E 121 14.07 49.44 15.16
C VAL E 121 14.24 49.84 13.70
N THR E 122 15.12 49.16 12.97
CA THR E 122 15.48 49.58 11.62
C THR E 122 14.38 49.32 10.60
N CYS E 123 13.34 48.55 10.95
CA CYS E 123 12.26 48.35 9.99
C CYS E 123 11.26 49.49 9.99
N GLN E 124 11.43 50.48 10.86
CA GLN E 124 10.53 51.62 10.93
C GLN E 124 11.12 52.90 10.36
N ILE E 125 12.45 52.97 10.22
CA ILE E 125 13.12 54.17 9.72
C ILE E 125 12.82 54.32 8.23
N PRO E 126 12.94 55.51 7.66
CA PRO E 126 12.58 55.70 6.25
C PRO E 126 13.40 54.83 5.31
N LEU E 127 12.89 54.71 4.08
CA LEU E 127 13.49 53.81 3.09
C LEU E 127 14.88 54.27 2.69
N ASP E 128 15.11 55.58 2.63
CA ASP E 128 16.39 56.10 2.13
C ASP E 128 17.57 55.69 2.99
N ILE E 129 17.34 55.35 4.27
CA ILE E 129 18.42 54.95 5.15
C ILE E 129 18.34 53.45 5.42
N GLY E 130 17.78 52.71 4.48
CA GLY E 130 17.73 51.26 4.59
C GLY E 130 16.60 50.72 5.44
N GLY E 131 15.52 51.47 5.62
CA GLY E 131 14.40 51.02 6.41
C GLY E 131 13.31 50.39 5.56
N GLY E 132 12.19 50.11 6.22
CA GLY E 132 11.04 49.54 5.55
C GLY E 132 9.77 50.34 5.77
N GLU E 133 9.82 51.28 6.71
CA GLU E 133 8.68 52.13 7.05
C GLU E 133 7.45 51.31 7.39
N GLY E 134 7.66 50.24 8.17
CA GLY E 134 6.57 49.38 8.57
C GLY E 134 6.71 48.96 10.02
N LYS E 135 5.60 48.49 10.57
CA LYS E 135 5.60 48.01 11.95
C LYS E 135 6.28 46.65 12.02
N CYS E 136 6.55 46.22 13.25
CA CYS E 136 7.25 44.97 13.49
C CYS E 136 6.41 44.06 14.39
N LEU E 137 6.62 42.76 14.23
CA LEU E 137 5.97 41.75 15.04
C LEU E 137 7.07 40.85 15.60
N TYR E 138 6.92 40.43 16.87
CA TYR E 138 8.00 39.73 17.56
C TYR E 138 7.38 38.61 18.38
N ILE E 139 7.32 37.41 17.81
CA ILE E 139 6.89 36.22 18.54
C ILE E 139 8.08 35.69 19.32
N ASP E 140 7.90 35.49 20.63
CA ASP E 140 8.96 35.07 21.51
C ASP E 140 8.57 33.76 22.20
N THR E 141 9.54 32.85 22.31
CA THR E 141 9.33 31.57 22.97
C THR E 141 10.21 31.38 24.19
N GLU E 142 11.09 32.32 24.50
CA GLU E 142 12.00 32.19 25.63
C GLU E 142 11.83 33.27 26.69
N GLY E 143 10.98 34.26 26.46
CA GLY E 143 10.85 35.35 27.41
C GLY E 143 12.03 36.28 27.46
N THR E 144 12.79 36.37 26.37
CA THR E 144 14.02 37.16 26.31
C THR E 144 13.79 38.54 25.71
N PHE E 145 12.55 38.91 25.42
CA PHE E 145 12.26 40.25 24.91
C PHE E 145 12.59 41.30 25.97
N ARG E 146 13.23 42.38 25.54
CA ARG E 146 13.63 43.46 26.44
C ARG E 146 13.38 44.79 25.74
N PRO E 147 12.26 45.45 26.04
CA PRO E 147 11.98 46.75 25.41
C PRO E 147 13.00 47.82 25.75
N VAL E 148 13.77 47.64 26.82
CA VAL E 148 14.78 48.63 27.19
C VAL E 148 15.82 48.78 26.08
N ARG E 149 16.19 47.67 25.45
CA ARG E 149 17.16 47.74 24.36
C ARG E 149 16.61 48.53 23.18
N LEU E 150 15.32 48.36 22.87
CA LEU E 150 14.73 49.10 21.76
C LEU E 150 14.79 50.60 22.00
N VAL E 151 14.63 51.03 23.25
CA VAL E 151 14.70 52.45 23.57
C VAL E 151 16.08 53.00 23.25
N SER E 152 17.13 52.26 23.65
CA SER E 152 18.49 52.72 23.42
C SER E 152 18.80 52.84 21.94
N ILE E 153 18.37 51.86 21.14
CA ILE E 153 18.62 51.90 19.71
C ILE E 153 17.86 53.04 19.05
N ALA E 154 16.71 53.43 19.62
CA ALA E 154 15.88 54.46 19.01
C ALA E 154 16.61 55.80 18.95
N GLN E 155 17.32 56.16 20.01
CA GLN E 155 18.06 57.43 20.00
C GLN E 155 19.18 57.42 18.98
N ARG E 156 19.74 56.24 18.70
CA ARG E 156 20.83 56.16 17.71
C ARG E 156 20.36 56.59 16.34
N PHE E 157 19.15 56.16 15.94
CA PHE E 157 18.60 56.51 14.64
C PHE E 157 17.70 57.74 14.68
N GLY E 158 17.55 58.37 15.84
CA GLY E 158 16.76 59.58 15.96
C GLY E 158 15.27 59.38 16.10
N LEU E 159 14.79 58.14 16.08
CA LEU E 159 13.36 57.90 16.24
C LEU E 159 12.93 58.18 17.68
N ASP E 160 11.65 58.50 17.82
CA ASP E 160 11.08 58.75 19.14
C ASP E 160 11.02 57.45 19.92
N PRO E 161 11.56 57.40 21.14
CA PRO E 161 11.48 56.15 21.92
C PRO E 161 10.05 55.69 22.16
N ASP E 162 9.12 56.62 22.34
CA ASP E 162 7.72 56.24 22.49
C ASP E 162 7.16 55.68 21.19
N ASP E 163 7.46 56.34 20.07
CA ASP E 163 6.91 55.90 18.78
C ASP E 163 7.42 54.51 18.41
N ALA E 164 8.70 54.24 18.69
CA ALA E 164 9.25 52.93 18.39
C ALA E 164 8.55 51.83 19.17
N LEU E 165 8.25 52.09 20.44
CA LEU E 165 7.55 51.09 21.25
C LEU E 165 6.09 50.96 20.86
N ASN E 166 5.54 51.93 20.14
CA ASN E 166 4.15 51.86 19.69
C ASN E 166 4.00 51.14 18.36
N ASN E 167 5.09 50.83 17.67
CA ASN E 167 5.04 50.18 16.37
C ASN E 167 5.52 48.75 16.40
N VAL E 168 5.66 48.15 17.58
CA VAL E 168 6.11 46.78 17.74
C VAL E 168 5.07 46.02 18.54
N ALA E 169 4.56 44.94 17.96
CA ALA E 169 3.59 44.08 18.63
C ALA E 169 4.32 42.84 19.13
N TYR E 170 4.20 42.56 20.43
CA TYR E 170 4.90 41.46 21.06
C TYR E 170 3.91 40.40 21.52
N ALA E 171 4.30 39.14 21.40
CA ALA E 171 3.48 38.02 21.84
C ALA E 171 4.40 36.88 22.23
N ARG E 172 4.00 36.14 23.25
CA ARG E 172 4.81 35.04 23.78
C ARG E 172 4.08 33.72 23.56
N ALA E 173 4.83 32.72 23.07
CA ALA E 173 4.31 31.38 22.87
C ALA E 173 4.71 30.49 24.03
N TYR E 174 3.86 29.51 24.33
CA TYR E 174 4.10 28.61 25.45
C TYR E 174 4.16 27.14 25.05
N ASN E 175 3.75 26.78 23.84
CA ASN E 175 3.84 25.40 23.39
C ASN E 175 3.83 25.39 21.86
N ALA E 176 4.07 24.21 21.30
CA ALA E 176 4.13 24.09 19.84
C ALA E 176 2.77 24.42 19.21
N ASP E 177 1.68 23.94 19.81
CA ASP E 177 0.36 24.25 19.28
C ASP E 177 0.06 25.73 19.34
N HIS E 178 0.40 26.38 20.46
CA HIS E 178 0.18 27.82 20.59
C HIS E 178 1.05 28.59 19.61
N GLN E 179 2.29 28.15 19.41
CA GLN E 179 3.19 28.87 18.51
C GLN E 179 2.67 28.86 17.08
N LEU E 180 2.17 27.72 16.62
CA LEU E 180 1.60 27.66 15.27
C LEU E 180 0.31 28.47 15.18
N ARG E 181 -0.50 28.46 16.24
CA ARG E 181 -1.76 29.19 16.21
C ARG E 181 -1.54 30.70 16.14
N LEU E 182 -0.44 31.20 16.71
CA LEU E 182 -0.17 32.63 16.69
C LEU E 182 0.01 33.17 15.28
N LEU E 183 0.37 32.31 14.32
CA LEU E 183 0.57 32.78 12.95
C LEU E 183 -0.75 33.16 12.29
N ASP E 184 -1.84 32.46 12.63
CA ASP E 184 -3.15 32.83 12.09
C ASP E 184 -3.55 34.23 12.54
N ALA E 185 -3.31 34.55 13.82
CA ALA E 185 -3.57 35.89 14.30
C ALA E 185 -2.67 36.91 13.61
N ALA E 186 -1.43 36.52 13.33
CA ALA E 186 -0.50 37.44 12.67
C ALA E 186 -0.99 37.81 11.28
N ALA E 187 -1.53 36.84 10.54
CA ALA E 187 -2.03 37.12 9.19
C ALA E 187 -3.17 38.11 9.22
N GLN E 188 -4.08 37.97 10.19
CA GLN E 188 -5.17 38.93 10.33
C GLN E 188 -4.65 40.33 10.64
N MET E 189 -3.64 40.42 11.51
CA MET E 189 -3.04 41.72 11.81
C MET E 189 -2.38 42.33 10.58
N MET E 190 -1.67 41.51 9.79
CA MET E 190 -0.97 42.03 8.63
C MET E 190 -1.94 42.46 7.53
N SER E 191 -3.12 41.85 7.47
CA SER E 191 -4.08 42.18 6.43
C SER E 191 -4.73 43.54 6.62
N GLU E 192 -4.54 44.18 7.77
CA GLU E 192 -5.17 45.46 8.06
C GLU E 192 -4.19 46.61 8.16
N SER E 193 -2.89 46.35 8.24
CA SER E 193 -1.91 47.40 8.35
C SER E 193 -0.58 46.93 7.76
N ARG E 194 0.28 47.89 7.45
CA ARG E 194 1.57 47.59 6.84
C ARG E 194 2.53 47.01 7.86
N PHE E 195 3.16 45.89 7.51
CA PHE E 195 4.18 45.26 8.32
C PHE E 195 5.42 45.03 7.46
N SER E 196 6.57 44.95 8.12
CA SER E 196 7.82 44.76 7.40
C SER E 196 8.76 43.74 8.03
N LEU E 197 8.41 43.13 9.16
CA LEU E 197 9.31 42.19 9.81
C LEU E 197 8.53 41.28 10.74
N ILE E 198 8.86 39.99 10.69
CA ILE E 198 8.37 39.00 11.65
C ILE E 198 9.58 38.30 12.25
N VAL E 199 9.60 38.19 13.58
CA VAL E 199 10.71 37.56 14.29
C VAL E 199 10.17 36.46 15.17
N VAL E 200 10.77 35.27 15.04
CA VAL E 200 10.49 34.14 15.93
C VAL E 200 11.79 33.78 16.63
N ASP E 201 11.78 33.81 17.95
CA ASP E 201 13.02 33.62 18.73
C ASP E 201 12.66 32.86 20.01
N SER E 202 12.88 31.55 19.99
CA SER E 202 13.43 30.86 18.84
C SER E 202 12.41 29.88 18.28
N VAL E 203 12.82 29.10 17.28
CA VAL E 203 11.91 28.17 16.61
C VAL E 203 11.88 26.83 17.31
N MET E 204 13.04 26.24 17.57
CA MET E 204 13.13 24.89 18.08
C MET E 204 13.17 24.83 19.61
N ALA E 205 12.98 25.96 20.29
CA ALA E 205 13.05 25.96 21.75
C ALA E 205 11.98 25.08 22.36
N LEU E 206 10.75 25.13 21.82
CA LEU E 206 9.64 24.39 22.38
C LEU E 206 9.51 22.99 21.80
N TYR E 207 10.00 22.77 20.57
CA TYR E 207 9.85 21.47 19.94
C TYR E 207 10.73 20.41 20.60
N ARG E 208 11.82 20.82 21.25
CA ARG E 208 12.72 19.86 21.86
C ARG E 208 12.04 19.10 23.01
N THR E 209 11.27 19.81 23.82
CA THR E 209 10.67 19.20 25.00
C THR E 209 9.25 18.70 24.75
N ASP E 210 8.52 19.33 23.82
CA ASP E 210 7.16 18.88 23.54
C ASP E 210 7.15 17.49 22.93
N PHE E 211 8.09 17.20 22.04
CA PHE E 211 8.23 15.88 21.42
C PHE E 211 9.53 15.27 21.89
N SER E 212 9.45 14.30 22.80
CA SER E 212 10.62 13.64 23.35
C SER E 212 10.57 12.16 23.04
N GLY E 213 11.71 11.61 22.62
CA GLY E 213 11.81 10.21 22.30
C GLY E 213 11.95 9.97 20.81
N ARG E 214 12.48 8.79 20.48
CA ARG E 214 12.67 8.43 19.08
C ARG E 214 11.34 8.23 18.38
N GLY E 215 10.34 7.68 19.09
CA GLY E 215 9.06 7.41 18.48
C GLY E 215 8.27 8.65 18.08
N GLU E 216 8.59 9.79 18.67
CA GLU E 216 7.93 11.04 18.34
C GLU E 216 8.72 11.90 17.36
N LEU E 217 9.84 11.37 16.84
CA LEU E 217 10.64 12.13 15.89
C LEU E 217 9.86 12.41 14.61
N SER E 218 9.10 11.43 14.12
CA SER E 218 8.31 11.64 12.92
C SER E 218 7.23 12.70 13.15
N ALA E 219 6.56 12.65 14.30
CA ALA E 219 5.57 13.67 14.62
C ALA E 219 6.21 15.03 14.79
N ARG E 220 7.38 15.09 15.42
CA ARG E 220 8.05 16.36 15.66
C ARG E 220 8.46 17.01 14.35
N GLN E 221 9.11 16.25 13.46
CA GLN E 221 9.65 16.82 12.23
C GLN E 221 8.53 17.30 11.32
N MET E 222 7.44 16.55 11.23
CA MET E 222 6.36 16.95 10.33
C MET E 222 5.62 18.17 10.86
N HIS E 223 5.43 18.24 12.18
CA HIS E 223 4.80 19.42 12.77
C HIS E 223 5.64 20.66 12.53
N LEU E 224 6.97 20.53 12.61
CA LEU E 224 7.85 21.64 12.31
C LEU E 224 7.72 22.08 10.86
N ALA E 225 7.56 21.11 9.95
CA ALA E 225 7.43 21.44 8.54
C ALA E 225 6.18 22.26 8.28
N LYS E 226 5.08 21.94 8.96
CA LYS E 226 3.86 22.73 8.81
C LYS E 226 4.07 24.16 9.28
N PHE E 227 4.83 24.34 10.36
CA PHE E 227 5.09 25.69 10.87
C PHE E 227 5.87 26.51 9.85
N MET E 228 6.89 25.91 9.23
CA MET E 228 7.70 26.67 8.29
C MET E 228 6.99 26.89 6.97
N ARG E 229 6.07 26.01 6.60
CA ARG E 229 5.24 26.26 5.42
C ARG E 229 4.38 27.50 5.64
N ALA E 230 3.84 27.66 6.85
CA ALA E 230 3.07 28.86 7.16
C ALA E 230 3.92 30.11 7.12
N LEU E 231 5.16 30.02 7.61
CA LEU E 231 6.06 31.17 7.55
C LEU E 231 6.36 31.57 6.11
N GLN E 232 6.57 30.57 5.24
CA GLN E 232 6.83 30.87 3.83
C GLN E 232 5.61 31.52 3.18
N ARG E 233 4.41 31.06 3.54
CA ARG E 233 3.20 31.66 2.99
C ARG E 233 3.07 33.12 3.39
N LEU E 234 3.45 33.45 4.63
CA LEU E 234 3.37 34.83 5.08
C LEU E 234 4.30 35.73 4.26
N ALA E 235 5.48 35.23 3.91
CA ALA E 235 6.39 36.01 3.08
C ALA E 235 5.82 36.23 1.68
N ASP E 236 5.15 35.22 1.13
CA ASP E 236 4.58 35.37 -0.21
C ASP E 236 3.40 36.33 -0.21
N GLN E 237 2.52 36.24 0.80
CA GLN E 237 1.32 37.07 0.81
C GLN E 237 1.64 38.54 0.98
N PHE E 238 2.46 38.88 1.98
CA PHE E 238 2.68 40.27 2.34
C PHE E 238 4.07 40.79 1.99
N GLY E 239 5.04 39.92 1.73
CA GLY E 239 6.38 40.35 1.43
C GLY E 239 7.22 40.68 2.64
N VAL E 240 6.73 40.42 3.85
CA VAL E 240 7.46 40.77 5.06
C VAL E 240 8.70 39.90 5.19
N ALA E 241 9.78 40.49 5.70
CA ALA E 241 10.99 39.73 5.95
C ALA E 241 10.83 38.91 7.23
N VAL E 242 11.20 37.63 7.16
CA VAL E 242 11.08 36.72 8.29
C VAL E 242 12.47 36.41 8.79
N VAL E 243 12.70 36.62 10.09
CA VAL E 243 13.97 36.32 10.74
C VAL E 243 13.70 35.36 11.89
N VAL E 244 14.38 34.22 11.88
CA VAL E 244 14.20 33.20 12.89
C VAL E 244 15.57 32.84 13.47
N THR E 245 15.60 32.56 14.77
CA THR E 245 16.82 32.18 15.45
C THR E 245 16.78 30.71 15.84
N ASN E 246 17.95 30.10 15.92
CA ASN E 246 18.05 28.67 16.19
C ASN E 246 19.21 28.42 17.15
N GLN E 247 19.14 27.28 17.84
CA GLN E 247 20.18 26.85 18.76
C GLN E 247 21.13 25.89 18.05
N VAL E 248 22.13 25.41 18.80
CA VAL E 248 23.10 24.46 18.28
C VAL E 248 23.28 23.33 19.28
N VAL E 249 23.73 22.19 18.77
CA VAL E 249 24.03 21.01 19.58
C VAL E 249 25.39 20.46 19.16
N ALA E 250 26.18 20.05 20.13
CA ALA E 250 27.49 19.47 19.85
C ALA E 250 27.33 18.06 19.31
N GLN E 251 28.00 17.77 18.20
CA GLN E 251 27.92 16.45 17.58
C GLN E 251 28.85 15.50 18.33
N VAL E 252 28.25 14.52 19.01
CA VAL E 252 29.04 13.58 19.81
C VAL E 252 29.94 12.73 18.91
N ASP E 253 29.37 12.23 17.81
CA ASP E 253 30.15 11.42 16.87
C ASP E 253 31.07 12.33 16.08
N GLY E 254 32.31 12.45 16.53
CA GLY E 254 33.29 13.30 15.88
C GLY E 254 33.98 12.64 14.71
N GLY E 255 33.26 11.78 13.99
CA GLY E 255 33.85 11.12 12.84
C GLY E 255 34.19 12.09 11.72
N MET E 256 33.38 13.13 11.55
CA MET E 256 33.60 14.13 10.50
C MET E 256 34.74 15.06 10.94
N ALA E 257 35.96 14.54 10.80
CA ALA E 257 37.15 15.32 11.15
C ALA E 257 37.34 16.53 10.24
N PHE E 258 36.80 16.48 9.02
CA PHE E 258 36.91 17.62 8.11
C PHE E 258 36.14 18.82 8.66
N ASN E 259 34.97 18.59 9.23
CA ASN E 259 34.12 19.68 9.71
C ASN E 259 34.78 20.33 10.92
N PRO E 260 35.14 21.62 10.86
CA PRO E 260 35.92 22.22 11.95
C PRO E 260 35.13 22.47 13.23
N ASP E 261 33.93 23.02 13.12
CA ASP E 261 33.16 23.37 14.31
C ASP E 261 32.41 22.16 14.84
N PRO E 262 32.58 21.78 16.11
CA PRO E 262 31.89 20.61 16.65
C PRO E 262 30.43 20.82 17.01
N LYS E 263 29.82 21.93 16.57
CA LYS E 263 28.41 22.21 16.88
C LYS E 263 27.64 22.40 15.58
N LYS E 264 26.44 21.85 15.54
CA LYS E 264 25.58 21.93 14.36
C LYS E 264 24.20 22.42 14.77
N PRO E 265 23.50 23.12 13.87
CA PRO E 265 22.15 23.60 14.19
C PRO E 265 21.16 22.45 14.36
N ILE E 266 20.16 22.69 15.20
CA ILE E 266 19.12 21.70 15.43
C ILE E 266 18.06 21.80 14.32
N GLY E 267 17.23 20.76 14.22
CA GLY E 267 16.11 20.73 13.29
C GLY E 267 16.26 19.73 12.18
N GLY E 268 17.46 19.23 11.93
CA GLY E 268 17.63 18.24 10.89
C GLY E 268 17.49 18.83 9.50
N ASN E 269 17.09 17.97 8.56
CA ASN E 269 17.00 18.39 7.16
C ASN E 269 15.79 19.27 6.90
N ILE E 270 14.73 19.11 7.69
CA ILE E 270 13.55 19.96 7.53
C ILE E 270 13.92 21.42 7.81
N MET E 271 14.69 21.65 8.88
CA MET E 271 15.14 23.00 9.19
C MET E 271 16.09 23.53 8.13
N ALA E 272 16.98 22.68 7.62
CA ALA E 272 18.02 23.14 6.72
C ALA E 272 17.47 23.53 5.35
N HIS E 273 16.58 22.72 4.79
CA HIS E 273 16.06 22.98 3.45
C HIS E 273 15.02 24.10 3.42
N SER E 274 14.42 24.44 4.56
CA SER E 274 13.39 25.49 4.56
C SER E 274 13.97 26.89 4.56
N SER E 275 15.14 27.07 5.18
CA SER E 275 15.72 28.40 5.30
C SER E 275 16.39 28.81 3.99
N THR E 276 16.07 30.03 3.53
CA THR E 276 16.71 30.54 2.31
C THR E 276 18.16 30.93 2.59
N THR E 277 18.39 31.62 3.70
CA THR E 277 19.73 32.06 4.10
C THR E 277 19.98 31.68 5.54
N ARG E 278 21.20 31.21 5.82
CA ARG E 278 21.59 30.83 7.17
C ARG E 278 22.91 31.52 7.53
N LEU E 279 22.97 32.03 8.75
CA LEU E 279 24.16 32.70 9.25
C LEU E 279 24.60 32.05 10.57
N GLY E 280 25.91 31.86 10.72
CA GLY E 280 26.48 31.29 11.92
C GLY E 280 27.25 32.33 12.69
N PHE E 281 27.02 32.39 14.00
CA PHE E 281 27.59 33.40 14.87
C PHE E 281 28.56 32.74 15.85
N LYS E 282 29.72 33.37 16.04
CA LYS E 282 30.72 32.91 16.99
C LYS E 282 31.24 34.11 17.77
N LYS E 283 31.73 33.85 18.98
CA LYS E 283 32.22 34.92 19.84
C LYS E 283 33.66 35.27 19.50
N GLY E 284 33.91 36.57 19.43
CA GLY E 284 35.26 37.11 19.25
C GLY E 284 35.85 37.57 20.57
N LYS E 285 36.63 38.65 20.51
CA LYS E 285 37.24 39.22 21.69
C LYS E 285 36.39 40.40 22.19
N GLY E 286 36.17 40.44 23.50
CA GLY E 286 35.36 41.51 24.07
C GLY E 286 33.93 41.42 23.56
N CYS E 287 33.45 42.52 22.99
CA CYS E 287 32.10 42.60 22.45
C CYS E 287 32.03 42.26 20.97
N GLN E 288 33.15 41.89 20.36
CA GLN E 288 33.16 41.56 18.93
C GLN E 288 32.60 40.16 18.70
N ARG E 289 32.03 39.97 17.51
CA ARG E 289 31.47 38.68 17.12
C ARG E 289 31.84 38.41 15.66
N LEU E 290 31.73 37.14 15.28
CA LEU E 290 32.06 36.70 13.93
C LEU E 290 30.82 36.08 13.29
N CYS E 291 30.54 36.49 12.06
CA CYS E 291 29.40 35.99 11.30
C CYS E 291 29.90 35.31 10.03
N LYS E 292 29.28 34.17 9.70
CA LYS E 292 29.66 33.38 8.54
C LYS E 292 28.42 32.95 7.79
N VAL E 293 28.40 33.19 6.48
CA VAL E 293 27.27 32.80 5.64
C VAL E 293 27.41 31.32 5.30
N VAL E 294 26.59 30.48 5.91
CA VAL E 294 26.69 29.04 5.69
C VAL E 294 26.05 28.66 4.36
N ASP E 295 24.79 29.03 4.16
CA ASP E 295 24.06 28.68 2.96
C ASP E 295 23.38 29.92 2.39
N SER E 296 23.47 30.08 1.08
CA SER E 296 22.81 31.17 0.37
C SER E 296 22.82 30.89 -1.13
N PRO E 297 21.71 31.08 -1.83
CA PRO E 297 21.68 30.77 -3.27
C PRO E 297 22.44 31.76 -4.13
N CYS E 298 22.79 32.94 -3.60
CA CYS E 298 23.46 33.93 -4.43
C CYS E 298 24.58 34.67 -3.71
N LEU E 299 25.02 34.20 -2.55
CA LEU E 299 26.06 34.89 -1.79
C LEU E 299 27.23 33.96 -1.52
N PRO E 300 28.45 34.37 -1.82
CA PRO E 300 29.62 33.51 -1.55
C PRO E 300 29.84 33.32 -0.06
N GLU E 301 30.41 32.18 0.29
CA GLU E 301 30.70 31.86 1.68
C GLU E 301 31.87 32.70 2.15
N ALA E 302 31.63 33.58 3.12
CA ALA E 302 32.66 34.49 3.61
C ALA E 302 32.43 34.74 5.09
N GLU E 303 33.15 35.71 5.65
CA GLU E 303 33.06 36.03 7.06
C GLU E 303 33.25 37.53 7.25
N CYS E 304 32.83 38.03 8.41
CA CYS E 304 32.98 39.42 8.77
C CYS E 304 33.01 39.54 10.28
N VAL E 305 33.33 40.74 10.76
CA VAL E 305 33.43 41.03 12.18
C VAL E 305 32.47 42.16 12.51
N PHE E 306 31.65 41.97 13.55
CA PHE E 306 30.76 43.00 14.04
C PHE E 306 30.77 42.98 15.56
N ALA E 307 30.35 44.07 16.16
CA ALA E 307 30.41 44.25 17.61
C ALA E 307 29.03 44.61 18.15
N ILE E 308 28.84 44.33 19.43
CA ILE E 308 27.60 44.62 20.14
C ILE E 308 27.85 45.76 21.11
N TYR E 309 27.06 46.82 21.00
CA TYR E 309 27.19 48.00 21.84
C TYR E 309 25.86 48.28 22.52
N GLU E 310 25.85 49.28 23.40
CA GLU E 310 24.65 49.63 24.14
C GLU E 310 23.55 50.19 23.24
N ASP E 311 23.90 50.73 22.08
CA ASP E 311 22.93 51.30 21.15
C ASP E 311 22.57 50.34 20.03
N GLY E 312 23.02 49.10 20.09
CA GLY E 312 22.68 48.09 19.10
C GLY E 312 23.90 47.56 18.40
N VAL E 313 23.65 46.70 17.41
CA VAL E 313 24.73 46.08 16.64
C VAL E 313 25.37 47.13 15.74
N GLY E 314 26.71 47.18 15.76
CA GLY E 314 27.43 48.11 14.93
C GLY E 314 28.80 47.57 14.56
N ASP E 315 29.46 48.28 13.66
CA ASP E 315 30.79 47.89 13.24
C ASP E 315 31.77 48.02 14.40
N PRO E 316 32.75 47.13 14.49
CA PRO E 316 33.74 47.22 15.57
C PRO E 316 34.53 48.52 15.50
N ARG E 317 34.83 49.07 16.66
CA ARG E 317 35.58 50.31 16.78
C ARG E 317 37.06 50.01 16.98
N GLU E 318 37.88 51.05 16.79
CA GLU E 318 39.32 50.91 16.98
C GLU E 318 39.68 50.59 18.43
N GLU E 319 38.84 51.03 19.37
CA GLU E 319 39.07 50.71 20.78
C GLU E 319 39.00 49.21 21.02
N ASP E 320 38.02 48.54 20.40
CA ASP E 320 37.91 47.09 20.53
C ASP E 320 39.06 46.37 19.86
N GLU E 321 39.73 47.01 18.91
CA GLU E 321 40.87 46.39 18.21
C GLU E 321 42.17 46.66 18.98
N PHE F 1 -2.12 35.51 40.51
CA PHE F 1 -2.44 34.66 39.37
C PHE F 1 -3.92 34.29 39.34
N VAL F 2 -4.29 33.44 38.40
CA VAL F 2 -5.68 33.02 38.21
C VAL F 2 -5.83 31.61 38.80
N PRO F 3 -6.60 31.44 39.88
CA PRO F 3 -6.78 30.10 40.44
C PRO F 3 -7.54 29.20 39.49
N ILE F 4 -7.24 27.90 39.59
CA ILE F 4 -7.89 26.91 38.74
C ILE F 4 -9.37 26.73 39.07
N GLU F 5 -9.82 27.22 40.23
CA GLU F 5 -11.22 27.06 40.61
C GLU F 5 -12.15 27.83 39.70
N LYS F 6 -11.68 28.94 39.12
CA LYS F 6 -12.51 29.72 38.21
C LYS F 6 -12.82 28.99 36.90
N LEU F 7 -12.13 27.90 36.62
CA LEU F 7 -12.40 27.12 35.42
C LEU F 7 -13.52 26.10 35.61
N GLN F 8 -14.08 25.99 36.82
CA GLN F 8 -15.12 25.02 37.10
C GLN F 8 -16.49 25.55 36.67
N VAL F 9 -16.60 25.96 35.40
CA VAL F 9 -17.85 26.48 34.86
C VAL F 9 -18.09 25.85 33.49
N ASN F 10 -19.33 25.95 33.04
CA ASN F 10 -19.75 25.47 31.72
C ASN F 10 -19.47 23.97 31.57
N GLY F 11 -20.12 23.18 32.42
CA GLY F 11 -20.04 21.74 32.32
C GLY F 11 -18.81 21.11 32.93
N ILE F 12 -17.96 21.88 33.62
CA ILE F 12 -16.77 21.33 34.23
C ILE F 12 -17.11 20.78 35.60
N THR F 13 -16.86 19.50 35.80
CA THR F 13 -17.19 18.82 37.05
C THR F 13 -16.01 18.88 38.02
N MET F 14 -16.26 18.46 39.26
CA MET F 14 -15.21 18.45 40.27
C MET F 14 -14.21 17.32 40.03
N ALA F 15 -14.68 16.21 39.45
CA ALA F 15 -13.78 15.08 39.20
C ALA F 15 -12.68 15.45 38.23
N ASP F 16 -13.01 16.21 37.18
CA ASP F 16 -12.01 16.63 36.21
C ASP F 16 -10.95 17.51 36.86
N VAL F 17 -11.39 18.44 37.73
CA VAL F 17 -10.43 19.31 38.42
C VAL F 17 -9.50 18.49 39.30
N LYS F 18 -10.04 17.50 40.01
CA LYS F 18 -9.20 16.63 40.82
C LYS F 18 -8.22 15.86 39.96
N LYS F 19 -8.67 15.36 38.80
CA LYS F 19 -7.77 14.66 37.90
C LYS F 19 -6.65 15.57 37.40
N LEU F 20 -7.00 16.80 37.04
CA LEU F 20 -5.98 17.77 36.62
C LEU F 20 -5.03 18.10 37.77
N ARG F 21 -5.57 18.26 38.98
CA ARG F 21 -4.72 18.52 40.13
C ARG F 21 -3.81 17.34 40.42
N GLU F 22 -4.32 16.12 40.28
CA GLU F 22 -3.48 14.94 40.46
C GLU F 22 -2.43 14.83 39.36
N SER F 23 -2.67 15.47 38.21
CA SER F 23 -1.73 15.46 37.11
C SER F 23 -0.67 16.55 37.22
N GLY F 24 -0.73 17.38 38.26
CA GLY F 24 0.24 18.43 38.47
C GLY F 24 -0.24 19.82 38.09
N LEU F 25 -1.37 19.94 37.42
CA LEU F 25 -1.91 21.24 37.03
C LEU F 25 -2.72 21.80 38.19
N HIS F 26 -2.19 22.82 38.84
CA HIS F 26 -2.84 23.42 40.01
C HIS F 26 -3.38 24.83 39.75
N THR F 27 -3.09 25.41 38.59
CA THR F 27 -3.56 26.75 38.27
C THR F 27 -4.21 26.75 36.89
N ALA F 28 -4.98 27.81 36.62
CA ALA F 28 -5.57 27.97 35.31
C ALA F 28 -4.50 28.15 34.24
N GLU F 29 -3.41 28.85 34.59
CA GLU F 29 -2.31 29.01 33.65
C GLU F 29 -1.66 27.68 33.32
N ALA F 30 -1.54 26.78 34.31
CA ALA F 30 -0.89 25.49 34.08
C ALA F 30 -1.63 24.67 33.04
N VAL F 31 -2.97 24.65 33.12
CA VAL F 31 -3.74 23.90 32.12
C VAL F 31 -3.83 24.68 30.82
N ALA F 32 -3.72 26.01 30.88
CA ALA F 32 -3.76 26.80 29.67
C ALA F 32 -2.47 26.66 28.87
N TYR F 33 -1.33 26.72 29.53
CA TYR F 33 -0.05 26.60 28.84
C TYR F 33 0.25 25.18 28.43
N ALA F 34 -0.45 24.20 29.01
CA ALA F 34 -0.21 22.81 28.66
C ALA F 34 -0.65 22.56 27.22
N PRO F 35 0.08 21.72 26.47
CA PRO F 35 -0.32 21.43 25.09
C PRO F 35 -1.53 20.52 25.02
N ARG F 36 -1.91 20.12 23.82
CA ARG F 36 -3.04 19.21 23.66
C ARG F 36 -2.67 17.77 23.99
N LYS F 37 -1.42 17.38 23.75
CA LYS F 37 -1.04 15.98 23.90
C LYS F 37 -1.16 15.52 25.35
N ASP F 38 -0.61 16.30 26.29
CA ASP F 38 -0.59 15.85 27.68
C ASP F 38 -1.98 15.83 28.30
N LEU F 39 -2.91 16.63 27.78
CA LEU F 39 -4.27 16.60 28.30
C LEU F 39 -5.02 15.36 27.85
N LEU F 40 -4.84 14.96 26.59
CA LEU F 40 -5.54 13.78 26.08
C LEU F 40 -5.09 12.50 26.77
N GLU F 41 -3.78 12.38 27.04
CA GLU F 41 -3.28 11.17 27.66
C GLU F 41 -3.73 11.02 29.12
N ILE F 42 -4.27 12.08 29.72
CA ILE F 42 -4.80 11.97 31.07
C ILE F 42 -6.06 11.12 31.04
N LYS F 43 -6.11 10.12 31.92
CA LYS F 43 -7.26 9.22 31.96
C LYS F 43 -8.52 9.97 32.39
N GLY F 44 -9.65 9.57 31.83
CA GLY F 44 -10.93 10.18 32.16
C GLY F 44 -11.21 11.50 31.48
N ILE F 45 -10.36 11.92 30.54
CA ILE F 45 -10.54 13.18 29.82
C ILE F 45 -10.77 12.84 28.35
N SER F 46 -11.88 13.30 27.80
CA SER F 46 -12.23 13.04 26.42
C SER F 46 -11.73 14.16 25.52
N GLU F 47 -11.83 13.94 24.20
CA GLU F 47 -11.41 14.93 23.23
C GLU F 47 -12.22 16.22 23.36
N ALA F 48 -13.54 16.08 23.49
CA ALA F 48 -14.38 17.26 23.65
C ALA F 48 -14.11 17.96 24.98
N LYS F 49 -13.90 17.19 26.04
CA LYS F 49 -13.62 17.80 27.34
C LYS F 49 -12.32 18.59 27.32
N ALA F 50 -11.29 18.05 26.66
CA ALA F 50 -10.01 18.74 26.58
C ALA F 50 -10.16 20.06 25.82
N ASP F 51 -10.91 20.06 24.73
CA ASP F 51 -11.15 21.29 23.97
C ASP F 51 -11.88 22.32 24.82
N LYS F 52 -12.89 21.87 25.58
CA LYS F 52 -13.60 22.78 26.46
C LYS F 52 -12.71 23.27 27.59
N LEU F 53 -11.69 22.49 27.96
CA LEU F 53 -10.77 22.94 28.99
C LEU F 53 -9.87 24.05 28.48
N LEU F 54 -9.33 23.89 27.27
CA LEU F 54 -8.32 24.84 26.79
C LEU F 54 -8.95 26.16 26.37
N ASN F 55 -10.11 26.12 25.70
CA ASN F 55 -10.72 27.37 25.23
C ASN F 55 -11.21 28.23 26.39
N GLU F 56 -11.78 27.60 27.43
CA GLU F 56 -12.15 28.35 28.62
C GLU F 56 -10.93 28.92 29.32
N ALA F 57 -9.84 28.14 29.39
CA ALA F 57 -8.62 28.64 30.01
C ALA F 57 -8.04 29.81 29.22
N ALA F 58 -8.11 29.75 27.89
CA ALA F 58 -7.63 30.86 27.08
C ALA F 58 -8.40 32.14 27.35
N ARG F 59 -9.66 32.02 27.76
CA ARG F 59 -10.44 33.20 28.11
C ARG F 59 -9.93 33.84 29.40
N LEU F 60 -9.56 33.00 30.38
CA LEU F 60 -9.16 33.54 31.68
C LEU F 60 -7.79 34.20 31.62
N VAL F 61 -6.83 33.57 30.96
CA VAL F 61 -5.45 34.06 30.96
C VAL F 61 -5.11 34.65 29.60
N PRO F 62 -4.19 35.61 29.52
CA PRO F 62 -3.86 36.21 28.22
C PRO F 62 -3.00 35.30 27.37
N MET F 63 -3.36 35.20 26.08
CA MET F 63 -2.56 34.47 25.12
C MET F 63 -2.44 35.19 23.78
N GLY F 64 -2.81 36.46 23.71
CA GLY F 64 -2.76 37.21 22.48
C GLY F 64 -1.55 38.11 22.39
N PHE F 65 -1.69 39.19 21.65
CA PHE F 65 -0.59 40.12 21.39
C PHE F 65 -0.63 41.28 22.38
N VAL F 66 0.43 42.07 22.37
CA VAL F 66 0.53 43.25 23.23
C VAL F 66 1.59 44.17 22.61
N THR F 67 1.48 45.46 22.89
CA THR F 67 2.43 46.41 22.36
C THR F 67 3.72 46.40 23.17
N ALA F 68 4.79 46.90 22.55
CA ALA F 68 6.06 47.04 23.27
C ALA F 68 5.94 48.03 24.41
N ALA F 69 5.22 49.14 24.21
CA ALA F 69 5.08 50.14 25.26
C ALA F 69 4.36 49.57 26.47
N ASP F 70 3.28 48.82 26.25
CA ASP F 70 2.58 48.19 27.36
C ASP F 70 3.46 47.18 28.08
N PHE F 71 4.22 46.39 27.32
CA PHE F 71 5.13 45.43 27.93
C PHE F 71 6.24 46.15 28.71
N HIS F 72 6.68 47.30 28.20
CA HIS F 72 7.72 48.04 28.90
C HIS F 72 7.25 48.53 30.26
N MET F 73 6.00 48.99 30.34
CA MET F 73 5.46 49.45 31.62
C MET F 73 5.41 48.32 32.64
N ARG F 74 4.97 47.12 32.21
CA ARG F 74 4.89 46.00 33.12
C ARG F 74 6.28 45.59 33.63
N ARG F 75 7.27 45.61 32.75
CA ARG F 75 8.63 45.27 33.15
C ARG F 75 9.22 46.32 34.09
N SER F 76 8.87 47.58 33.91
CA SER F 76 9.38 48.64 34.78
C SER F 76 8.86 48.52 36.20
N GLU F 77 7.76 47.80 36.41
CA GLU F 77 7.20 47.60 37.74
C GLU F 77 7.61 46.28 38.36
N LEU F 78 8.57 45.59 37.77
CA LEU F 78 9.01 44.30 38.28
C LEU F 78 9.73 44.46 39.61
N ILE F 79 9.67 43.41 40.43
CA ILE F 79 10.28 43.39 41.74
C ILE F 79 11.61 42.66 41.66
N CYS F 80 12.67 43.29 42.19
CA CYS F 80 14.00 42.70 42.20
C CYS F 80 14.43 42.49 43.64
N LEU F 81 14.92 41.29 43.95
CA LEU F 81 15.36 40.97 45.29
C LEU F 81 16.80 41.47 45.50
N THR F 82 17.02 42.17 46.59
CA THR F 82 18.35 42.69 46.89
C THR F 82 19.26 41.57 47.35
N THR F 83 20.55 41.69 47.02
CA THR F 83 21.56 40.71 47.40
C THR F 83 22.38 41.16 48.61
N GLY F 84 22.07 42.31 49.20
CA GLY F 84 22.82 42.83 50.31
C GLY F 84 24.11 43.53 49.95
N SER F 85 24.45 43.61 48.67
CA SER F 85 25.65 44.31 48.22
C SER F 85 25.26 45.35 47.18
N LYS F 86 25.69 46.59 47.40
CA LYS F 86 25.41 47.66 46.45
C LYS F 86 26.09 47.40 45.11
N ASN F 87 27.34 46.92 45.14
CA ASN F 87 28.05 46.62 43.90
C ASN F 87 27.35 45.53 43.11
N LEU F 88 26.90 44.47 43.79
CA LEU F 88 26.18 43.41 43.09
C LEU F 88 24.85 43.91 42.55
N ASP F 89 24.13 44.72 43.34
CA ASP F 89 22.87 45.27 42.87
C ASP F 89 23.08 46.19 41.68
N THR F 90 24.13 47.01 41.72
CA THR F 90 24.42 47.89 40.59
C THR F 90 24.77 47.09 39.34
N LEU F 91 25.54 46.01 39.49
CA LEU F 91 25.88 45.17 38.35
C LEU F 91 24.64 44.53 37.74
N LEU F 92 23.72 44.06 38.58
CA LEU F 92 22.49 43.45 38.11
C LEU F 92 21.41 44.47 37.75
N GLY F 93 21.67 45.76 37.97
CA GLY F 93 20.70 46.79 37.63
C GLY F 93 19.43 46.73 38.45
N GLY F 94 19.53 46.48 39.75
CA GLY F 94 18.36 46.47 40.60
C GLY F 94 18.31 45.29 41.56
N GLY F 95 18.98 44.20 41.20
CA GLY F 95 18.99 43.00 42.01
C GLY F 95 18.62 41.79 41.18
N VAL F 96 18.15 40.75 41.86
CA VAL F 96 17.78 39.51 41.19
C VAL F 96 16.40 39.67 40.59
N GLU F 97 16.30 39.51 39.27
CA GLU F 97 15.02 39.67 38.59
C GLU F 97 14.11 38.49 38.87
N THR F 98 12.82 38.77 39.05
CA THR F 98 11.83 37.73 39.25
C THR F 98 11.24 37.30 37.90
N GLY F 99 10.60 36.14 37.90
CA GLY F 99 10.03 35.60 36.67
C GLY F 99 11.04 35.07 35.69
N SER F 100 12.28 34.88 36.10
CA SER F 100 13.33 34.38 35.22
C SER F 100 14.27 33.47 36.00
N ILE F 101 14.98 32.63 35.27
CA ILE F 101 15.90 31.66 35.87
C ILE F 101 17.31 32.25 35.86
N THR F 102 17.89 32.37 37.05
CA THR F 102 19.25 32.87 37.20
C THR F 102 20.17 31.72 37.59
N GLU F 103 21.27 31.57 36.87
CA GLU F 103 22.20 30.48 37.09
C GLU F 103 23.54 31.03 37.55
N LEU F 104 24.04 30.50 38.67
CA LEU F 104 25.34 30.88 39.20
C LEU F 104 26.27 29.66 39.10
N PHE F 105 27.41 29.84 38.46
CA PHE F 105 28.35 28.75 38.24
C PHE F 105 29.74 29.18 38.69
N GLY F 106 30.49 28.20 39.19
CA GLY F 106 31.86 28.44 39.62
C GLY F 106 32.34 27.29 40.46
N GLU F 107 33.66 27.26 40.66
CA GLU F 107 34.26 26.22 41.47
C GLU F 107 33.91 26.44 42.94
N PHE F 108 34.34 25.52 43.79
CA PHE F 108 33.87 25.52 45.17
C PHE F 108 34.43 26.70 45.95
N ARG F 109 33.95 26.85 47.18
CA ARG F 109 34.33 27.86 48.17
C ARG F 109 34.16 29.29 47.64
N THR F 110 33.52 29.44 46.48
CA THR F 110 33.34 30.76 45.89
C THR F 110 32.15 31.51 46.47
N GLY F 111 31.33 30.86 47.29
CA GLY F 111 30.22 31.53 47.94
C GLY F 111 28.90 31.49 47.22
N LYS F 112 28.70 30.57 46.26
CA LYS F 112 27.41 30.46 45.61
C LYS F 112 26.32 30.07 46.60
N SER F 113 26.63 29.15 47.52
CA SER F 113 25.67 28.77 48.55
C SER F 113 25.42 29.91 49.52
N GLN F 114 26.45 30.72 49.80
CA GLN F 114 26.27 31.88 50.67
C GLN F 114 25.31 32.88 50.06
N LEU F 115 25.43 33.13 48.76
CA LEU F 115 24.50 34.05 48.09
C LEU F 115 23.08 33.52 48.14
N CYS F 116 22.90 32.22 47.95
CA CYS F 116 21.57 31.63 48.02
C CYS F 116 20.98 31.77 49.41
N HIS F 117 21.80 31.58 50.44
CA HIS F 117 21.32 31.78 51.81
C HIS F 117 20.92 33.24 52.05
N THR F 118 21.70 34.18 51.54
CA THR F 118 21.34 35.58 51.67
C THR F 118 20.05 35.89 50.92
N LEU F 119 19.88 35.32 49.72
CA LEU F 119 18.65 35.53 48.97
C LEU F 119 17.46 34.88 49.66
N ALA F 120 17.69 33.79 50.38
CA ALA F 120 16.60 33.10 51.06
C ALA F 120 15.97 33.99 52.14
N VAL F 121 16.80 34.73 52.89
CA VAL F 121 16.26 35.54 53.97
C VAL F 121 15.79 36.90 53.46
N THR F 122 16.37 37.40 52.37
CA THR F 122 15.99 38.71 51.85
C THR F 122 14.71 38.68 51.04
N CYS F 123 14.15 37.50 50.79
CA CYS F 123 12.85 37.42 50.11
C CYS F 123 11.68 37.67 51.07
N GLN F 124 11.93 37.75 52.37
CA GLN F 124 10.88 37.97 53.35
C GLN F 124 10.82 39.42 53.84
N ILE F 125 11.85 40.22 53.61
CA ILE F 125 11.89 41.60 54.04
C ILE F 125 10.89 42.41 53.20
N PRO F 126 10.40 43.54 53.68
CA PRO F 126 9.35 44.26 52.94
C PRO F 126 9.83 44.79 51.59
N LEU F 127 8.87 45.00 50.70
CA LEU F 127 9.16 45.42 49.33
C LEU F 127 9.84 46.79 49.28
N ASP F 128 9.62 47.64 50.29
CA ASP F 128 10.18 48.99 50.24
C ASP F 128 11.71 48.96 50.22
N ILE F 129 12.31 47.97 50.85
CA ILE F 129 13.76 47.84 50.89
C ILE F 129 14.26 46.78 49.91
N GLY F 130 13.49 46.49 48.86
CA GLY F 130 13.91 45.54 47.86
C GLY F 130 13.61 44.10 48.17
N GLY F 131 12.63 43.82 49.03
CA GLY F 131 12.29 42.46 49.41
C GLY F 131 11.28 41.84 48.47
N GLY F 132 10.76 40.69 48.91
CA GLY F 132 9.75 39.98 48.15
C GLY F 132 8.49 39.71 48.93
N GLU F 133 8.58 39.76 50.26
CA GLU F 133 7.44 39.53 51.14
C GLU F 133 6.78 38.19 50.85
N GLY F 134 7.60 37.15 50.69
CA GLY F 134 7.09 35.83 50.42
C GLY F 134 7.98 34.77 51.03
N LYS F 135 7.45 33.55 51.10
CA LYS F 135 8.22 32.44 51.63
C LYS F 135 9.25 31.98 50.61
N CYS F 136 10.23 31.19 51.09
CA CYS F 136 11.32 30.69 50.27
C CYS F 136 11.31 29.18 50.27
N LEU F 137 11.43 28.59 49.08
CA LEU F 137 11.56 27.15 48.91
C LEU F 137 13.00 26.83 48.54
N TYR F 138 13.62 25.92 49.28
CA TYR F 138 15.03 25.60 49.11
C TYR F 138 15.17 24.10 48.90
N ILE F 139 15.78 23.71 47.78
CA ILE F 139 16.02 22.31 47.46
C ILE F 139 17.52 22.10 47.39
N ASP F 140 18.02 21.15 48.19
CA ASP F 140 19.45 20.88 48.28
C ASP F 140 19.72 19.45 47.84
N THR F 141 20.72 19.27 46.99
CA THR F 141 21.12 17.95 46.52
C THR F 141 22.48 17.51 47.06
N GLU F 142 23.26 18.42 47.64
CA GLU F 142 24.56 18.08 48.19
C GLU F 142 24.56 18.05 49.71
N GLY F 143 23.44 18.34 50.36
CA GLY F 143 23.37 18.32 51.81
C GLY F 143 24.24 19.38 52.48
N THR F 144 24.37 20.55 51.87
CA THR F 144 25.20 21.62 52.40
C THR F 144 24.38 22.72 53.06
N PHE F 145 23.08 22.52 53.22
CA PHE F 145 22.23 23.55 53.82
C PHE F 145 22.60 23.75 55.29
N ARG F 146 22.66 25.02 55.71
CA ARG F 146 23.02 25.37 57.07
C ARG F 146 22.06 26.43 57.58
N PRO F 147 21.07 26.05 58.39
CA PRO F 147 20.16 27.05 58.97
C PRO F 147 20.87 28.04 59.89
N VAL F 148 22.06 27.72 60.38
CA VAL F 148 22.79 28.64 61.24
C VAL F 148 23.13 29.92 60.49
N ARG F 149 23.53 29.79 59.22
CA ARG F 149 23.83 30.97 58.42
C ARG F 149 22.60 31.85 58.25
N LEU F 150 21.43 31.23 58.06
CA LEU F 150 20.20 32.01 57.91
C LEU F 150 19.92 32.85 59.16
N VAL F 151 20.17 32.28 60.35
CA VAL F 151 19.93 33.01 61.59
C VAL F 151 20.83 34.24 61.66
N SER F 152 22.11 34.08 61.29
CA SER F 152 23.06 35.19 61.38
C SER F 152 22.64 36.35 60.48
N ILE F 153 22.24 36.05 59.24
CA ILE F 153 21.85 37.10 58.33
C ILE F 153 20.53 37.74 58.75
N ALA F 154 19.59 36.92 59.25
CA ALA F 154 18.31 37.46 59.69
C ALA F 154 18.48 38.45 60.82
N GLN F 155 19.37 38.15 61.76
CA GLN F 155 19.64 39.08 62.85
C GLN F 155 20.22 40.39 62.33
N ARG F 156 21.06 40.31 61.29
CA ARG F 156 21.61 41.53 60.69
C ARG F 156 20.50 42.39 60.09
N PHE F 157 19.54 41.76 59.43
CA PHE F 157 18.44 42.50 58.81
C PHE F 157 17.33 42.86 59.79
N GLY F 158 17.43 42.44 61.05
CA GLY F 158 16.45 42.79 62.05
C GLY F 158 15.22 41.93 62.09
N LEU F 159 15.12 40.92 61.24
CA LEU F 159 13.96 40.04 61.25
C LEU F 159 14.05 39.05 62.40
N ASP F 160 12.89 38.49 62.75
CA ASP F 160 12.83 37.49 63.81
C ASP F 160 13.43 36.18 63.29
N PRO F 161 14.45 35.62 63.94
CA PRO F 161 15.01 34.35 63.47
C PRO F 161 13.99 33.22 63.45
N ASP F 162 13.10 33.17 64.44
CA ASP F 162 12.07 32.13 64.46
C ASP F 162 11.11 32.28 63.29
N ASP F 163 10.68 33.51 63.00
CA ASP F 163 9.79 33.74 61.86
C ASP F 163 10.49 33.41 60.55
N ALA F 164 11.75 33.79 60.41
CA ALA F 164 12.49 33.50 59.19
C ALA F 164 12.64 31.99 58.97
N LEU F 165 12.95 31.25 60.03
CA LEU F 165 13.10 29.81 59.90
C LEU F 165 11.77 29.13 59.62
N ASN F 166 10.67 29.64 60.17
CA ASN F 166 9.36 29.05 59.95
C ASN F 166 8.81 29.36 58.56
N ASN F 167 9.41 30.32 57.84
CA ASN F 167 8.95 30.69 56.51
C ASN F 167 9.81 30.09 55.40
N VAL F 168 10.68 29.14 55.73
CA VAL F 168 11.56 28.51 54.76
C VAL F 168 11.26 27.01 54.76
N ALA F 169 10.87 26.49 53.59
CA ALA F 169 10.60 25.07 53.43
C ALA F 169 11.81 24.39 52.82
N TYR F 170 12.26 23.30 53.43
CA TYR F 170 13.44 22.59 52.99
C TYR F 170 13.07 21.20 52.48
N ALA F 171 13.80 20.77 51.45
CA ALA F 171 13.62 19.43 50.89
C ALA F 171 14.94 19.00 50.27
N ARG F 172 15.19 17.69 50.29
CA ARG F 172 16.41 17.13 49.75
C ARG F 172 16.08 16.00 48.78
N ALA F 173 16.79 15.97 47.66
CA ALA F 173 16.64 14.94 46.65
C ALA F 173 17.83 14.00 46.69
N TYR F 174 17.59 12.75 46.29
CA TYR F 174 18.62 11.72 46.28
C TYR F 174 18.96 11.20 44.89
N ASN F 175 18.13 11.47 43.89
CA ASN F 175 18.39 11.01 42.53
C ASN F 175 17.65 11.91 41.56
N ALA F 176 17.92 11.71 40.27
CA ALA F 176 17.32 12.55 39.25
C ALA F 176 15.80 12.42 39.22
N ASP F 177 15.29 11.20 39.35
CA ASP F 177 13.84 11.00 39.36
C ASP F 177 13.20 11.67 40.56
N HIS F 178 13.81 11.55 41.73
CA HIS F 178 13.29 12.20 42.93
C HIS F 178 13.36 13.71 42.81
N GLN F 179 14.44 14.21 42.21
CA GLN F 179 14.60 15.66 42.05
C GLN F 179 13.49 16.23 41.17
N LEU F 180 13.17 15.56 40.07
CA LEU F 180 12.09 16.02 39.20
C LEU F 180 10.74 15.90 39.87
N ARG F 181 10.51 14.83 40.63
CA ARG F 181 9.22 14.61 41.25
C ARG F 181 8.93 15.62 42.36
N LEU F 182 9.99 16.16 42.99
CA LEU F 182 9.80 17.15 44.04
C LEU F 182 9.13 18.41 43.53
N LEU F 183 9.25 18.71 42.23
CA LEU F 183 8.64 19.91 41.68
C LEU F 183 7.12 19.85 41.73
N ASP F 184 6.53 18.68 41.47
CA ASP F 184 5.08 18.56 41.52
C ASP F 184 4.55 18.86 42.92
N ALA F 185 5.24 18.37 43.94
CA ALA F 185 4.88 18.71 45.31
C ALA F 185 5.09 20.20 45.58
N ALA F 186 6.17 20.77 45.02
CA ALA F 186 6.41 22.20 45.18
C ALA F 186 5.31 23.02 44.54
N ALA F 187 4.84 22.60 43.36
CA ALA F 187 3.79 23.34 42.67
C ALA F 187 2.51 23.36 43.49
N GLN F 188 2.20 22.26 44.17
CA GLN F 188 1.01 22.22 45.02
C GLN F 188 1.11 23.24 46.13
N MET F 189 2.28 23.35 46.76
CA MET F 189 2.48 24.37 47.79
C MET F 189 2.37 25.77 47.22
N MET F 190 2.85 25.96 45.99
CA MET F 190 2.79 27.28 45.37
C MET F 190 1.36 27.74 45.15
N SER F 191 0.44 26.81 44.90
CA SER F 191 -0.94 27.18 44.57
C SER F 191 -1.62 27.89 45.74
N GLU F 192 -1.41 27.40 46.96
CA GLU F 192 -2.10 27.94 48.12
C GLU F 192 -1.37 29.15 48.71
N SER F 193 -0.13 28.97 49.14
CA SER F 193 0.63 30.02 49.80
C SER F 193 1.36 30.87 48.76
N ARG F 194 1.93 31.97 49.24
CA ARG F 194 2.67 32.90 48.40
C ARG F 194 4.16 32.75 48.65
N PHE F 195 4.92 32.50 47.60
CA PHE F 195 6.36 32.38 47.65
C PHE F 195 7.00 33.45 46.77
N SER F 196 8.31 33.63 46.93
CA SER F 196 9.04 34.60 46.14
C SER F 196 10.39 34.10 45.65
N LEU F 197 10.82 32.89 46.00
CA LEU F 197 12.13 32.43 45.60
C LEU F 197 12.17 30.90 45.65
N ILE F 198 12.79 30.30 44.64
CA ILE F 198 13.03 28.86 44.59
C ILE F 198 14.49 28.64 44.28
N VAL F 199 15.17 27.84 45.10
CA VAL F 199 16.60 27.61 44.98
C VAL F 199 16.84 26.12 44.79
N VAL F 200 17.61 25.78 43.76
CA VAL F 200 18.02 24.41 43.48
C VAL F 200 19.54 24.38 43.45
N ASP F 201 20.15 23.81 44.48
CA ASP F 201 21.60 23.78 44.63
C ASP F 201 22.01 22.39 45.08
N SER F 202 22.59 21.60 44.17
CA SER F 202 22.80 22.02 42.79
C SER F 202 22.07 21.08 41.83
N VAL F 203 21.76 21.58 40.64
CA VAL F 203 20.96 20.81 39.70
C VAL F 203 21.74 19.63 39.13
N MET F 204 23.03 19.81 38.86
CA MET F 204 23.81 18.81 38.15
C MET F 204 24.55 17.85 39.07
N ALA F 205 24.38 17.98 40.38
CA ALA F 205 25.05 17.06 41.30
C ALA F 205 24.55 15.62 41.11
N LEU F 206 23.24 15.44 41.00
CA LEU F 206 22.68 14.10 40.84
C LEU F 206 22.85 13.58 39.42
N TYR F 207 22.76 14.47 38.42
CA TYR F 207 22.94 14.04 37.04
C TYR F 207 24.37 13.61 36.74
N ARG F 208 25.32 13.96 37.60
CA ARG F 208 26.72 13.58 37.36
C ARG F 208 26.89 12.06 37.42
N THR F 209 26.25 11.41 38.39
CA THR F 209 26.45 9.98 38.60
C THR F 209 25.28 9.13 38.11
N ASP F 210 24.06 9.67 38.10
CA ASP F 210 22.91 8.89 37.65
C ASP F 210 23.05 8.48 36.19
N PHE F 211 23.69 9.33 35.38
CA PHE F 211 23.96 9.02 33.98
C PHE F 211 25.46 9.03 33.75
N SER F 212 25.98 7.95 33.18
CA SER F 212 27.41 7.81 32.94
C SER F 212 27.64 7.15 31.58
N GLY F 213 28.81 7.40 31.03
CA GLY F 213 29.21 6.80 29.77
C GLY F 213 28.85 7.67 28.57
N ARG F 214 29.47 7.34 27.44
CA ARG F 214 29.23 8.06 26.20
C ARG F 214 27.97 7.57 25.47
N GLY F 215 27.32 6.52 25.98
CA GLY F 215 26.12 6.02 25.35
C GLY F 215 24.84 6.43 26.07
N GLU F 216 24.97 7.14 27.18
CA GLU F 216 23.82 7.51 27.99
C GLU F 216 23.66 9.01 28.18
N LEU F 217 24.43 9.83 27.48
CA LEU F 217 24.29 11.26 27.65
C LEU F 217 23.03 11.79 26.96
N SER F 218 22.60 11.15 25.88
CA SER F 218 21.39 11.59 25.20
C SER F 218 20.18 11.46 26.11
N ALA F 219 20.08 10.35 26.86
CA ALA F 219 19.01 10.23 27.85
C ALA F 219 19.20 11.22 28.98
N ARG F 220 20.45 11.52 29.33
CA ARG F 220 20.71 12.51 30.38
C ARG F 220 20.23 13.88 29.97
N GLN F 221 20.57 14.31 28.76
CA GLN F 221 20.16 15.63 28.29
C GLN F 221 18.65 15.73 28.16
N MET F 222 18.01 14.68 27.66
CA MET F 222 16.56 14.68 27.53
C MET F 222 15.90 14.81 28.90
N HIS F 223 16.40 14.08 29.89
CA HIS F 223 15.87 14.20 31.25
C HIS F 223 16.16 15.58 31.84
N LEU F 224 17.37 16.09 31.59
CA LEU F 224 17.71 17.42 32.10
C LEU F 224 16.86 18.50 31.46
N ALA F 225 16.63 18.39 30.15
CA ALA F 225 15.83 19.39 29.45
C ALA F 225 14.40 19.42 29.98
N LYS F 226 13.83 18.24 30.28
CA LYS F 226 12.50 18.19 30.87
C LYS F 226 12.47 18.87 32.23
N PHE F 227 13.57 18.79 32.97
CA PHE F 227 13.61 19.40 34.29
C PHE F 227 13.55 20.92 34.21
N MET F 228 14.37 21.51 33.34
CA MET F 228 14.38 22.96 33.21
C MET F 228 13.09 23.51 32.63
N ARG F 229 12.43 22.74 31.76
CA ARG F 229 11.14 23.17 31.24
C ARG F 229 10.13 23.33 32.37
N ALA F 230 10.21 22.46 33.38
CA ALA F 230 9.33 22.57 34.53
C ALA F 230 9.62 23.85 35.33
N LEU F 231 10.90 24.19 35.49
CA LEU F 231 11.25 25.40 36.24
C LEU F 231 10.69 26.64 35.57
N GLN F 232 10.78 26.71 34.25
CA GLN F 232 10.27 27.88 33.53
C GLN F 232 8.75 28.01 33.72
N ARG F 233 8.04 26.89 33.69
CA ARG F 233 6.59 26.93 33.89
C ARG F 233 6.24 27.42 35.29
N LEU F 234 6.97 26.96 36.31
CA LEU F 234 6.73 27.44 37.66
C LEU F 234 7.03 28.93 37.77
N ALA F 235 8.11 29.38 37.12
CA ALA F 235 8.43 30.81 37.14
C ALA F 235 7.35 31.62 36.42
N ASP F 236 6.87 31.11 35.29
CA ASP F 236 5.83 31.83 34.55
C ASP F 236 4.51 31.85 35.30
N GLN F 237 4.15 30.73 35.93
CA GLN F 237 2.85 30.64 36.59
C GLN F 237 2.74 31.60 37.77
N PHE F 238 3.80 31.68 38.58
CA PHE F 238 3.73 32.42 39.83
C PHE F 238 4.63 33.65 39.88
N GLY F 239 5.54 33.82 38.91
CA GLY F 239 6.38 35.00 38.89
C GLY F 239 7.53 34.99 39.87
N VAL F 240 7.81 33.85 40.51
CA VAL F 240 8.86 33.79 41.51
C VAL F 240 10.22 33.68 40.82
N ALA F 241 11.23 34.29 41.42
CA ALA F 241 12.58 34.21 40.89
C ALA F 241 13.17 32.83 41.18
N VAL F 242 13.80 32.23 40.16
CA VAL F 242 14.40 30.91 40.28
C VAL F 242 15.91 31.07 40.20
N VAL F 243 16.61 30.56 41.21
CA VAL F 243 18.07 30.61 41.27
C VAL F 243 18.59 29.18 41.35
N VAL F 244 19.50 28.83 40.45
CA VAL F 244 20.10 27.50 40.40
C VAL F 244 21.61 27.64 40.35
N THR F 245 22.30 26.82 41.13
CA THR F 245 23.75 26.80 41.15
C THR F 245 24.28 25.68 40.26
N ASN F 246 25.45 25.91 39.68
CA ASN F 246 26.06 24.95 38.77
C ASN F 246 27.52 24.74 39.13
N GLN F 247 28.01 23.53 38.87
CA GLN F 247 29.40 23.20 39.07
C GLN F 247 30.20 23.47 37.80
N VAL F 248 31.52 23.43 37.93
CA VAL F 248 32.41 23.70 36.82
C VAL F 248 33.60 22.75 36.89
N VAL F 249 34.11 22.35 35.72
CA VAL F 249 35.28 21.50 35.61
C VAL F 249 36.24 22.12 34.61
N ALA F 250 37.50 21.76 34.73
CA ALA F 250 38.54 22.26 33.84
C ALA F 250 38.67 21.35 32.62
N GLN F 251 38.54 21.95 31.44
CA GLN F 251 38.67 21.18 30.21
C GLN F 251 40.11 20.73 30.00
N VAL F 252 40.29 19.46 29.62
CA VAL F 252 41.63 18.92 29.44
C VAL F 252 42.30 19.54 28.22
N ASP F 253 41.57 19.64 27.11
CA ASP F 253 42.15 20.17 25.88
C ASP F 253 42.47 21.65 26.04
N GLY F 254 43.61 22.06 25.49
CA GLY F 254 44.05 23.44 25.56
C GLY F 254 43.99 24.17 24.23
N GLY F 255 43.22 23.63 23.28
CA GLY F 255 43.13 24.25 21.97
C GLY F 255 42.52 25.63 22.03
N MET F 256 41.52 25.82 22.90
CA MET F 256 40.85 27.11 23.06
C MET F 256 41.59 28.03 24.03
N ALA F 257 42.90 28.20 23.78
CA ALA F 257 43.74 29.05 24.62
C ALA F 257 43.36 30.52 24.53
N PHE F 258 42.55 30.92 23.55
CA PHE F 258 42.12 32.31 23.44
C PHE F 258 41.31 32.73 24.66
N ASN F 259 40.42 31.85 25.13
CA ASN F 259 39.62 32.16 26.31
C ASN F 259 40.46 31.93 27.56
N PRO F 260 40.72 32.96 28.37
CA PRO F 260 41.68 32.80 29.47
C PRO F 260 41.31 31.74 30.50
N ASP F 261 40.03 31.58 30.82
CA ASP F 261 39.63 30.63 31.84
C ASP F 261 39.54 29.22 31.28
N PRO F 262 40.24 28.24 31.86
CA PRO F 262 40.19 26.86 31.36
C PRO F 262 39.04 26.02 31.90
N LYS F 263 38.03 26.65 32.50
CA LYS F 263 36.92 25.93 33.12
C LYS F 263 35.61 26.34 32.45
N LYS F 264 34.76 25.34 32.18
CA LYS F 264 33.49 25.56 31.50
C LYS F 264 32.36 24.91 32.28
N PRO F 265 31.18 25.51 32.25
CA PRO F 265 30.06 24.97 33.04
C PRO F 265 29.57 23.63 32.53
N ILE F 266 28.96 22.87 33.43
CA ILE F 266 28.42 21.55 33.11
C ILE F 266 27.06 21.71 32.45
N GLY F 267 26.62 20.67 31.74
CA GLY F 267 25.33 20.62 31.12
C GLY F 267 25.34 20.85 29.61
N GLY F 268 26.42 21.40 29.07
CA GLY F 268 26.48 21.60 27.64
C GLY F 268 25.53 22.69 27.18
N ASN F 269 24.96 22.50 25.99
CA ASN F 269 24.10 23.52 25.41
C ASN F 269 22.74 23.60 26.12
N ILE F 270 22.36 22.55 26.85
CA ILE F 270 21.06 22.56 27.52
C ILE F 270 21.03 23.62 28.61
N MET F 271 22.08 23.66 29.44
CA MET F 271 22.15 24.69 30.48
C MET F 271 22.35 26.09 29.88
N ALA F 272 23.14 26.19 28.81
CA ALA F 272 23.43 27.50 28.24
C ALA F 272 22.17 28.18 27.71
N HIS F 273 21.29 27.43 27.07
CA HIS F 273 20.10 28.00 26.46
C HIS F 273 18.93 28.12 27.41
N SER F 274 18.87 27.30 28.46
CA SER F 274 17.73 27.33 29.36
C SER F 274 17.79 28.52 30.31
N SER F 275 18.98 28.86 30.78
CA SER F 275 19.13 29.92 31.78
C SER F 275 19.01 31.29 31.14
N THR F 276 18.22 32.16 31.78
CA THR F 276 18.07 33.52 31.29
C THR F 276 19.31 34.36 31.58
N THR F 277 19.87 34.24 32.78
CA THR F 277 21.05 34.98 33.18
C THR F 277 22.05 34.03 33.83
N ARG F 278 23.32 34.17 33.47
CA ARG F 278 24.38 33.34 34.02
C ARG F 278 25.46 34.23 34.61
N LEU F 279 25.87 33.95 35.84
CA LEU F 279 26.89 34.70 36.54
C LEU F 279 28.01 33.76 36.97
N GLY F 280 29.26 34.16 36.72
CA GLY F 280 30.42 33.41 37.11
C GLY F 280 31.06 34.00 38.36
N PHE F 281 31.54 33.13 39.24
CA PHE F 281 32.14 33.54 40.50
C PHE F 281 33.57 33.04 40.57
N LYS F 282 34.47 33.90 41.01
CA LYS F 282 35.88 33.55 41.21
C LYS F 282 36.33 34.06 42.57
N LYS F 283 37.33 33.39 43.13
CA LYS F 283 37.86 33.75 44.43
C LYS F 283 38.94 34.81 44.29
N GLY F 284 38.79 35.90 45.04
CA GLY F 284 39.77 36.97 45.06
C GLY F 284 40.68 36.89 46.28
N LYS F 285 41.22 38.04 46.65
CA LYS F 285 42.11 38.10 47.81
C LYS F 285 41.28 38.02 49.09
N GLY F 286 41.74 37.16 50.02
CA GLY F 286 41.04 37.00 51.28
C GLY F 286 39.63 36.48 51.08
N CYS F 287 38.68 37.09 51.78
CA CYS F 287 37.28 36.70 51.69
C CYS F 287 36.57 37.34 50.51
N GLN F 288 37.23 38.24 49.77
CA GLN F 288 36.59 38.88 48.63
C GLN F 288 36.43 37.90 47.48
N ARG F 289 35.37 38.11 46.70
CA ARG F 289 35.06 37.27 45.55
C ARG F 289 34.74 38.15 44.36
N LEU F 290 34.94 37.59 43.16
CA LEU F 290 34.70 38.31 41.92
C LEU F 290 33.49 37.71 41.22
N CYS F 291 32.58 38.58 40.78
CA CYS F 291 31.38 38.18 40.05
C CYS F 291 31.40 38.84 38.68
N LYS F 292 31.08 38.04 37.65
CA LYS F 292 31.10 38.52 36.27
C LYS F 292 29.85 38.04 35.56
N VAL F 293 29.23 38.94 34.78
CA VAL F 293 28.06 38.59 33.99
C VAL F 293 28.52 37.95 32.69
N VAL F 294 28.01 36.76 32.41
CA VAL F 294 28.40 36.02 31.21
C VAL F 294 27.37 36.22 30.12
N ASP F 295 26.14 35.82 30.37
CA ASP F 295 25.05 35.95 29.41
C ASP F 295 23.90 36.69 30.05
N SER F 296 23.38 37.70 29.34
CA SER F 296 22.22 38.47 29.79
C SER F 296 21.61 39.19 28.60
N PRO F 297 20.29 39.10 28.43
CA PRO F 297 19.66 39.76 27.27
C PRO F 297 19.76 41.28 27.29
N CYS F 298 19.98 41.89 28.45
CA CYS F 298 20.04 43.34 28.55
C CYS F 298 21.23 43.88 29.34
N LEU F 299 21.82 43.10 30.23
CA LEU F 299 22.92 43.60 31.05
C LEU F 299 24.23 43.53 30.27
N PRO F 300 24.96 44.64 30.16
CA PRO F 300 26.27 44.59 29.50
C PRO F 300 27.27 43.79 30.33
N GLU F 301 28.27 43.24 29.64
CA GLU F 301 29.28 42.43 30.30
C GLU F 301 30.17 43.31 31.17
N ALA F 302 30.22 43.00 32.47
CA ALA F 302 31.01 43.79 33.41
C ALA F 302 31.33 42.92 34.62
N GLU F 303 32.21 43.43 35.47
CA GLU F 303 32.65 42.72 36.67
C GLU F 303 32.52 43.63 37.88
N CYS F 304 32.43 43.00 39.05
CA CYS F 304 32.36 43.71 40.32
C CYS F 304 33.03 42.89 41.40
N VAL F 305 33.31 43.54 42.53
CA VAL F 305 34.00 42.92 43.65
C VAL F 305 33.05 42.91 44.85
N PHE F 306 32.89 41.74 45.46
CA PHE F 306 32.08 41.60 46.66
C PHE F 306 32.77 40.63 47.61
N ALA F 307 32.41 40.74 48.89
CA ALA F 307 33.04 39.96 49.94
C ALA F 307 31.99 39.21 50.74
N ILE F 308 32.42 38.15 51.40
CA ILE F 308 31.56 37.31 52.22
C ILE F 308 31.93 37.52 53.68
N TYR F 309 30.93 37.82 54.51
CA TYR F 309 31.13 38.04 55.92
C TYR F 309 30.20 37.12 56.72
N GLU F 310 30.39 37.12 58.04
CA GLU F 310 29.59 36.24 58.90
C GLU F 310 28.11 36.61 58.88
N ASP F 311 27.79 37.90 58.71
CA ASP F 311 26.41 38.34 58.70
C ASP F 311 25.75 38.19 57.34
N GLY F 312 26.47 37.72 56.33
CA GLY F 312 25.93 37.48 55.01
C GLY F 312 26.77 38.13 53.95
N VAL F 313 26.27 38.08 52.71
CA VAL F 313 26.99 38.70 51.59
C VAL F 313 26.85 40.21 51.69
N GLY F 314 27.98 40.91 51.56
CA GLY F 314 27.98 42.35 51.64
C GLY F 314 29.08 42.94 50.79
N ASP F 315 29.05 44.28 50.67
CA ASP F 315 30.06 44.97 49.90
C ASP F 315 31.42 44.86 50.58
N PRO F 316 32.51 44.85 49.81
CA PRO F 316 33.84 44.79 50.43
C PRO F 316 34.11 46.01 51.28
N ARG F 317 34.81 45.80 52.39
CA ARG F 317 35.15 46.86 53.32
C ARG F 317 36.58 47.34 53.08
N GLU F 318 36.86 48.56 53.55
CA GLU F 318 38.19 49.13 53.40
C GLU F 318 39.25 48.32 54.14
N GLU F 319 38.86 47.58 55.18
CA GLU F 319 39.80 46.71 55.87
C GLU F 319 40.31 45.61 54.94
N ASP F 320 39.42 45.02 54.15
CA ASP F 320 39.80 44.01 53.18
C ASP F 320 40.32 44.59 51.87
N GLU F 321 40.23 45.90 51.69
CA GLU F 321 40.69 46.55 50.47
C GLU F 321 42.02 47.26 50.69
N LYS G 1 -42.16 -57.35 13.88
CA LYS G 1 -41.29 -56.19 13.81
C LYS G 1 -39.97 -56.52 13.12
N LYS G 2 -39.95 -56.40 11.79
CA LYS G 2 -38.75 -56.69 11.03
C LYS G 2 -37.74 -55.56 11.18
N SER G 3 -36.52 -55.83 10.76
CA SER G 3 -35.43 -54.85 10.84
C SER G 3 -35.55 -53.86 9.68
N LEU G 4 -34.52 -53.05 9.48
CA LEU G 4 -34.47 -52.11 8.37
C LEU G 4 -33.56 -52.61 7.25
N LYS G 5 -32.49 -53.33 7.58
CA LYS G 5 -31.61 -53.89 6.58
C LYS G 5 -32.37 -54.84 5.66
N ASP G 6 -33.15 -55.74 6.25
CA ASP G 6 -33.96 -56.66 5.45
C ASP G 6 -35.09 -55.95 4.71
N LEU G 7 -35.65 -54.91 5.31
CA LEU G 7 -36.75 -54.19 4.68
C LEU G 7 -36.32 -53.53 3.39
N ILE G 8 -35.09 -52.99 3.36
CA ILE G 8 -34.58 -52.35 2.15
C ILE G 8 -34.44 -53.35 1.02
N TYR G 9 -34.22 -54.62 1.35
CA TYR G 9 -33.88 -55.62 0.33
C TYR G 9 -34.98 -55.75 -0.72
N GLU G 10 -36.22 -55.96 -0.29
CA GLU G 10 -37.30 -56.11 -1.26
C GLU G 10 -37.69 -54.77 -1.87
N THR G 11 -37.40 -53.66 -1.19
CA THR G 11 -37.67 -52.35 -1.77
C THR G 11 -36.85 -52.14 -3.03
N ASN G 12 -35.57 -52.52 -3.00
CA ASN G 12 -34.74 -52.46 -4.20
C ASN G 12 -35.22 -53.47 -5.24
N LYS G 13 -35.62 -54.66 -4.79
CA LYS G 13 -36.07 -55.68 -5.73
C LYS G 13 -37.32 -55.25 -6.48
N THR G 14 -38.27 -54.63 -5.77
CA THR G 14 -39.52 -54.23 -6.39
C THR G 14 -39.36 -53.00 -7.28
N PHE G 15 -38.27 -52.25 -7.11
CA PHE G 15 -38.06 -51.03 -7.87
C PHE G 15 -37.01 -51.16 -8.96
N TYR G 16 -36.07 -52.10 -8.84
CA TYR G 16 -35.01 -52.22 -9.83
C TYR G 16 -34.68 -53.64 -10.27
N GLN G 17 -35.40 -54.65 -9.79
CA GLN G 17 -35.13 -56.05 -10.11
C GLN G 17 -33.69 -56.45 -9.75
N VAL G 18 -33.21 -55.91 -8.63
CA VAL G 18 -31.87 -56.21 -8.13
C VAL G 18 -31.91 -56.63 -6.67
N ASP G 19 -30.86 -57.32 -6.26
CA ASP G 19 -30.66 -57.69 -4.87
C ASP G 19 -29.37 -57.07 -4.35
N SER G 20 -29.41 -56.57 -3.12
CA SER G 20 -28.25 -55.91 -2.53
C SER G 20 -27.13 -56.88 -2.19
N ASN G 21 -27.39 -58.19 -2.23
CA ASN G 21 -26.37 -59.15 -1.82
C ASN G 21 -25.23 -59.23 -2.82
N LYS G 22 -25.54 -59.33 -4.11
CA LYS G 22 -24.48 -59.45 -5.11
C LYS G 22 -23.91 -58.09 -5.50
N VAL G 23 -24.76 -57.09 -5.69
CA VAL G 23 -24.33 -55.76 -6.08
C VAL G 23 -24.45 -54.82 -4.88
N LYS G 24 -23.39 -54.08 -4.59
CA LYS G 24 -23.32 -53.24 -3.41
C LYS G 24 -22.70 -51.90 -3.78
N TYR G 25 -22.86 -50.93 -2.89
CA TYR G 25 -22.25 -49.62 -3.08
C TYR G 25 -20.74 -49.78 -2.98
N LYS G 26 -20.03 -49.06 -3.86
CA LYS G 26 -18.55 -49.07 -3.84
C LYS G 26 -18.10 -47.61 -3.69
N VAL G 27 -17.58 -47.25 -2.51
CA VAL G 27 -17.24 -45.85 -2.23
C VAL G 27 -16.06 -45.38 -3.06
N GLY G 28 -15.14 -46.28 -3.42
CA GLY G 28 -13.98 -45.90 -4.21
C GLY G 28 -13.06 -47.07 -4.48
N LEU G 29 -11.76 -46.85 -4.31
CA LEU G 29 -10.78 -47.93 -4.43
C LEU G 29 -10.66 -48.62 -3.09
N SER G 30 -11.23 -49.83 -2.99
CA SER G 30 -11.15 -50.58 -1.75
C SER G 30 -9.77 -51.20 -1.59
N LYS G 31 -9.35 -51.37 -0.33
CA LYS G 31 -8.05 -51.99 -0.06
C LYS G 31 -8.02 -53.43 -0.55
N LYS G 32 -9.14 -54.13 -0.38
CA LYS G 32 -9.22 -55.55 -0.83
C LYS G 32 -9.62 -55.57 -2.32
N LYS H 1 -1.02 -57.39 -21.02
CA LYS H 1 -1.06 -56.02 -20.54
C LYS H 1 -0.45 -55.06 -21.56
N LYS H 2 -1.12 -53.94 -21.79
CA LYS H 2 -0.67 -52.94 -22.75
C LYS H 2 0.22 -51.90 -22.08
N SER H 3 1.32 -51.57 -22.74
CA SER H 3 2.19 -50.51 -22.25
C SER H 3 1.47 -49.17 -22.36
N LEU H 4 1.86 -48.23 -21.50
CA LEU H 4 1.22 -46.92 -21.51
C LEU H 4 1.46 -46.20 -22.83
N LYS H 5 2.65 -46.39 -23.41
CA LYS H 5 2.97 -45.70 -24.67
C LYS H 5 2.02 -46.13 -25.79
N ASP H 6 1.73 -47.43 -25.87
CA ASP H 6 0.81 -47.90 -26.90
C ASP H 6 -0.63 -47.53 -26.58
N LEU H 7 -0.99 -47.55 -25.29
CA LEU H 7 -2.32 -47.13 -24.89
C LEU H 7 -2.55 -45.66 -25.21
N ILE H 8 -1.54 -44.82 -24.97
CA ILE H 8 -1.63 -43.42 -25.34
C ILE H 8 -1.71 -43.26 -26.85
N TYR H 9 -0.95 -44.09 -27.58
CA TYR H 9 -0.90 -43.99 -29.04
C TYR H 9 -2.29 -44.23 -29.64
N GLU H 10 -2.99 -45.26 -29.18
CA GLU H 10 -4.32 -45.56 -29.71
C GLU H 10 -5.32 -44.48 -29.36
N THR H 11 -5.24 -43.94 -28.14
CA THR H 11 -6.18 -42.89 -27.72
C THR H 11 -6.03 -41.65 -28.59
N ASN H 12 -4.79 -41.25 -28.89
CA ASN H 12 -4.58 -40.12 -29.79
C ASN H 12 -5.10 -40.41 -31.18
N LYS H 13 -4.91 -41.66 -31.65
CA LYS H 13 -5.37 -42.02 -32.98
C LYS H 13 -6.89 -41.93 -33.08
N THR H 14 -7.61 -42.44 -32.07
CA THR H 14 -9.06 -42.48 -32.15
C THR H 14 -9.72 -41.15 -31.82
N PHE H 15 -8.97 -40.18 -31.28
CA PHE H 15 -9.53 -38.90 -30.92
C PHE H 15 -9.11 -37.77 -31.84
N TYR H 16 -7.94 -37.88 -32.48
CA TYR H 16 -7.44 -36.82 -33.36
C TYR H 16 -6.94 -37.32 -34.70
N GLN H 17 -6.91 -38.64 -34.92
CA GLN H 17 -6.34 -39.22 -36.15
C GLN H 17 -4.91 -38.74 -36.37
N VAL H 18 -4.14 -38.70 -35.30
CA VAL H 18 -2.76 -38.20 -35.32
C VAL H 18 -1.83 -39.38 -35.13
N ASP H 19 -0.85 -39.50 -36.03
CA ASP H 19 0.19 -40.51 -35.90
C ASP H 19 1.13 -40.07 -34.78
N SER H 20 0.96 -40.68 -33.59
CA SER H 20 1.76 -40.27 -32.44
C SER H 20 3.24 -40.56 -32.62
N ASN H 21 3.61 -41.43 -33.55
CA ASN H 21 5.02 -41.68 -33.84
C ASN H 21 5.68 -40.64 -34.71
N LYS H 22 4.92 -39.74 -35.33
CA LYS H 22 5.46 -38.69 -36.18
C LYS H 22 5.18 -37.28 -35.67
N VAL H 23 4.07 -37.07 -34.99
CA VAL H 23 3.73 -35.78 -34.39
C VAL H 23 4.00 -35.92 -32.91
N LYS H 24 5.02 -35.20 -32.41
CA LYS H 24 5.49 -35.34 -31.06
C LYS H 24 5.48 -34.00 -30.34
N TYR H 25 5.47 -34.06 -29.01
CA TYR H 25 5.59 -32.85 -28.20
C TYR H 25 6.97 -32.25 -28.43
N LYS H 26 7.01 -30.91 -28.47
CA LYS H 26 8.26 -30.17 -28.44
C LYS H 26 8.10 -29.12 -27.36
N VAL H 27 9.17 -28.88 -26.59
CA VAL H 27 9.10 -28.00 -25.43
C VAL H 27 9.82 -26.67 -25.64
N GLY H 28 10.76 -26.60 -26.57
CA GLY H 28 11.45 -25.36 -26.84
C GLY H 28 12.41 -25.53 -28.00
N LEU H 29 13.33 -24.57 -28.12
CA LEU H 29 14.37 -24.68 -29.12
C LEU H 29 15.27 -25.86 -28.78
N SER H 30 15.20 -26.92 -29.58
CA SER H 30 15.95 -28.13 -29.32
C SER H 30 17.38 -27.99 -29.82
N LYS H 31 18.25 -28.89 -29.32
CA LYS H 31 19.64 -28.91 -29.73
C LYS H 31 19.86 -29.69 -31.02
N LYS H 32 18.81 -30.27 -31.59
CA LYS H 32 18.91 -30.93 -32.89
C LYS H 32 17.97 -30.27 -33.89
N LYS I 1 19.05 -15.09 -48.52
CA LYS I 1 18.71 -14.73 -47.14
C LYS I 1 18.27 -13.27 -47.05
N LYS I 2 17.27 -13.01 -46.22
CA LYS I 2 16.70 -11.68 -46.04
C LYS I 2 17.15 -11.12 -44.69
N SER I 3 17.68 -9.91 -44.72
CA SER I 3 18.20 -9.29 -43.51
C SER I 3 17.08 -8.91 -42.56
N LEU I 4 17.44 -8.68 -41.30
CA LEU I 4 16.45 -8.28 -40.30
C LEU I 4 15.84 -6.92 -40.62
N LYS I 5 16.68 -5.97 -41.04
CA LYS I 5 16.17 -4.63 -41.41
C LYS I 5 15.05 -4.82 -42.45
N ASP I 6 15.34 -5.57 -43.52
CA ASP I 6 14.35 -5.80 -44.55
C ASP I 6 13.08 -6.37 -43.93
N LEU I 7 13.24 -7.34 -43.01
CA LEU I 7 12.08 -7.94 -42.36
C LEU I 7 11.31 -6.93 -41.54
N ILE I 8 12.00 -5.93 -40.98
CA ILE I 8 11.33 -4.87 -40.24
C ILE I 8 10.45 -4.05 -41.18
N TYR I 9 10.91 -3.86 -42.42
CA TYR I 9 10.21 -2.96 -43.34
C TYR I 9 8.79 -3.44 -43.62
N GLU I 10 8.63 -4.71 -44.01
CA GLU I 10 7.30 -5.20 -44.35
C GLU I 10 6.38 -5.24 -43.14
N THR I 11 6.90 -5.61 -41.97
CA THR I 11 6.06 -5.72 -40.79
C THR I 11 5.49 -4.36 -40.39
N ASN I 12 6.32 -3.32 -40.44
CA ASN I 12 5.82 -1.96 -40.19
C ASN I 12 4.84 -1.59 -41.31
N LYS I 13 5.15 -2.00 -42.55
CA LYS I 13 4.24 -1.73 -43.65
C LYS I 13 2.88 -2.38 -43.43
N THR I 14 2.88 -3.64 -43.01
CA THR I 14 1.63 -4.37 -42.82
C THR I 14 0.76 -3.84 -41.69
N PHE I 15 1.36 -3.56 -40.53
CA PHE I 15 0.57 -3.22 -39.35
C PHE I 15 0.15 -1.76 -39.34
N TYR I 16 1.06 -0.85 -39.69
CA TYR I 16 0.83 0.58 -39.52
C TYR I 16 0.69 1.33 -40.84
N GLN I 17 0.80 0.61 -41.97
CA GLN I 17 0.73 1.27 -43.29
C GLN I 17 1.65 2.49 -43.27
N VAL I 18 2.92 2.28 -42.91
CA VAL I 18 3.89 3.37 -42.84
C VAL I 18 5.19 2.93 -43.50
N ASP I 19 5.88 3.88 -44.11
CA ASP I 19 7.16 3.63 -44.76
C ASP I 19 8.28 3.94 -43.78
N SER I 20 8.99 2.90 -43.34
CA SER I 20 10.08 3.08 -42.39
C SER I 20 11.28 3.81 -42.98
N ASN I 21 11.34 3.96 -44.30
CA ASN I 21 12.38 4.78 -44.91
C ASN I 21 12.09 6.26 -44.80
N LYS I 22 10.84 6.64 -44.52
CA LYS I 22 10.45 8.04 -44.35
C LYS I 22 10.38 8.46 -42.89
N VAL I 23 9.85 7.61 -42.02
CA VAL I 23 9.77 7.89 -40.59
C VAL I 23 10.79 7.02 -39.87
N LYS I 24 11.49 7.63 -38.91
CA LYS I 24 12.51 6.94 -38.14
C LYS I 24 12.42 7.39 -36.69
N TYR I 25 12.94 6.56 -35.79
CA TYR I 25 13.01 6.94 -34.40
C TYR I 25 13.93 8.15 -34.28
N LYS I 26 13.52 9.05 -33.39
CA LYS I 26 14.35 10.22 -33.01
C LYS I 26 14.37 10.14 -31.48
N VAL I 27 15.54 10.12 -30.83
CA VAL I 27 15.63 9.88 -29.40
C VAL I 27 15.92 11.15 -28.61
N GLY I 28 16.09 12.28 -29.29
CA GLY I 28 16.29 13.55 -28.62
C GLY I 28 16.52 14.68 -29.61
N LEU I 29 17.53 15.51 -29.35
CA LEU I 29 17.94 16.53 -30.29
C LEU I 29 19.21 16.05 -30.99
N SER I 30 19.17 15.98 -32.31
CA SER I 30 20.28 15.49 -33.09
C SER I 30 21.21 16.61 -33.52
N LYS I 31 22.51 16.31 -33.56
CA LYS I 31 23.49 17.28 -34.01
C LYS I 31 23.28 17.66 -35.46
N LYS I 32 22.65 16.78 -36.26
CA LYS I 32 22.46 17.02 -37.68
C LYS I 32 21.32 17.98 -37.99
N GLN I 33 20.44 18.25 -37.05
CA GLN I 33 19.30 19.13 -37.29
C GLN I 33 19.74 20.59 -37.45
N LYS J 1 9.73 34.87 -35.24
CA LYS J 1 10.68 35.13 -34.13
C LYS J 1 9.91 35.59 -32.90
N LYS J 2 8.66 35.14 -32.76
CA LYS J 2 7.83 35.53 -31.60
C LYS J 2 8.70 35.61 -30.34
N SER J 3 8.98 36.81 -29.85
CA SER J 3 9.75 36.94 -28.62
C SER J 3 9.12 36.13 -27.50
N LEU J 4 9.96 35.65 -26.59
CA LEU J 4 9.49 34.86 -25.46
C LEU J 4 8.48 35.65 -24.63
N LYS J 5 8.70 36.97 -24.52
CA LYS J 5 7.80 37.81 -23.74
C LYS J 5 6.39 37.77 -24.31
N ASP J 6 6.26 37.90 -25.63
CA ASP J 6 4.93 37.82 -26.25
C ASP J 6 4.37 36.41 -26.21
N LEU J 7 5.23 35.40 -26.38
CA LEU J 7 4.77 34.01 -26.30
C LEU J 7 4.25 33.69 -24.91
N ILE J 8 4.93 34.17 -23.87
CA ILE J 8 4.46 33.98 -22.51
C ILE J 8 3.16 34.73 -22.30
N TYR J 9 3.03 35.91 -22.90
CA TYR J 9 1.80 36.69 -22.80
C TYR J 9 0.61 35.93 -23.36
N GLU J 10 0.80 35.30 -24.52
CA GLU J 10 -0.30 34.53 -25.11
C GLU J 10 -0.66 33.33 -24.26
N THR J 11 0.33 32.65 -23.70
CA THR J 11 0.08 31.45 -22.92
C THR J 11 -0.71 31.77 -21.66
N ASN J 12 -0.37 32.88 -20.99
CA ASN J 12 -1.05 33.22 -19.74
C ASN J 12 -2.55 33.46 -19.89
N LYS J 13 -2.94 34.22 -20.92
CA LYS J 13 -4.36 34.44 -21.17
C LYS J 13 -5.06 33.18 -21.71
N THR J 14 -4.33 32.35 -22.44
CA THR J 14 -4.91 31.11 -22.94
C THR J 14 -5.29 30.24 -21.75
N PHE J 15 -4.38 30.14 -20.77
CA PHE J 15 -4.61 29.25 -19.64
C PHE J 15 -5.26 29.92 -18.44
N TYR J 16 -5.02 31.21 -18.23
CA TYR J 16 -5.48 31.90 -17.03
C TYR J 16 -6.41 33.10 -17.12
N GLN J 17 -6.78 33.54 -18.32
CA GLN J 17 -7.52 34.81 -18.51
C GLN J 17 -7.00 36.08 -17.78
N VAL J 18 -5.68 36.13 -17.68
CA VAL J 18 -4.96 37.22 -17.02
C VAL J 18 -4.18 38.15 -17.93
N ASP J 19 -4.44 39.46 -17.80
CA ASP J 19 -3.68 40.46 -18.55
C ASP J 19 -2.31 40.58 -17.88
N SER J 20 -1.28 40.07 -18.54
CA SER J 20 0.05 40.07 -17.96
C SER J 20 0.62 41.47 -17.83
N ASN J 21 0.29 42.37 -18.76
CA ASN J 21 0.81 43.72 -18.70
C ASN J 21 0.33 44.55 -17.51
N LYS J 22 -0.88 44.07 -16.95
CA LYS J 22 -1.48 44.71 -15.78
C LYS J 22 -1.22 43.98 -14.49
N VAL J 23 -1.26 42.71 -14.46
CA VAL J 23 -1.04 41.85 -13.31
C VAL J 23 0.39 41.36 -13.39
N LYS J 24 1.33 42.09 -12.78
CA LYS J 24 2.76 41.73 -12.90
C LYS J 24 3.18 40.72 -11.81
N TYR J 25 4.48 40.59 -11.56
CA TYR J 25 5.01 39.62 -10.57
C TYR J 25 5.75 40.38 -9.47
N LYS J 26 5.48 40.08 -8.21
CA LYS J 26 6.10 40.83 -7.09
C LYS J 26 6.96 39.89 -6.24
N VAL J 27 8.18 40.31 -5.88
CA VAL J 27 9.09 39.46 -5.06
C VAL J 27 8.97 39.86 -3.59
N GLY J 28 8.50 41.07 -3.29
CA GLY J 28 8.36 41.54 -1.94
C GLY J 28 8.11 43.02 -1.89
N LEU J 29 8.39 43.61 -0.73
CA LEU J 29 8.28 45.06 -0.60
C LEU J 29 9.27 45.75 -1.52
N SER J 30 8.79 46.77 -2.25
CA SER J 30 9.60 47.48 -3.23
C SER J 30 9.61 48.97 -2.89
N LYS J 31 10.68 49.63 -3.31
CA LYS J 31 10.84 51.06 -3.07
C LYS J 31 9.91 51.91 -3.91
N LYS J 32 9.22 51.32 -4.89
CA LYS J 32 8.32 52.07 -5.76
C LYS J 32 6.97 52.28 -5.08
N LYS K 1 -5.80 55.44 9.89
CA LYS K 1 -5.04 54.40 10.64
C LYS K 1 -5.67 54.19 12.02
N LYS K 2 -5.50 53.00 12.59
CA LYS K 2 -6.03 52.72 13.96
C LYS K 2 -4.85 52.47 14.90
N SER K 3 -4.82 53.16 16.05
CA SER K 3 -3.73 52.96 17.04
C SER K 3 -3.36 51.47 17.05
N LEU K 4 -2.09 51.13 16.88
CA LEU K 4 -1.78 49.72 16.94
C LEU K 4 -2.27 48.88 18.11
N LYS K 5 -2.44 49.50 19.29
CA LYS K 5 -3.14 48.79 20.38
C LYS K 5 -4.65 48.53 20.18
N ASP K 6 -5.30 49.44 19.45
CA ASP K 6 -6.74 49.20 19.15
C ASP K 6 -6.88 47.92 18.33
N LEU K 7 -6.04 47.76 17.31
CA LEU K 7 -6.16 46.59 16.40
C LEU K 7 -5.94 45.30 17.20
N ILE K 8 -4.97 45.33 18.12
CA ILE K 8 -4.65 44.11 18.90
C ILE K 8 -5.86 43.72 19.73
N TYR K 9 -6.57 44.70 20.31
CA TYR K 9 -7.67 44.38 21.24
C TYR K 9 -8.76 43.71 20.37
N GLU K 10 -8.97 44.21 19.16
CA GLU K 10 -9.94 43.54 18.25
C GLU K 10 -9.51 42.08 18.04
N THR K 11 -8.36 41.89 17.40
CA THR K 11 -7.77 40.57 17.26
C THR K 11 -7.89 39.59 18.42
N ASN K 12 -7.74 40.08 19.65
CA ASN K 12 -7.87 39.20 20.81
C ASN K 12 -9.29 38.68 20.94
N LYS K 13 -10.29 39.57 20.83
CA LYS K 13 -11.67 39.15 20.99
C LYS K 13 -12.19 38.38 19.78
N THR K 14 -11.50 38.48 18.64
CA THR K 14 -11.89 37.65 17.49
C THR K 14 -11.43 36.21 17.68
N PHE K 15 -10.26 36.01 18.28
CA PHE K 15 -9.69 34.67 18.43
C PHE K 15 -9.96 34.07 19.79
N TYR K 16 -9.76 34.84 20.87
CA TYR K 16 -9.91 34.36 22.23
C TYR K 16 -11.18 34.88 22.90
N GLN K 17 -11.93 35.74 22.22
CA GLN K 17 -13.23 36.24 22.70
C GLN K 17 -13.11 36.95 24.05
N VAL K 18 -12.00 37.63 24.30
CA VAL K 18 -11.81 38.38 25.54
C VAL K 18 -11.26 39.76 25.19
N ASP K 19 -11.52 40.71 26.09
CA ASP K 19 -11.04 42.07 25.93
C ASP K 19 -9.64 42.21 26.52
N SER K 20 -8.84 43.08 25.91
CA SER K 20 -7.47 43.30 26.36
C SER K 20 -7.40 44.13 27.64
N ASN K 21 -8.47 44.84 28.00
CA ASN K 21 -8.43 45.68 29.18
C ASN K 21 -8.51 44.85 30.46
N LYS K 22 -9.37 43.84 30.49
CA LYS K 22 -9.57 43.08 31.72
C LYS K 22 -8.37 42.20 32.04
N VAL K 23 -7.77 41.57 31.04
CA VAL K 23 -6.64 40.67 31.21
C VAL K 23 -5.40 41.30 30.61
N LYS K 24 -4.33 41.32 31.39
CA LYS K 24 -3.07 41.94 30.98
C LYS K 24 -1.94 40.93 31.14
N TYR K 25 -0.79 41.27 30.57
CA TYR K 25 0.40 40.44 30.71
C TYR K 25 1.10 40.78 32.01
N LYS K 26 1.28 39.78 32.87
CA LYS K 26 2.00 39.93 34.12
C LYS K 26 3.39 39.32 33.92
N VAL K 27 4.43 40.12 34.10
CA VAL K 27 5.79 39.63 33.92
C VAL K 27 6.29 38.92 35.17
N GLY K 28 5.73 39.26 36.32
CA GLY K 28 6.16 38.64 37.57
C GLY K 28 5.57 39.38 38.74
N LEU K 29 6.24 39.24 39.90
CA LEU K 29 5.82 39.97 41.08
C LEU K 29 6.02 41.47 40.86
N SER K 30 4.96 42.26 41.05
CA SER K 30 5.07 43.71 40.75
C SER K 30 4.90 44.54 42.02
N LYS K 31 5.58 45.68 42.11
CA LYS K 31 5.49 46.55 43.30
C LYS K 31 4.01 46.79 43.60
N LYS K 32 3.19 46.92 42.56
CA LYS K 32 1.73 47.17 42.75
C LYS K 32 0.99 45.82 42.78
PG ATP M . -21.50 -27.60 2.29
O1G ATP M . -22.67 -28.52 2.15
O2G ATP M . -20.15 -28.32 2.15
O3G ATP M . -21.54 -26.40 1.35
PB ATP M . -22.13 -27.17 5.18
O1B ATP M . -23.28 -28.09 5.13
O2B ATP M . -22.42 -25.78 5.74
O3B ATP M . -21.46 -26.97 3.76
PA ATP M . -20.78 -28.68 7.33
O1A ATP M . -22.07 -28.79 8.05
O2A ATP M . -20.19 -30.01 6.88
O3A ATP M . -20.94 -27.78 6.03
O5' ATP M . -19.70 -27.91 8.18
C5' ATP M . -18.30 -28.23 8.07
C4' ATP M . -17.56 -27.63 9.25
O4' ATP M . -17.94 -28.34 10.45
C3' ATP M . -16.05 -27.75 9.18
O3' ATP M . -15.49 -26.66 8.47
C2' ATP M . -15.67 -27.70 10.67
O2' ATP M . -15.61 -26.37 11.15
C1' ATP M . -16.82 -28.46 11.31
N9 ATP M . -16.57 -29.87 11.55
C8 ATP M . -16.77 -30.89 10.66
N7 ATP M . -16.45 -32.08 11.14
C5 ATP M . -16.01 -31.81 12.42
C6 ATP M . -15.52 -32.63 13.45
N6 ATP M . -15.40 -33.96 13.35
N1 ATP M . -15.18 -32.04 14.61
C2 ATP M . -15.29 -30.71 14.72
N3 ATP M . -15.73 -29.84 13.82
C4 ATP M . -16.08 -30.45 12.68
MG MG N . -22.73 -29.60 3.83
PG ATP O . 2.53 -21.39 -8.30
O1G ATP O . 2.03 -22.40 -9.27
O2G ATP O . 3.86 -20.76 -8.69
O3G ATP O . 1.52 -20.28 -8.01
PB ATP O . 2.93 -23.49 -6.24
O1B ATP O . 2.21 -24.51 -7.05
O2B ATP O . 2.50 -23.37 -4.79
O3B ATP O . 2.80 -22.06 -6.89
PA ATP O . 5.48 -24.94 -6.02
O1A ATP O . 4.76 -26.08 -5.40
O2A ATP O . 6.14 -25.28 -7.36
O3A ATP O . 4.50 -23.73 -6.27
O5' ATP O . 6.58 -24.34 -5.06
C5' ATP O . 7.84 -23.85 -5.58
C4' ATP O . 8.86 -23.83 -4.47
O4' ATP O . 9.24 -25.18 -4.14
C3' ATP O . 10.16 -23.14 -4.81
O3' ATP O . 10.06 -21.73 -4.60
C2' ATP O . 11.14 -23.78 -3.83
O2' ATP O . 11.10 -23.14 -2.56
C1' ATP O . 10.60 -25.21 -3.72
N9 ATP O . 11.31 -26.18 -4.55
C8 ATP O . 11.07 -26.49 -5.86
N7 ATP O . 11.86 -27.41 -6.35
C5 ATP O . 12.68 -27.73 -5.28
C6 ATP O . 13.75 -28.64 -5.14
N6 ATP O . 14.18 -29.43 -6.13
N1 ATP O . 14.36 -28.72 -3.95
C2 ATP O . 13.93 -27.93 -2.96
N3 ATP O . 12.94 -27.03 -2.97
C4 ATP O . 12.36 -26.98 -4.17
MG MG P . 1.87 -24.41 -9.09
PG ATP Q . 16.07 0.43 -13.04
O1G ATP Q . 15.12 0.16 -11.92
O2G ATP Q . 15.53 0.04 -14.40
O3G ATP Q . 16.56 1.88 -13.09
PB ATP Q . 17.92 -1.91 -13.08
O1B ATP Q . 17.49 -2.80 -12.00
O2B ATP Q . 17.50 -2.31 -14.50
O3B ATP Q . 17.40 -0.43 -12.87
PA ATP Q . 20.59 -1.43 -14.20
O1A ATP Q . 20.28 -0.23 -15.00
O2A ATP Q . 20.74 -2.71 -15.02
O3A ATP Q . 19.49 -1.70 -13.11
O5' ATP Q . 21.91 -1.22 -13.36
C5' ATP Q . 22.73 -0.05 -13.52
C4' ATP Q . 24.03 -0.25 -12.79
O4' ATP Q . 24.89 -1.13 -13.54
C3' ATP Q . 24.85 1.01 -12.58
O3' ATP Q . 24.46 1.69 -11.40
C2' ATP Q . 26.27 0.44 -12.44
O2' ATP Q . 26.51 -0.01 -11.11
C1' ATP Q . 26.24 -0.73 -13.41
N9 ATP Q . 26.75 -0.41 -14.74
C8 ATP Q . 26.06 0.17 -15.78
N7 ATP Q . 26.78 0.34 -16.86
C5 ATP Q . 28.03 -0.16 -16.51
C6 ATP Q . 29.23 -0.27 -17.23
N6 ATP Q . 29.40 0.13 -18.49
N1 ATP Q . 30.29 -0.82 -16.59
C2 ATP Q . 30.14 -1.21 -15.33
N3 ATP Q . 29.05 -1.17 -14.55
C4 ATP Q . 28.02 -0.62 -15.21
MG MG R . 16.30 -1.16 -15.85
PG ATP S . 19.13 24.03 -1.06
O1G ATP S . 18.19 24.36 -2.16
O2G ATP S . 19.34 25.17 -0.06
O3G ATP S . 18.74 22.76 -0.30
PB ATP S . 21.30 23.48 -3.02
O1B ATP S . 20.39 23.78 -4.15
O2B ATP S . 21.88 22.07 -2.99
O3B ATP S . 20.59 23.72 -1.64
PA ATP S . 23.15 25.61 -3.88
O1A ATP S . 23.35 25.09 -5.25
O2A ATP S . 22.26 26.85 -3.78
O3A ATP S . 22.52 24.50 -2.95
O5' ATP S . 24.53 25.93 -3.19
C5' ATP S . 24.70 27.10 -2.36
C4' ATP S . 26.17 27.31 -2.13
O4' ATP S . 26.77 27.81 -3.35
C3' ATP S . 26.51 28.36 -1.08
O3' ATP S . 26.54 27.77 0.22
C2' ATP S . 27.92 28.79 -1.51
O2' ATP S . 28.91 27.90 -1.03
C1' ATP S . 27.82 28.71 -3.04
N9 ATP S . 27.55 29.98 -3.69
C8 ATP S . 26.32 30.57 -3.88
N7 ATP S . 26.37 31.72 -4.51
C5 ATP S . 27.72 31.91 -4.73
C6 ATP S . 28.45 32.95 -5.36
N6 ATP S . 27.88 34.04 -5.88
N1 ATP S . 29.79 32.83 -5.41
C2 ATP S . 30.36 31.74 -4.89
N3 ATP S . 29.79 30.71 -4.28
C4 ATP S . 28.46 30.85 -4.23
MG MG T . 18.39 24.35 -4.17
PG ATP U . 20.59 32.96 24.06
O1G ATP U . 19.19 33.31 23.71
O2G ATP U . 20.97 33.32 25.49
O3G ATP U . 20.93 31.49 23.80
PB ATP U . 21.59 34.90 22.04
O1B ATP U . 20.22 35.26 21.64
O2B ATP U . 22.52 34.44 20.92
O3B ATP U . 21.61 33.78 23.14
PA ATP U . 22.04 37.63 23.06
O1A ATP U . 21.61 38.32 21.83
O2A ATP U . 21.07 37.69 24.22
O3A ATP U . 22.34 36.10 22.78
O5' ATP U . 23.44 38.18 23.55
C5' ATP U . 23.60 38.73 24.88
C4' ATP U . 24.95 39.39 24.98
O4' ATP U . 24.88 40.72 24.42
C3' ATP U . 25.47 39.59 26.39
O3' ATP U . 26.15 38.43 26.85
C2' ATP U . 26.41 40.78 26.23
O2' ATP U . 27.68 40.38 25.75
C1' ATP U . 25.68 41.61 25.17
N9 ATP U . 24.81 42.65 25.73
C8 ATP U . 23.55 42.49 26.25
N7 ATP U . 23.00 43.60 26.67
C5 ATP U . 23.97 44.56 26.42
C6 ATP U . 24.01 45.95 26.65
N6 ATP U . 23.02 46.65 27.20
N1 ATP U . 25.13 46.62 26.28
C2 ATP U . 26.14 45.93 25.72
N3 ATP U . 26.21 44.62 25.47
C4 ATP U . 25.09 43.99 25.84
MG MG V . 18.42 34.83 22.57
PG ATP W . 29.84 24.59 46.91
O1G ATP W . 30.02 24.40 45.45
O2G ATP W . 28.38 24.76 47.34
O3G ATP W . 30.49 23.49 47.76
PB ATP W . 30.58 27.49 47.05
O1B ATP W . 31.56 27.80 45.99
O2B ATP W . 29.13 27.90 46.77
O3B ATP W . 30.55 25.94 47.40
PA ATP W . 30.29 28.32 49.86
O1A ATP W . 30.17 27.05 50.59
O2A ATP W . 28.97 29.05 49.61
O3A ATP W . 30.97 28.12 48.45
O5' ATP W . 31.27 29.33 50.59
C5' ATP W . 32.48 28.86 51.22
C4' ATP W . 33.21 30.05 51.81
O4' ATP W . 32.28 30.84 52.58
C3' ATP W . 34.34 29.69 52.77
O3' ATP W . 35.56 29.49 52.08
C2' ATP W . 34.39 30.93 53.67
O2' ATP W . 35.16 31.98 53.08
C1' ATP W . 32.92 31.34 53.75
N9 ATP W . 32.22 30.80 54.92
C8 ATP W . 31.74 29.53 55.07
N7 ATP W . 31.14 29.32 56.22
C5 ATP W . 31.25 30.54 56.87
C6 ATP W . 30.83 30.99 58.13
N6 ATP W . 30.18 30.22 59.02
N1 ATP W . 31.09 32.27 58.48
C2 ATP W . 31.74 33.04 57.60
N3 ATP W . 32.19 32.73 56.38
C4 ATP W . 31.91 31.46 56.08
MG MG X . 28.98 26.65 48.62
#